data_7KV8
#
_entry.id   7KV8
#
_cell.length_a   1.00
_cell.length_b   1.00
_cell.length_c   1.00
_cell.angle_alpha   90.00
_cell.angle_beta   90.00
_cell.angle_gamma   90.00
#
_symmetry.space_group_name_H-M   'P 1'
#
loop_
_entity.id
_entity.type
_entity.pdbx_description
1 polymer 'Envelope protein E'
2 polymer 'Matrix protein M'
3 non-polymer 2-acetamido-2-deoxy-beta-D-glucopyranose
4 non-polymer '[(2~{R})-1-[2-azanylethoxy(oxidanyl)phosphoryl]oxy-3-hexadecanoyloxy-propan-2-yl] (~{Z})-octadec-9-enoate'
5 non-polymer '(2S,3R,4Z)-3-hydroxy-2-[(9E)-octadec-9-enoylamino]octadec-4-en-1-yl dihydrogen phosphate'
6 water water
#
loop_
_entity_poly.entity_id
_entity_poly.type
_entity_poly.pdbx_seq_one_letter_code
_entity_poly.pdbx_strand_id
1 'polypeptide(L)'
;MRCIGISNRDFVEGVSGGSWVDIVLEHGSCVTTMAKNKPTLDFELIKTEAKHPATLRKYCIEAKLTNTTTASRCPTQGEP
SLNEEQDKRFVCKHSMVDRGWGNGCGLFGKGGIVTCAMFTCKKNMEGKVVQPENLEYTIVITPHSGEENAVGNDTGKHGK
EIKVTPQSSITEAELTGYGTVTMECSPRTGLDFNEMVLLQMENKAWLVHRQWFLDLPLPWLPGADTQGSNWIQKETLVTF
KNPHAKKQDVVVLGSQEGAMHTALTGATEIQMSSGNLLFTGHLKCRLRMDKLQLKGMSYSMCTGKFKVVKEIAETQHGTI
VIRVQYEGDGSPCKIPFEIMDLEKRHVLGRLITVNPIVTEKDSPVNIEAEPPFGDSYIIIGVEPGQLKLSWFKKGSSIGQ
MFETTMRGAKRMAILGDTAWDFGSLGGVFTSIGKALHQVFGAIYGAAFSGVSWTMKILIGVVITWIGMNSRSTSLSVSLV
LVGVVTLYLGVMVQA
;
A,B,C
2 'polypeptide(L)' SVALVPHVGMGLETRTETWMSSEGAWKHAQRIETWVLRHPGFTIMAAILAYTIGTTYFQRVLIFILLTAVAPSMT a,b,c
#
loop_
_chem_comp.id
_chem_comp.type
_chem_comp.name
_chem_comp.formula
1Q0 non-polymer '(2S,3R,4Z)-3-hydroxy-2-[(9E)-octadec-9-enoylamino]octadec-4-en-1-yl dihydrogen phosphate' 'C36 H70 N O6 P'
6OU non-polymer '[(2~{R})-1-[2-azanylethoxy(oxidanyl)phosphoryl]oxy-3-hexadecanoyloxy-propan-2-yl] (~{Z})-octadec-9-enoate' 'C39 H76 N O8 P'
NAG D-saccharide, beta linking 2-acetamido-2-deoxy-beta-D-glucopyranose 'C8 H15 N O6'
#
# COMPACT_ATOMS: atom_id res chain seq x y z
N MET A 1 8.64 45.49 -41.72
CA MET A 1 8.97 44.92 -43.02
C MET A 1 9.70 43.61 -42.86
N ARG A 2 9.79 43.15 -41.61
CA ARG A 2 10.49 41.93 -41.27
C ARG A 2 9.69 40.67 -41.61
N CYS A 3 8.37 40.79 -41.69
CA CYS A 3 7.53 39.67 -42.12
C CYS A 3 7.69 39.33 -43.59
N ILE A 4 8.14 40.27 -44.41
CA ILE A 4 8.11 40.11 -45.86
C ILE A 4 9.15 39.06 -46.25
N GLY A 5 8.68 37.88 -46.65
CA GLY A 5 9.54 36.75 -46.96
C GLY A 5 9.27 35.52 -46.13
N ILE A 6 8.48 35.62 -45.09
CA ILE A 6 8.15 34.49 -44.23
C ILE A 6 6.95 33.77 -44.82
N SER A 7 7.09 32.46 -45.01
CA SER A 7 5.98 31.67 -45.51
C SER A 7 4.83 31.63 -44.51
N ASN A 8 5.13 31.46 -43.22
CA ASN A 8 4.09 31.48 -42.19
C ASN A 8 3.88 32.93 -41.77
N ARG A 9 3.04 33.60 -42.53
CA ARG A 9 2.76 35.01 -42.34
C ARG A 9 1.26 35.23 -42.37
N ASP A 10 0.78 36.08 -41.50
CA ASP A 10 -0.64 36.36 -41.44
C ASP A 10 -0.89 37.85 -41.45
N PHE A 11 -1.97 38.25 -42.11
CA PHE A 11 -2.41 39.63 -42.18
C PHE A 11 -3.63 39.78 -41.30
N VAL A 12 -3.47 40.49 -40.20
CA VAL A 12 -4.57 40.83 -39.31
C VAL A 12 -4.97 42.27 -39.61
N GLU A 13 -6.24 42.47 -39.94
CA GLU A 13 -6.75 43.77 -40.34
C GLU A 13 -7.87 44.19 -39.41
N GLY A 14 -7.88 45.46 -39.03
CA GLY A 14 -8.97 46.01 -38.26
C GLY A 14 -8.80 45.83 -36.78
N VAL A 15 -9.33 46.80 -36.03
CA VAL A 15 -9.34 46.74 -34.57
C VAL A 15 -10.78 46.86 -34.11
N SER A 16 -10.99 46.60 -32.82
CA SER A 16 -12.32 46.70 -32.24
C SER A 16 -12.65 48.15 -31.91
N GLY A 17 -13.84 48.36 -31.33
CA GLY A 17 -14.19 49.68 -30.84
C GLY A 17 -13.17 50.23 -29.87
N GLY A 18 -12.63 49.37 -29.01
CA GLY A 18 -11.56 49.77 -28.11
C GLY A 18 -10.21 49.88 -28.78
N SER A 19 -10.19 49.78 -30.11
CA SER A 19 -8.97 49.97 -30.90
C SER A 19 -7.92 48.91 -30.56
N TRP A 20 -8.37 47.69 -30.31
CA TRP A 20 -7.47 46.59 -30.02
C TRP A 20 -7.79 45.43 -30.95
N VAL A 21 -6.80 44.55 -31.11
CA VAL A 21 -7.01 43.33 -31.87
C VAL A 21 -6.19 42.22 -31.22
N ASP A 22 -6.81 41.08 -31.03
CA ASP A 22 -6.12 39.92 -30.49
C ASP A 22 -5.34 39.24 -31.59
N ILE A 23 -4.10 38.87 -31.29
CA ILE A 23 -3.27 38.10 -32.21
C ILE A 23 -2.56 37.00 -31.43
N VAL A 24 -2.22 35.95 -32.15
CA VAL A 24 -1.41 34.86 -31.61
C VAL A 24 -0.09 34.86 -32.37
N LEU A 25 1.00 35.07 -31.66
CA LEU A 25 2.34 35.04 -32.23
C LEU A 25 2.95 33.68 -32.01
N GLU A 26 3.27 32.98 -33.08
CA GLU A 26 3.96 31.69 -33.03
C GLU A 26 5.42 31.87 -33.37
N HIS A 27 6.24 30.95 -32.86
CA HIS A 27 7.63 30.88 -33.27
C HIS A 27 7.72 30.35 -34.70
N GLY A 28 8.53 31.04 -35.51
CA GLY A 28 8.60 30.75 -36.92
C GLY A 28 7.52 31.38 -37.76
N SER A 29 6.50 31.94 -37.15
CA SER A 29 5.46 32.66 -37.85
C SER A 29 5.70 34.16 -37.73
N CYS A 30 4.79 34.93 -38.32
CA CYS A 30 4.86 36.37 -38.20
C CYS A 30 3.50 36.95 -38.60
N VAL A 31 3.14 38.04 -37.97
CA VAL A 31 1.85 38.67 -38.15
C VAL A 31 2.07 40.10 -38.61
N THR A 32 1.35 40.50 -39.64
CA THR A 32 1.29 41.88 -40.06
C THR A 32 -0.07 42.44 -39.67
N THR A 33 -0.08 43.54 -38.95
CA THR A 33 -1.33 44.15 -38.51
C THR A 33 -1.58 45.44 -39.27
N MET A 34 -2.83 45.61 -39.69
CA MET A 34 -3.27 46.77 -40.44
C MET A 34 -4.57 47.30 -39.83
N ALA A 35 -4.70 48.62 -39.84
CA ALA A 35 -5.94 49.29 -39.46
C ALA A 35 -5.98 50.61 -40.20
N LYS A 36 -7.20 51.15 -40.35
CA LYS A 36 -7.47 52.17 -41.36
C LYS A 36 -6.47 53.33 -41.30
N ASN A 37 -6.36 53.98 -40.16
CA ASN A 37 -5.50 55.15 -40.03
C ASN A 37 -4.26 54.85 -39.19
N LYS A 38 -3.90 53.60 -39.10
CA LYS A 38 -2.80 53.18 -38.27
C LYS A 38 -1.59 52.80 -39.12
N PRO A 39 -0.39 52.92 -38.58
CA PRO A 39 0.78 52.35 -39.27
C PRO A 39 0.67 50.84 -39.34
N THR A 40 1.24 50.28 -40.40
CA THR A 40 1.32 48.85 -40.52
C THR A 40 2.48 48.34 -39.66
N LEU A 41 2.24 47.27 -38.91
CA LEU A 41 3.26 46.71 -38.04
C LEU A 41 3.49 45.24 -38.36
N ASP A 42 4.70 44.79 -38.06
CA ASP A 42 5.09 43.40 -38.14
C ASP A 42 5.45 42.90 -36.75
N PHE A 43 4.90 41.77 -36.35
CA PHE A 43 5.13 41.20 -35.03
C PHE A 43 5.72 39.81 -35.16
N GLU A 44 6.83 39.58 -34.48
CA GLU A 44 7.43 38.26 -34.45
C GLU A 44 7.85 37.91 -33.03
N LEU A 45 7.30 36.82 -32.50
CA LEU A 45 7.88 36.17 -31.34
C LEU A 45 9.19 35.51 -31.76
N ILE A 46 10.30 36.00 -31.24
CA ILE A 46 11.61 35.53 -31.68
C ILE A 46 12.37 34.77 -30.61
N LYS A 47 11.96 34.86 -29.35
CA LYS A 47 12.68 34.15 -28.29
C LYS A 47 11.76 33.92 -27.12
N THR A 48 11.73 32.68 -26.64
CA THR A 48 11.14 32.34 -25.36
C THR A 48 12.27 31.84 -24.46
N GLU A 49 12.56 32.59 -23.40
CA GLU A 49 13.56 32.17 -22.43
C GLU A 49 12.87 31.66 -21.17
N ALA A 50 13.28 30.49 -20.71
CA ALA A 50 12.94 30.00 -19.38
C ALA A 50 14.13 30.27 -18.46
N LYS A 51 13.84 30.83 -17.28
CA LYS A 51 14.88 31.20 -16.34
C LYS A 51 14.69 30.44 -15.04
N HIS A 52 15.79 30.28 -14.31
CA HIS A 52 15.82 29.60 -13.02
C HIS A 52 15.16 28.23 -13.08
N PRO A 53 15.69 27.29 -13.88
CA PRO A 53 15.13 25.95 -13.89
C PRO A 53 15.64 25.12 -12.72
N ALA A 54 14.73 24.36 -12.12
CA ALA A 54 15.08 23.37 -11.11
C ALA A 54 15.17 22.01 -11.77
N THR A 55 16.13 21.19 -11.33
CA THR A 55 16.24 19.83 -11.84
C THR A 55 15.14 18.97 -11.25
N LEU A 56 14.30 18.42 -12.10
CA LEU A 56 13.28 17.49 -11.65
C LEU A 56 13.87 16.10 -11.41
N ARG A 57 14.76 15.66 -12.30
CA ARG A 57 15.26 14.30 -12.28
C ARG A 57 16.45 14.21 -13.21
N LYS A 58 17.44 13.41 -12.81
CA LYS A 58 18.51 13.00 -13.70
C LYS A 58 18.28 11.55 -14.10
N TYR A 59 18.56 11.23 -15.35
CA TYR A 59 18.42 9.88 -15.87
C TYR A 59 19.76 9.41 -16.40
N CYS A 60 20.17 8.21 -16.00
CA CYS A 60 21.41 7.62 -16.50
C CYS A 60 21.14 7.02 -17.88
N ILE A 61 21.91 7.46 -18.87
CA ILE A 61 21.83 6.90 -20.21
C ILE A 61 23.00 5.97 -20.53
N GLU A 62 24.11 6.11 -19.82
CA GLU A 62 25.25 5.22 -20.01
C GLU A 62 25.90 4.94 -18.66
N ALA A 63 26.05 3.67 -18.34
CA ALA A 63 26.63 3.26 -17.07
C ALA A 63 27.83 2.37 -17.32
N LYS A 64 28.52 2.05 -16.23
CA LYS A 64 29.54 1.00 -16.23
C LYS A 64 29.38 0.19 -14.97
N LEU A 65 29.76 -1.08 -15.05
CA LEU A 65 29.80 -1.97 -13.90
C LEU A 65 31.23 -2.23 -13.50
N THR A 66 31.50 -2.17 -12.20
CA THR A 66 32.80 -2.55 -11.65
C THR A 66 32.55 -3.40 -10.41
N ASN A 67 33.65 -3.98 -9.90
CA ASN A 67 33.65 -4.64 -8.60
C ASN A 67 32.62 -5.77 -8.54
N THR A 68 32.53 -6.54 -9.62
CA THR A 68 31.52 -7.60 -9.67
C THR A 68 31.85 -8.69 -8.66
N THR A 69 30.89 -9.02 -7.81
CA THR A 69 31.03 -10.06 -6.80
C THR A 69 29.85 -11.01 -6.90
N THR A 70 30.07 -12.24 -6.46
CA THR A 70 29.03 -13.25 -6.49
C THR A 70 29.15 -14.09 -5.21
N ALA A 71 28.04 -14.69 -4.81
CA ALA A 71 28.02 -15.59 -3.68
C ALA A 71 26.92 -16.62 -3.89
N SER A 72 27.23 -17.87 -3.54
CA SER A 72 26.32 -18.98 -3.71
C SER A 72 25.92 -19.55 -2.35
N ARG A 73 24.83 -20.30 -2.37
CA ARG A 73 24.28 -20.93 -1.18
C ARG A 73 23.85 -22.34 -1.56
N CYS A 74 24.08 -23.29 -0.65
CA CYS A 74 23.66 -24.65 -0.89
C CYS A 74 22.13 -24.72 -1.00
N PRO A 75 21.61 -25.69 -1.76
CA PRO A 75 20.16 -25.88 -1.80
C PRO A 75 19.58 -26.13 -0.42
N THR A 76 18.34 -25.67 -0.23
CA THR A 76 17.54 -25.77 0.98
C THR A 76 18.12 -24.94 2.14
N GLN A 77 19.25 -24.27 1.95
CA GLN A 77 19.85 -23.47 3.01
C GLN A 77 19.57 -21.99 2.83
N GLY A 78 18.65 -21.62 1.96
CA GLY A 78 18.21 -20.24 1.87
C GLY A 78 18.94 -19.42 0.83
N GLU A 79 19.22 -18.17 1.15
CA GLU A 79 19.77 -17.23 0.20
C GLU A 79 21.22 -16.95 0.49
N PRO A 80 22.05 -16.75 -0.53
CA PRO A 80 23.41 -16.29 -0.29
C PRO A 80 23.40 -14.83 0.11
N SER A 81 24.52 -14.39 0.66
CA SER A 81 24.64 -13.02 1.15
C SER A 81 25.95 -12.42 0.67
N LEU A 82 25.86 -11.24 0.05
CA LEU A 82 27.01 -10.41 -0.24
C LEU A 82 26.87 -9.12 0.55
N ASN A 83 27.98 -8.64 1.10
CA ASN A 83 27.92 -7.39 1.86
C ASN A 83 27.53 -6.22 0.98
N GLU A 84 27.88 -6.28 -0.31
CA GLU A 84 27.55 -5.22 -1.25
C GLU A 84 26.06 -5.03 -1.43
N GLU A 85 25.26 -6.06 -1.14
CA GLU A 85 23.80 -5.93 -1.22
C GLU A 85 23.27 -4.83 -0.32
N GLN A 86 24.03 -4.42 0.68
CA GLN A 86 23.62 -3.37 1.58
C GLN A 86 23.80 -1.99 0.95
N ASP A 87 24.83 -1.83 0.15
CA ASP A 87 25.09 -0.58 -0.54
C ASP A 87 24.22 -0.53 -1.78
N LYS A 88 23.38 0.51 -1.90
CA LYS A 88 22.50 0.63 -3.05
C LYS A 88 23.22 1.08 -4.30
N ARG A 89 24.48 1.53 -4.17
CA ARG A 89 25.31 1.71 -5.36
C ARG A 89 25.44 0.43 -6.15
N PHE A 90 25.43 -0.71 -5.48
CA PHE A 90 25.57 -2.00 -6.13
C PHE A 90 24.23 -2.48 -6.66
N VAL A 91 24.21 -2.90 -7.89
CA VAL A 91 23.07 -3.61 -8.44
C VAL A 91 23.26 -5.09 -8.16
N CYS A 92 22.19 -5.76 -7.78
CA CYS A 92 22.28 -7.15 -7.36
C CYS A 92 21.08 -7.91 -7.88
N LYS A 93 21.28 -9.20 -8.11
CA LYS A 93 20.18 -10.06 -8.49
C LYS A 93 20.39 -11.43 -7.86
N HIS A 94 19.31 -12.00 -7.36
CA HIS A 94 19.30 -13.37 -6.88
C HIS A 94 18.80 -14.29 -7.98
N SER A 95 19.45 -15.45 -8.10
CA SER A 95 19.02 -16.46 -9.05
C SER A 95 19.26 -17.83 -8.43
N MET A 96 19.07 -18.86 -9.24
CA MET A 96 19.32 -20.23 -8.83
C MET A 96 20.32 -20.86 -9.78
N VAL A 97 21.21 -21.69 -9.24
CA VAL A 97 22.16 -22.45 -10.04
C VAL A 97 22.19 -23.88 -9.52
N ASP A 98 22.45 -24.82 -10.43
CA ASP A 98 22.60 -26.22 -10.04
C ASP A 98 23.77 -26.39 -9.09
N ARG A 99 23.51 -26.95 -7.93
CA ARG A 99 24.56 -27.26 -6.98
C ARG A 99 24.67 -28.77 -6.80
N GLY A 100 25.85 -29.20 -6.40
CA GLY A 100 26.08 -30.61 -6.16
C GLY A 100 27.50 -30.83 -5.69
N TRP A 101 27.90 -32.10 -5.67
CA TRP A 101 29.22 -32.47 -5.17
C TRP A 101 30.34 -31.85 -6.00
N GLY A 102 30.13 -31.70 -7.30
CA GLY A 102 31.14 -31.07 -8.13
C GLY A 102 31.30 -29.59 -7.86
N ASN A 103 30.23 -28.94 -7.41
CA ASN A 103 30.23 -27.53 -7.03
C ASN A 103 30.60 -27.31 -5.58
N GLY A 104 31.08 -28.33 -4.88
CA GLY A 104 31.45 -28.16 -3.50
C GLY A 104 30.31 -28.16 -2.52
N CYS A 105 29.16 -28.69 -2.91
CA CYS A 105 27.96 -28.71 -2.08
C CYS A 105 27.61 -30.15 -1.73
N GLY A 106 27.12 -30.36 -0.50
CA GLY A 106 26.77 -31.69 -0.05
C GLY A 106 25.43 -32.20 -0.55
N LEU A 107 24.58 -31.33 -1.04
CA LEU A 107 23.29 -31.69 -1.59
C LEU A 107 23.26 -31.40 -3.09
N PHE A 108 22.28 -31.98 -3.77
CA PHE A 108 21.98 -31.66 -5.15
C PHE A 108 20.66 -30.91 -5.22
N GLY A 109 20.56 -30.00 -6.17
CA GLY A 109 19.37 -29.23 -6.36
C GLY A 109 19.72 -27.81 -6.70
N LYS A 110 18.70 -26.96 -6.70
CA LYS A 110 18.86 -25.55 -6.99
C LYS A 110 19.31 -24.83 -5.73
N GLY A 111 20.50 -24.23 -5.78
CA GLY A 111 21.01 -23.42 -4.72
C GLY A 111 20.96 -21.96 -5.13
N GLY A 112 20.80 -21.09 -4.14
CA GLY A 112 20.73 -19.66 -4.42
C GLY A 112 22.08 -19.10 -4.80
N ILE A 113 22.08 -18.18 -5.75
CA ILE A 113 23.26 -17.43 -6.14
C ILE A 113 22.89 -15.95 -6.17
N VAL A 114 23.82 -15.09 -5.75
CA VAL A 114 23.64 -13.65 -5.84
C VAL A 114 24.86 -13.04 -6.52
N THR A 115 24.61 -12.18 -7.49
CA THR A 115 25.65 -11.44 -8.19
C THR A 115 25.44 -9.96 -7.93
N CYS A 116 26.50 -9.24 -7.62
CA CYS A 116 26.46 -7.80 -7.41
C CYS A 116 27.58 -7.13 -8.19
N ALA A 117 27.31 -5.94 -8.68
CA ALA A 117 28.30 -5.11 -9.35
C ALA A 117 28.06 -3.66 -8.99
N MET A 118 29.14 -2.88 -8.90
CA MET A 118 28.99 -1.46 -8.64
C MET A 118 28.52 -0.74 -9.90
N PHE A 119 27.41 -0.04 -9.77
CA PHE A 119 26.83 0.75 -10.85
C PHE A 119 27.38 2.16 -10.80
N THR A 120 27.91 2.63 -11.92
CA THR A 120 28.41 3.99 -12.03
C THR A 120 27.87 4.60 -13.30
N CYS A 121 27.16 5.72 -13.17
CA CYS A 121 26.72 6.48 -14.33
C CYS A 121 27.92 7.12 -15.01
N LYS A 122 28.03 6.91 -16.32
CA LYS A 122 29.02 7.61 -17.12
C LYS A 122 28.45 8.91 -17.69
N LYS A 123 27.28 8.82 -18.31
CA LYS A 123 26.60 9.97 -18.87
C LYS A 123 25.15 9.94 -18.44
N ASN A 124 24.61 11.09 -18.05
CA ASN A 124 23.22 11.19 -17.68
C ASN A 124 22.57 12.34 -18.44
N MET A 125 21.25 12.38 -18.38
CA MET A 125 20.47 13.48 -18.90
C MET A 125 19.61 14.06 -17.79
N GLU A 126 19.42 15.37 -17.81
CA GLU A 126 18.70 16.06 -16.75
C GLU A 126 17.45 16.68 -17.32
N GLY A 127 16.34 16.52 -16.61
CA GLY A 127 15.11 17.21 -16.94
C GLY A 127 14.89 18.32 -15.93
N LYS A 128 14.75 19.53 -16.45
CA LYS A 128 14.56 20.71 -15.63
C LYS A 128 13.13 21.22 -15.80
N VAL A 129 12.62 21.84 -14.75
CA VAL A 129 11.28 22.40 -14.76
C VAL A 129 11.39 23.89 -14.45
N VAL A 130 10.57 24.68 -15.12
CA VAL A 130 10.56 26.12 -14.91
C VAL A 130 9.16 26.54 -14.48
N GLN A 131 9.11 27.58 -13.70
CA GLN A 131 7.81 28.09 -13.32
C GLN A 131 7.29 29.02 -14.40
N PRO A 132 5.98 29.05 -14.62
CA PRO A 132 5.44 29.92 -15.67
C PRO A 132 5.75 31.39 -15.48
N GLU A 133 5.95 31.84 -14.24
CA GLU A 133 6.34 33.23 -14.01
C GLU A 133 7.80 33.49 -14.31
N ASN A 134 8.56 32.48 -14.69
CA ASN A 134 9.98 32.65 -15.05
C ASN A 134 10.19 32.54 -16.55
N LEU A 135 9.12 32.67 -17.33
CA LEU A 135 9.22 32.75 -18.77
C LEU A 135 9.36 34.19 -19.22
N GLU A 136 10.21 34.42 -20.21
CA GLU A 136 10.33 35.73 -20.84
C GLU A 136 10.23 35.54 -22.34
N TYR A 137 9.22 36.17 -22.95
CA TYR A 137 9.03 36.13 -24.38
C TYR A 137 9.59 37.41 -24.99
N THR A 138 10.34 37.28 -26.07
CA THR A 138 10.84 38.43 -26.79
C THR A 138 10.05 38.58 -28.08
N ILE A 139 9.42 39.73 -28.26
CA ILE A 139 8.69 40.06 -29.47
C ILE A 139 9.40 41.24 -30.12
N VAL A 140 9.65 41.13 -31.41
CA VAL A 140 10.14 42.26 -32.19
C VAL A 140 8.98 42.86 -32.95
N ILE A 141 8.81 44.17 -32.81
CA ILE A 141 7.75 44.91 -33.48
C ILE A 141 8.41 45.77 -34.54
N THR A 142 8.12 45.48 -35.80
CA THR A 142 8.76 46.16 -36.92
C THR A 142 7.73 46.91 -37.73
N PRO A 143 7.78 48.24 -37.76
CA PRO A 143 6.87 49.01 -38.61
C PRO A 143 7.29 48.93 -40.07
N HIS A 144 6.29 49.00 -40.95
CA HIS A 144 6.53 49.11 -42.39
C HIS A 144 7.01 50.53 -42.67
N SER A 145 8.26 50.78 -42.33
CA SER A 145 8.86 52.09 -42.54
C SER A 145 9.33 52.31 -43.96
N GLY A 146 9.33 51.27 -44.80
CA GLY A 146 9.88 51.39 -46.13
C GLY A 146 11.37 51.51 -46.18
N GLU A 147 12.07 51.26 -45.08
CA GLU A 147 13.51 51.49 -45.01
C GLU A 147 14.26 50.57 -45.96
N GLU A 148 15.38 51.07 -46.48
CA GLU A 148 16.08 50.42 -47.58
C GLU A 148 16.41 48.96 -47.29
N ASN A 149 16.92 48.68 -46.10
CA ASN A 149 17.39 47.33 -45.74
C ASN A 149 16.49 46.68 -44.70
N ALA A 150 15.17 46.86 -44.82
CA ALA A 150 14.25 46.35 -43.82
C ALA A 150 13.52 45.10 -44.25
N VAL A 151 13.35 44.87 -45.55
CA VAL A 151 12.52 43.77 -46.03
C VAL A 151 13.14 42.45 -45.61
N GLY A 152 12.41 41.67 -44.83
CA GLY A 152 12.87 40.38 -44.36
C GLY A 152 14.16 40.39 -43.58
N ASN A 153 14.55 41.55 -43.04
CA ASN A 153 15.82 41.67 -42.33
C ASN A 153 15.61 41.28 -40.87
N ASP A 154 16.11 40.11 -40.50
CA ASP A 154 16.05 39.64 -39.13
C ASP A 154 17.36 39.84 -38.38
N THR A 155 18.39 40.31 -39.06
CA THR A 155 19.72 40.48 -38.46
C THR A 155 20.03 41.91 -38.09
N GLY A 156 19.10 42.84 -38.28
CA GLY A 156 19.31 44.23 -38.00
C GLY A 156 18.46 44.74 -36.85
N LYS A 157 18.72 45.99 -36.48
CA LYS A 157 17.92 46.69 -35.47
C LYS A 157 16.89 47.59 -36.15
N HIS A 158 15.95 46.97 -36.85
CA HIS A 158 14.92 47.72 -37.56
C HIS A 158 13.66 47.87 -36.73
N GLY A 159 13.28 46.83 -35.99
CA GLY A 159 12.14 46.88 -35.13
C GLY A 159 12.53 47.19 -33.70
N LYS A 160 11.52 47.13 -32.84
CA LYS A 160 11.69 47.31 -31.41
C LYS A 160 11.46 45.96 -30.73
N GLU A 161 12.42 45.52 -29.95
CA GLU A 161 12.29 44.31 -29.17
C GLU A 161 11.63 44.63 -27.83
N ILE A 162 10.59 43.87 -27.48
CA ILE A 162 9.90 44.00 -26.21
C ILE A 162 9.94 42.67 -25.49
N LYS A 163 9.96 42.72 -24.17
CA LYS A 163 10.07 41.55 -23.31
C LYS A 163 8.76 41.35 -22.58
N VAL A 164 8.06 40.28 -22.90
CA VAL A 164 6.79 39.94 -22.28
C VAL A 164 7.05 38.87 -21.21
N THR A 165 6.67 39.17 -19.98
CA THR A 165 6.78 38.28 -18.85
C THR A 165 5.45 38.23 -18.13
N PRO A 166 5.23 37.25 -17.26
CA PRO A 166 4.03 37.28 -16.41
C PRO A 166 4.04 38.38 -15.36
N GLN A 167 5.17 39.03 -15.14
CA GLN A 167 5.27 40.09 -14.14
C GLN A 167 4.58 41.38 -14.55
N SER A 168 4.05 41.46 -15.77
CA SER A 168 3.39 42.66 -16.24
C SER A 168 2.52 42.30 -17.43
N SER A 169 1.22 42.57 -17.35
CA SER A 169 0.35 42.33 -18.48
C SER A 169 0.67 43.28 -19.63
N ILE A 170 0.87 44.55 -19.32
CA ILE A 170 1.05 45.57 -20.32
C ILE A 170 2.53 45.68 -20.66
N THR A 171 2.86 45.47 -21.92
CA THR A 171 4.16 45.80 -22.47
C THR A 171 3.98 46.94 -23.45
N GLU A 172 4.81 47.97 -23.35
CA GLU A 172 4.74 49.13 -24.21
C GLU A 172 6.06 49.35 -24.90
N ALA A 173 6.01 49.68 -26.19
CA ALA A 173 7.18 49.97 -26.99
C ALA A 173 7.00 51.30 -27.70
N GLU A 174 8.03 52.14 -27.64
CA GLU A 174 8.07 53.36 -28.43
C GLU A 174 8.58 53.02 -29.83
N LEU A 175 7.74 53.25 -30.84
CA LEU A 175 8.16 53.16 -32.23
C LEU A 175 8.43 54.59 -32.69
N THR A 176 9.72 54.92 -32.85
CA THR A 176 10.12 56.28 -33.20
C THR A 176 9.46 56.74 -34.48
N GLY A 177 8.57 57.72 -34.38
CA GLY A 177 7.79 58.19 -35.49
C GLY A 177 6.41 57.60 -35.59
N TYR A 178 6.11 56.56 -34.81
CA TYR A 178 4.83 55.88 -34.87
C TYR A 178 4.11 55.87 -33.55
N GLY A 179 4.57 56.66 -32.59
CA GLY A 179 3.92 56.67 -31.29
C GLY A 179 4.30 55.45 -30.48
N THR A 180 3.29 54.83 -29.88
CA THR A 180 3.50 53.81 -28.86
C THR A 180 2.61 52.62 -29.18
N VAL A 181 3.18 51.42 -29.09
CA VAL A 181 2.41 50.19 -29.22
C VAL A 181 2.30 49.56 -27.84
N THR A 182 1.09 49.20 -27.48
CA THR A 182 0.81 48.52 -26.22
C THR A 182 0.39 47.10 -26.52
N MET A 183 1.00 46.14 -25.82
CA MET A 183 0.65 44.74 -25.95
C MET A 183 0.35 44.18 -24.57
N GLU A 184 -0.85 43.65 -24.39
CA GLU A 184 -1.20 42.86 -23.23
C GLU A 184 -1.25 41.42 -23.69
N CYS A 185 -0.23 40.65 -23.31
CA CYS A 185 -0.09 39.28 -23.77
C CYS A 185 -0.47 38.30 -22.68
N SER A 186 -0.56 37.02 -23.06
CA SER A 186 -0.94 35.93 -22.16
C SER A 186 0.20 34.94 -22.05
N PRO A 187 1.25 35.25 -21.27
CA PRO A 187 2.35 34.29 -21.13
C PRO A 187 2.00 33.05 -20.33
N ARG A 188 1.01 33.09 -19.44
CA ARG A 188 0.65 31.93 -18.64
C ARG A 188 -0.21 30.92 -19.40
N THR A 189 -0.53 31.17 -20.67
CA THR A 189 -1.32 30.21 -21.44
C THR A 189 -0.71 29.92 -22.81
N GLY A 190 0.55 30.27 -23.02
CA GLY A 190 1.23 29.86 -24.23
C GLY A 190 1.51 28.37 -24.23
N LEU A 191 2.40 27.94 -23.35
CA LEU A 191 2.61 26.53 -23.06
C LEU A 191 2.36 26.31 -21.57
N ASP A 192 1.96 25.09 -21.21
CA ASP A 192 1.75 24.77 -19.81
C ASP A 192 3.05 24.18 -19.27
N PHE A 193 3.94 25.07 -18.82
CA PHE A 193 5.25 24.67 -18.32
C PHE A 193 5.18 23.96 -16.98
N ASN A 194 4.02 23.97 -16.31
CA ASN A 194 3.82 23.09 -15.17
C ASN A 194 3.63 21.64 -15.60
N GLU A 195 3.35 21.41 -16.89
CA GLU A 195 3.21 20.07 -17.42
C GLU A 195 4.40 19.68 -18.28
N MET A 196 5.44 20.50 -18.32
CA MET A 196 6.54 20.31 -19.25
C MET A 196 7.86 20.15 -18.52
N VAL A 197 8.78 19.49 -19.20
CA VAL A 197 10.14 19.30 -18.72
C VAL A 197 11.09 19.72 -19.82
N LEU A 198 12.14 20.43 -19.44
CA LEU A 198 13.19 20.84 -20.36
C LEU A 198 14.30 19.80 -20.23
N LEU A 199 14.33 18.86 -21.18
CA LEU A 199 15.19 17.68 -21.11
C LEU A 199 16.51 17.99 -21.80
N GLN A 200 17.61 17.85 -21.09
CA GLN A 200 18.93 18.13 -21.63
C GLN A 200 19.75 16.85 -21.64
N MET A 201 20.01 16.32 -22.82
CA MET A 201 21.00 15.28 -23.02
C MET A 201 22.28 15.97 -23.47
N GLU A 202 23.23 15.22 -24.00
CA GLU A 202 24.65 15.61 -24.02
C GLU A 202 24.78 17.07 -24.46
N ASN A 203 24.48 17.42 -25.69
CA ASN A 203 24.58 18.81 -26.14
C ASN A 203 23.29 19.33 -26.71
N LYS A 204 22.23 18.53 -26.68
CA LYS A 204 20.95 18.89 -27.23
C LYS A 204 19.92 18.95 -26.11
N ALA A 205 18.74 19.44 -26.47
CA ALA A 205 17.70 19.68 -25.49
C ALA A 205 16.35 19.58 -26.17
N TRP A 206 15.38 19.08 -25.43
CA TRP A 206 14.03 18.94 -25.93
C TRP A 206 13.04 19.43 -24.88
N LEU A 207 11.91 19.90 -25.35
CA LEU A 207 10.77 20.22 -24.50
C LEU A 207 9.84 19.02 -24.49
N VAL A 208 9.69 18.41 -23.32
CA VAL A 208 9.00 17.13 -23.23
C VAL A 208 7.85 17.23 -22.24
N HIS A 209 6.84 16.41 -22.49
CA HIS A 209 5.75 16.21 -21.55
C HIS A 209 6.29 15.65 -20.24
N ARG A 210 5.84 16.24 -19.13
CA ARG A 210 6.39 15.89 -17.82
C ARG A 210 6.09 14.45 -17.44
N GLN A 211 4.88 13.97 -17.72
CA GLN A 211 4.52 12.61 -17.34
C GLN A 211 5.24 11.58 -18.20
N TRP A 212 5.41 11.88 -19.49
CA TRP A 212 6.25 11.04 -20.34
C TRP A 212 7.66 10.94 -19.77
N PHE A 213 8.21 12.09 -19.37
CA PHE A 213 9.56 12.13 -18.83
C PHE A 213 9.68 11.34 -17.53
N LEU A 214 8.65 11.39 -16.69
CA LEU A 214 8.68 10.67 -15.43
C LEU A 214 8.44 9.18 -15.59
N ASP A 215 8.01 8.74 -16.77
CA ASP A 215 7.81 7.33 -17.04
C ASP A 215 8.96 6.69 -17.82
N LEU A 216 10.02 7.43 -18.08
CA LEU A 216 11.13 6.91 -18.86
C LEU A 216 11.77 5.71 -18.15
N PRO A 217 11.85 4.55 -18.78
CA PRO A 217 12.48 3.38 -18.16
C PRO A 217 14.00 3.42 -18.21
N LEU A 218 14.58 4.21 -17.31
CA LEU A 218 16.02 4.37 -17.18
C LEU A 218 16.33 4.55 -15.70
N PRO A 219 17.59 4.37 -15.30
CA PRO A 219 17.96 4.68 -13.91
C PRO A 219 17.94 6.17 -13.65
N TRP A 220 17.46 6.57 -12.48
CA TRP A 220 17.34 7.99 -12.20
C TRP A 220 17.79 8.32 -10.80
N LEU A 221 18.08 9.61 -10.61
CA LEU A 221 18.30 10.32 -9.39
C LEU A 221 17.28 11.45 -9.29
N PRO A 222 16.84 11.80 -8.09
CA PRO A 222 16.01 13.00 -7.95
C PRO A 222 16.83 14.25 -8.25
N GLY A 223 16.14 15.27 -8.73
CA GLY A 223 16.82 16.55 -8.90
C GLY A 223 17.41 17.10 -7.63
N ALA A 224 16.89 16.68 -6.48
CA ALA A 224 17.44 17.06 -5.19
C ALA A 224 18.75 16.35 -4.89
N ASP A 225 19.01 15.22 -5.55
CA ASP A 225 20.19 14.43 -5.24
C ASP A 225 21.46 15.21 -5.54
N THR A 226 22.42 15.12 -4.63
CA THR A 226 23.73 15.74 -4.81
C THR A 226 24.89 14.75 -4.80
N GLN A 227 24.70 13.53 -4.27
CA GLN A 227 25.79 12.56 -4.25
C GLN A 227 26.04 11.99 -5.64
N GLY A 228 24.99 11.74 -6.41
CA GLY A 228 25.13 11.26 -7.77
C GLY A 228 25.31 9.77 -7.93
N SER A 229 24.98 8.97 -6.92
CA SER A 229 25.31 7.54 -6.95
C SER A 229 24.17 6.61 -6.56
N ASN A 230 23.14 7.08 -5.86
CA ASN A 230 22.06 6.20 -5.42
C ASN A 230 20.98 6.11 -6.49
N TRP A 231 21.33 5.42 -7.58
CA TRP A 231 20.47 5.39 -8.75
C TRP A 231 19.30 4.43 -8.53
N ILE A 232 18.14 4.89 -8.86
CA ILE A 232 16.91 4.11 -8.76
C ILE A 232 16.69 3.40 -10.08
N GLN A 233 16.11 2.19 -9.99
CA GLN A 233 15.89 1.28 -11.11
C GLN A 233 17.13 1.18 -12.00
N LYS A 234 18.24 0.79 -11.36
CA LYS A 234 19.48 0.52 -12.08
C LYS A 234 19.36 -0.69 -12.99
N GLU A 235 18.48 -1.63 -12.64
CA GLU A 235 18.30 -2.85 -13.42
C GLU A 235 17.74 -2.59 -14.81
N THR A 236 17.27 -1.38 -15.08
CA THR A 236 16.88 -1.00 -16.43
C THR A 236 18.07 -0.85 -17.37
N LEU A 237 19.28 -0.78 -16.83
CA LEU A 237 20.48 -0.55 -17.61
C LEU A 237 21.49 -1.69 -17.50
N VAL A 238 21.13 -2.78 -16.85
CA VAL A 238 22.00 -3.94 -16.73
C VAL A 238 21.19 -5.17 -17.08
N THR A 239 21.89 -6.25 -17.38
CA THR A 239 21.26 -7.55 -17.55
C THR A 239 22.02 -8.58 -16.74
N PHE A 240 21.30 -9.48 -16.10
CA PHE A 240 21.88 -10.63 -15.44
C PHE A 240 21.59 -11.85 -16.31
N LYS A 241 22.64 -12.57 -16.68
CA LYS A 241 22.48 -13.78 -17.47
C LYS A 241 22.83 -15.00 -16.63
N ASN A 242 21.90 -15.94 -16.56
CA ASN A 242 22.11 -17.27 -16.00
C ASN A 242 21.77 -18.26 -17.09
N PRO A 243 22.62 -18.38 -18.12
CA PRO A 243 22.20 -19.09 -19.33
C PRO A 243 21.94 -20.56 -19.14
N HIS A 244 22.78 -21.26 -18.38
CA HIS A 244 22.67 -22.70 -18.21
C HIS A 244 22.43 -23.10 -16.76
N ALA A 245 21.98 -22.16 -15.93
CA ALA A 245 21.78 -22.39 -14.50
C ALA A 245 23.05 -22.87 -13.82
N LYS A 246 24.20 -22.47 -14.36
CA LYS A 246 25.50 -22.76 -13.77
C LYS A 246 26.10 -21.56 -13.06
N LYS A 247 25.89 -20.36 -13.59
CA LYS A 247 26.62 -19.19 -13.16
C LYS A 247 25.83 -17.96 -13.58
N GLN A 248 25.78 -16.97 -12.71
CA GLN A 248 25.08 -15.74 -13.00
C GLN A 248 26.09 -14.64 -13.24
N ASP A 249 26.03 -14.02 -14.40
CA ASP A 249 26.88 -12.90 -14.77
C ASP A 249 26.02 -11.66 -14.95
N VAL A 250 26.60 -10.50 -14.70
CA VAL A 250 25.93 -9.23 -14.93
C VAL A 250 26.74 -8.42 -15.92
N VAL A 251 26.05 -7.80 -16.86
CA VAL A 251 26.69 -6.94 -17.85
C VAL A 251 25.88 -5.67 -17.96
N VAL A 252 26.55 -4.59 -18.26
CA VAL A 252 25.88 -3.31 -18.43
C VAL A 252 25.39 -3.22 -19.87
N LEU A 253 24.24 -2.59 -20.05
CA LEU A 253 23.74 -2.33 -21.40
C LEU A 253 24.42 -1.11 -21.98
N GLY A 254 24.40 -1.03 -23.31
CA GLY A 254 25.06 0.04 -24.02
C GLY A 254 24.41 1.39 -23.77
N SER A 255 25.05 2.41 -24.33
CA SER A 255 24.54 3.77 -24.27
C SER A 255 23.13 3.86 -24.83
N GLN A 256 22.22 4.42 -24.04
CA GLN A 256 20.85 4.62 -24.46
C GLN A 256 20.63 5.95 -25.15
N GLU A 257 21.71 6.65 -25.50
CA GLU A 257 21.61 7.98 -26.07
C GLU A 257 20.88 7.94 -27.42
N GLY A 258 21.29 7.03 -28.30
CA GLY A 258 20.56 6.84 -29.55
C GLY A 258 19.16 6.32 -29.33
N ALA A 259 18.99 5.43 -28.34
CA ALA A 259 17.64 4.98 -28.01
C ALA A 259 16.79 6.12 -27.48
N MET A 260 17.40 7.07 -26.77
CA MET A 260 16.68 8.24 -26.31
C MET A 260 16.36 9.18 -27.47
N HIS A 261 17.23 9.27 -28.47
CA HIS A 261 16.90 10.03 -29.66
C HIS A 261 15.69 9.45 -30.38
N THR A 262 15.53 8.13 -30.36
CA THR A 262 14.31 7.56 -30.92
C THR A 262 13.10 7.91 -30.05
N ALA A 263 13.26 7.89 -28.74
CA ALA A 263 12.16 8.22 -27.83
C ALA A 263 11.75 9.68 -27.97
N LEU A 264 12.66 10.57 -28.34
CA LEU A 264 12.35 11.99 -28.45
C LEU A 264 11.72 12.37 -29.78
N THR A 265 11.21 11.39 -30.53
CA THR A 265 10.80 11.62 -31.91
C THR A 265 9.77 12.74 -32.02
N GLY A 266 8.63 12.59 -31.35
CA GLY A 266 7.63 13.62 -31.54
C GLY A 266 7.80 14.88 -30.73
N ALA A 267 8.94 15.06 -30.07
CA ALA A 267 9.18 16.21 -29.22
C ALA A 267 9.87 17.33 -30.00
N THR A 268 9.84 18.52 -29.44
CA THR A 268 10.41 19.70 -30.08
C THR A 268 11.73 20.06 -29.42
N GLU A 269 12.76 20.21 -30.23
CA GLU A 269 14.09 20.49 -29.76
C GLU A 269 14.24 21.95 -29.36
N ILE A 270 14.90 22.18 -28.23
CA ILE A 270 15.10 23.52 -27.69
C ILE A 270 16.60 23.70 -27.44
N GLN A 271 16.97 24.82 -26.83
CA GLN A 271 18.36 25.14 -26.54
C GLN A 271 18.54 25.39 -25.05
N MET A 272 19.30 24.55 -24.38
CA MET A 272 19.58 24.69 -22.96
C MET A 272 21.07 24.85 -22.69
N SER A 273 21.88 25.09 -23.71
CA SER A 273 23.32 25.16 -23.53
C SER A 273 23.73 26.41 -22.76
N SER A 274 23.23 27.57 -23.18
CA SER A 274 23.63 28.87 -22.67
C SER A 274 22.40 29.64 -22.21
N GLY A 275 21.56 28.97 -21.44
CA GLY A 275 20.27 29.51 -21.07
C GLY A 275 19.20 28.70 -21.77
N ASN A 276 18.07 28.52 -21.09
CA ASN A 276 16.96 27.75 -21.62
C ASN A 276 16.22 28.62 -22.64
N LEU A 277 16.54 28.42 -23.91
CA LEU A 277 15.98 29.19 -25.01
C LEU A 277 15.03 28.31 -25.80
N LEU A 278 13.79 28.76 -25.95
CA LEU A 278 12.80 28.04 -26.70
C LEU A 278 12.43 28.84 -27.93
N PHE A 279 12.39 28.19 -29.07
CA PHE A 279 11.94 28.77 -30.31
C PHE A 279 10.78 27.97 -30.85
N THR A 280 9.86 27.63 -29.97
CA THR A 280 8.68 26.87 -30.33
C THR A 280 7.56 27.32 -29.44
N GLY A 281 6.34 27.22 -29.95
CA GLY A 281 5.19 27.64 -29.20
C GLY A 281 4.66 28.99 -29.65
N HIS A 282 3.70 29.47 -28.89
CA HIS A 282 2.95 30.65 -29.29
C HIS A 282 2.72 31.55 -28.10
N LEU A 283 2.40 32.81 -28.39
CA LEU A 283 1.99 33.79 -27.40
C LEU A 283 0.75 34.50 -27.89
N LYS A 284 -0.32 34.44 -27.12
CA LYS A 284 -1.51 35.23 -27.39
C LYS A 284 -1.32 36.64 -26.84
N CYS A 285 -1.63 37.64 -27.66
CA CYS A 285 -1.42 39.03 -27.31
C CYS A 285 -2.60 39.88 -27.77
N ARG A 286 -2.98 40.85 -26.95
CA ARG A 286 -3.94 41.88 -27.34
C ARG A 286 -3.15 43.13 -27.70
N LEU A 287 -3.33 43.60 -28.93
CA LEU A 287 -2.57 44.72 -29.46
C LEU A 287 -3.43 45.98 -29.40
N ARG A 288 -2.96 46.98 -28.68
CA ARG A 288 -3.69 48.22 -28.47
C ARG A 288 -3.10 49.30 -29.37
N MET A 289 -3.87 49.75 -30.35
CA MET A 289 -3.41 50.71 -31.34
C MET A 289 -3.81 52.14 -31.00
N ASP A 290 -4.23 52.38 -29.75
CA ASP A 290 -4.70 53.71 -29.37
C ASP A 290 -3.66 54.79 -29.64
N LYS A 291 -2.39 54.49 -29.39
CA LYS A 291 -1.32 55.47 -29.44
C LYS A 291 -0.46 55.34 -30.68
N LEU A 292 -0.92 54.60 -31.68
CA LEU A 292 -0.18 54.45 -32.93
C LEU A 292 -0.59 55.55 -33.90
N GLN A 293 0.41 56.25 -34.42
CA GLN A 293 0.18 57.23 -35.47
C GLN A 293 1.05 56.91 -36.67
N LEU A 294 0.53 57.22 -37.84
CA LEU A 294 1.33 57.18 -39.06
C LEU A 294 2.49 58.15 -38.95
N LYS A 295 3.56 57.85 -39.67
CA LYS A 295 4.74 58.69 -39.68
C LYS A 295 4.76 59.56 -40.93
N GLY A 296 5.15 60.81 -40.77
CA GLY A 296 5.30 61.72 -41.88
C GLY A 296 4.02 62.11 -42.58
N MET A 297 2.92 62.24 -41.84
CA MET A 297 1.68 62.69 -42.43
C MET A 297 1.68 64.18 -42.73
N SER A 298 2.53 64.95 -42.07
CA SER A 298 2.62 66.38 -42.29
C SER A 298 3.60 66.74 -43.40
N TYR A 299 4.05 65.76 -44.17
CA TYR A 299 4.87 66.02 -45.34
C TYR A 299 4.00 66.28 -46.56
N SER A 300 4.57 66.97 -47.53
CA SER A 300 3.93 67.09 -48.82
C SER A 300 4.25 65.89 -49.70
N MET A 301 3.41 65.66 -50.69
CA MET A 301 3.70 64.62 -51.67
C MET A 301 4.98 64.96 -52.40
N CYS A 302 5.77 63.93 -52.72
CA CYS A 302 6.98 64.14 -53.51
C CYS A 302 6.61 64.65 -54.90
N THR A 303 7.47 65.49 -55.45
CA THR A 303 7.21 66.07 -56.77
C THR A 303 8.12 65.53 -57.86
N GLY A 304 9.32 65.07 -57.52
CA GLY A 304 10.27 64.60 -58.51
C GLY A 304 9.98 63.19 -58.99
N LYS A 305 10.91 62.68 -59.78
CA LYS A 305 10.79 61.36 -60.37
C LYS A 305 11.27 60.27 -59.42
N PHE A 306 10.76 59.06 -59.65
CA PHE A 306 11.22 57.86 -58.98
C PHE A 306 11.77 56.90 -60.00
N LYS A 307 12.77 56.12 -59.60
CA LYS A 307 13.29 55.05 -60.42
C LYS A 307 13.24 53.76 -59.62
N VAL A 308 12.84 52.69 -60.29
CA VAL A 308 12.78 51.36 -59.66
C VAL A 308 14.21 50.82 -59.55
N VAL A 309 14.66 50.62 -58.32
CA VAL A 309 16.00 50.08 -58.07
C VAL A 309 15.97 48.61 -57.67
N LYS A 310 14.81 48.06 -57.32
CA LYS A 310 14.62 46.63 -57.18
C LYS A 310 13.24 46.31 -57.74
N GLU A 311 13.20 45.52 -58.79
CA GLU A 311 11.96 45.30 -59.52
C GLU A 311 10.89 44.72 -58.62
N ILE A 312 9.64 44.88 -59.05
CA ILE A 312 8.53 44.31 -58.31
C ILE A 312 8.74 42.81 -58.17
N ALA A 313 8.49 42.30 -56.97
CA ALA A 313 8.60 40.88 -56.69
C ALA A 313 7.42 40.48 -55.81
N GLU A 314 6.74 39.41 -56.19
CA GLU A 314 5.60 38.94 -55.43
C GLU A 314 6.07 38.08 -54.25
N THR A 315 5.39 38.22 -53.12
CA THR A 315 5.64 37.34 -51.99
C THR A 315 4.77 36.10 -52.11
N GLN A 316 4.89 35.20 -51.14
CA GLN A 316 4.11 33.98 -51.16
C GLN A 316 2.64 34.20 -50.83
N HIS A 317 2.25 35.42 -50.45
CA HIS A 317 0.91 35.70 -50.02
C HIS A 317 0.14 36.62 -50.97
N GLY A 318 0.67 36.82 -52.17
CA GLY A 318 0.01 37.69 -53.12
C GLY A 318 0.21 39.17 -52.89
N THR A 319 1.13 39.56 -52.04
CA THR A 319 1.54 40.95 -51.99
C THR A 319 2.75 41.14 -52.89
N ILE A 320 3.10 42.39 -53.14
CA ILE A 320 4.26 42.72 -53.95
C ILE A 320 5.12 43.68 -53.17
N VAL A 321 6.41 43.65 -53.45
CA VAL A 321 7.36 44.59 -52.88
C VAL A 321 8.08 45.27 -54.03
N ILE A 322 8.38 46.55 -53.86
CA ILE A 322 9.14 47.29 -54.85
C ILE A 322 10.05 48.24 -54.11
N ARG A 323 11.23 48.45 -54.67
CA ARG A 323 12.18 49.42 -54.12
C ARG A 323 12.38 50.52 -55.14
N VAL A 324 12.09 51.75 -54.74
CA VAL A 324 12.19 52.90 -55.60
C VAL A 324 13.13 53.90 -54.95
N GLN A 325 13.84 54.65 -55.77
CA GLN A 325 14.68 55.73 -55.29
C GLN A 325 14.14 57.05 -55.81
N TYR A 326 13.96 58.00 -54.91
CA TYR A 326 13.50 59.34 -55.30
C TYR A 326 14.65 60.12 -55.91
N GLU A 327 14.41 60.67 -57.10
CA GLU A 327 15.42 61.43 -57.82
C GLU A 327 15.24 62.93 -57.70
N GLY A 328 14.20 63.38 -57.00
CA GLY A 328 13.80 64.78 -57.01
C GLY A 328 14.21 65.52 -55.77
N ASP A 329 13.56 66.66 -55.56
CA ASP A 329 13.83 67.53 -54.42
C ASP A 329 12.64 67.52 -53.48
N GLY A 330 12.87 68.02 -52.27
CA GLY A 330 11.82 68.15 -51.28
C GLY A 330 11.73 67.04 -50.25
N SER A 331 12.78 66.23 -50.08
CA SER A 331 12.75 65.22 -49.05
C SER A 331 12.93 65.86 -47.67
N PRO A 332 12.24 65.37 -46.63
CA PRO A 332 11.33 64.22 -46.70
C PRO A 332 9.96 64.54 -47.28
N CYS A 333 9.42 63.61 -48.05
CA CYS A 333 8.14 63.80 -48.72
C CYS A 333 7.43 62.46 -48.81
N LYS A 334 6.16 62.51 -49.15
CA LYS A 334 5.36 61.31 -49.29
C LYS A 334 5.42 60.80 -50.72
N ILE A 335 5.54 59.49 -50.85
CA ILE A 335 5.62 58.89 -52.18
C ILE A 335 4.21 58.73 -52.73
N PRO A 336 3.93 59.24 -53.92
CA PRO A 336 2.63 58.98 -54.56
C PRO A 336 2.59 57.56 -55.05
N PHE A 337 1.65 56.78 -54.52
CA PHE A 337 1.64 55.35 -54.78
C PHE A 337 0.19 54.88 -54.82
N GLU A 338 -0.23 54.38 -55.98
CA GLU A 338 -1.54 53.78 -56.10
C GLU A 338 -1.42 52.50 -56.93
N ILE A 339 -2.44 51.66 -56.81
CA ILE A 339 -2.61 50.51 -57.69
C ILE A 339 -3.93 50.70 -58.41
N MET A 340 -3.87 50.86 -59.72
CA MET A 340 -5.04 51.24 -60.51
C MET A 340 -5.21 50.27 -61.67
N ASP A 341 -6.34 50.40 -62.34
CA ASP A 341 -6.56 49.67 -63.59
C ASP A 341 -5.81 50.38 -64.72
N LEU A 342 -5.88 49.80 -65.92
CA LEU A 342 -5.12 50.33 -67.05
C LEU A 342 -5.54 51.76 -67.39
N GLU A 343 -6.80 52.11 -67.14
CA GLU A 343 -7.28 53.46 -67.44
C GLU A 343 -7.03 54.45 -66.33
N LYS A 344 -6.51 54.02 -65.19
CA LYS A 344 -6.31 54.86 -64.01
C LYS A 344 -7.62 55.50 -63.57
N ARG A 345 -8.72 54.79 -63.77
CA ARG A 345 -10.02 55.19 -63.24
C ARG A 345 -10.23 54.66 -61.82
N HIS A 346 -10.20 53.34 -61.66
CA HIS A 346 -10.52 52.68 -60.40
C HIS A 346 -9.25 52.35 -59.62
N VAL A 347 -9.28 52.62 -58.33
CA VAL A 347 -8.25 52.14 -57.42
C VAL A 347 -8.52 50.67 -57.13
N LEU A 348 -7.55 49.82 -57.43
CA LEU A 348 -7.75 48.38 -57.37
C LEU A 348 -7.09 47.69 -56.21
N GLY A 349 -5.96 48.21 -55.73
CA GLY A 349 -5.24 47.57 -54.65
C GLY A 349 -4.88 48.58 -53.58
N ARG A 350 -4.55 48.06 -52.41
CA ARG A 350 -4.22 48.87 -51.25
C ARG A 350 -2.74 48.74 -50.92
N LEU A 351 -2.26 49.72 -50.16
CA LEU A 351 -0.91 49.68 -49.63
C LEU A 351 -0.84 48.82 -48.39
N ILE A 352 0.22 48.03 -48.29
CA ILE A 352 0.59 47.41 -47.02
C ILE A 352 1.50 48.33 -46.23
N THR A 353 2.56 48.80 -46.87
CA THR A 353 3.44 49.85 -46.33
C THR A 353 2.71 51.18 -46.48
N VAL A 354 1.75 51.41 -45.58
CA VAL A 354 0.90 52.59 -45.66
C VAL A 354 1.73 53.85 -45.42
N ASN A 355 1.30 54.95 -46.03
CA ASN A 355 1.98 56.23 -46.06
C ASN A 355 3.49 56.08 -46.29
N PRO A 356 3.91 55.56 -47.44
CA PRO A 356 5.34 55.46 -47.71
C PRO A 356 5.95 56.83 -47.96
N ILE A 357 7.09 57.07 -47.33
CA ILE A 357 7.75 58.37 -47.42
C ILE A 357 9.21 58.16 -47.80
N VAL A 358 9.79 59.17 -48.43
CA VAL A 358 11.22 59.25 -48.61
C VAL A 358 11.78 60.01 -47.42
N THR A 359 12.63 59.37 -46.64
CA THR A 359 13.25 60.08 -45.53
C THR A 359 14.51 60.81 -45.96
N GLU A 360 15.26 60.22 -46.88
CA GLU A 360 16.46 60.83 -47.45
C GLU A 360 16.50 60.51 -48.93
N LYS A 361 16.89 61.50 -49.74
CA LYS A 361 16.84 61.35 -51.20
C LYS A 361 17.59 60.11 -51.66
N ASP A 362 18.83 59.94 -51.22
CA ASP A 362 19.65 58.83 -51.68
C ASP A 362 19.28 57.49 -51.07
N SER A 363 18.35 57.46 -50.10
CA SER A 363 17.96 56.22 -49.45
C SER A 363 16.74 55.65 -50.17
N PRO A 364 16.86 54.54 -50.87
CA PRO A 364 15.69 53.96 -51.56
C PRO A 364 14.67 53.41 -50.58
N VAL A 365 13.44 53.29 -51.06
CA VAL A 365 12.29 52.98 -50.22
C VAL A 365 11.64 51.70 -50.73
N ASN A 366 11.37 50.78 -49.81
CA ASN A 366 10.66 49.54 -50.12
C ASN A 366 9.19 49.72 -49.81
N ILE A 367 8.34 49.38 -50.76
CA ILE A 367 6.91 49.55 -50.62
C ILE A 367 6.23 48.22 -50.87
N GLU A 368 5.50 47.73 -49.88
CA GLU A 368 4.68 46.54 -50.03
C GLU A 368 3.24 46.94 -50.29
N ALA A 369 2.60 46.23 -51.21
CA ALA A 369 1.21 46.50 -51.54
C ALA A 369 0.54 45.17 -51.88
N GLU A 370 -0.78 45.16 -51.79
CA GLU A 370 -1.54 43.99 -52.21
C GLU A 370 -2.31 44.31 -53.48
N PRO A 371 -1.87 43.83 -54.64
CA PRO A 371 -2.60 44.11 -55.87
C PRO A 371 -3.81 43.22 -55.99
N PRO A 372 -4.78 43.59 -56.83
CA PRO A 372 -5.88 42.68 -57.14
C PRO A 372 -5.39 41.49 -57.93
N PHE A 373 -6.22 40.45 -57.95
CA PHE A 373 -5.99 39.33 -58.84
C PHE A 373 -6.14 39.78 -60.28
N GLY A 374 -5.21 39.39 -61.12
CA GLY A 374 -5.24 39.80 -62.51
C GLY A 374 -4.33 40.98 -62.77
N ASP A 375 -4.74 41.83 -63.71
CA ASP A 375 -3.94 42.97 -64.16
C ASP A 375 -4.14 44.15 -63.23
N SER A 376 -3.03 44.75 -62.81
CA SER A 376 -3.06 45.98 -62.03
C SER A 376 -1.85 46.80 -62.45
N TYR A 377 -1.89 48.08 -62.11
CA TYR A 377 -0.81 48.98 -62.48
C TYR A 377 -0.41 49.79 -61.26
N ILE A 378 0.89 49.79 -60.99
CA ILE A 378 1.44 50.43 -59.81
C ILE A 378 1.89 51.82 -60.25
N ILE A 379 1.20 52.83 -59.75
CA ILE A 379 1.44 54.22 -60.13
C ILE A 379 2.31 54.84 -59.05
N ILE A 380 3.53 55.20 -59.40
CA ILE A 380 4.49 55.79 -58.47
C ILE A 380 4.89 57.16 -58.99
N GLY A 381 4.89 58.13 -58.08
CA GLY A 381 5.17 59.51 -58.46
C GLY A 381 4.05 60.10 -59.27
N VAL A 382 4.23 61.36 -59.63
CA VAL A 382 3.31 62.06 -60.52
C VAL A 382 4.06 62.44 -61.78
N GLU A 383 3.28 62.84 -62.78
CA GLU A 383 3.86 63.39 -63.99
C GLU A 383 4.58 64.70 -63.69
N PRO A 384 5.68 65.00 -64.39
CA PRO A 384 6.29 64.13 -65.41
C PRO A 384 7.11 63.00 -64.81
N GLY A 385 7.35 61.95 -65.57
CA GLY A 385 8.15 60.84 -65.07
C GLY A 385 7.44 59.92 -64.11
N GLN A 386 6.12 59.88 -64.15
CA GLN A 386 5.36 58.96 -63.32
C GLN A 386 5.60 57.52 -63.76
N LEU A 387 6.03 56.68 -62.83
CA LEU A 387 6.15 55.26 -63.12
C LEU A 387 4.78 54.63 -63.20
N LYS A 388 4.59 53.78 -64.21
CA LYS A 388 3.38 52.98 -64.34
C LYS A 388 3.83 51.58 -64.67
N LEU A 389 3.66 50.68 -63.71
CA LEU A 389 4.28 49.36 -63.73
C LEU A 389 3.18 48.32 -63.77
N SER A 390 3.09 47.60 -64.89
CA SER A 390 2.11 46.54 -64.97
C SER A 390 2.48 45.40 -64.04
N TRP A 391 1.50 44.87 -63.34
CA TRP A 391 1.68 43.66 -62.57
C TRP A 391 0.54 42.71 -62.88
N PHE A 392 0.83 41.42 -62.94
CA PHE A 392 -0.22 40.43 -63.03
C PHE A 392 -0.18 39.51 -61.84
N LYS A 393 -1.34 39.30 -61.22
CA LYS A 393 -1.49 38.41 -60.09
C LYS A 393 -2.27 37.19 -60.54
N LYS A 394 -1.68 36.01 -60.39
CA LYS A 394 -2.32 34.75 -60.75
C LYS A 394 -3.18 34.26 -59.59
N GLY A 395 -4.25 33.59 -59.93
CA GLY A 395 -5.18 33.07 -58.96
C GLY A 395 -6.53 33.76 -59.04
N SER A 396 -7.32 33.58 -57.98
CA SER A 396 -8.65 34.16 -57.93
C SER A 396 -9.05 34.33 -56.47
N SER A 397 -10.17 35.02 -56.28
CA SER A 397 -10.75 35.14 -54.94
C SER A 397 -11.22 33.79 -54.42
N ILE A 398 -11.68 32.91 -55.32
CA ILE A 398 -12.13 31.58 -54.90
C ILE A 398 -10.95 30.76 -54.41
N GLY A 399 -9.82 30.84 -55.10
CA GLY A 399 -8.64 30.14 -54.65
C GLY A 399 -8.03 30.73 -53.39
N GLN A 400 -8.12 32.06 -53.25
CA GLN A 400 -7.66 32.70 -52.03
C GLN A 400 -8.57 32.39 -50.85
N MET A 401 -9.87 32.24 -51.11
CA MET A 401 -10.80 31.87 -50.05
C MET A 401 -10.50 30.47 -49.53
N PHE A 402 -10.26 29.53 -50.45
CA PHE A 402 -9.96 28.16 -50.04
C PHE A 402 -8.63 28.09 -49.30
N GLU A 403 -7.61 28.78 -49.80
CA GLU A 403 -6.34 28.82 -49.10
C GLU A 403 -6.46 29.48 -47.73
N THR A 404 -7.36 30.45 -47.61
CA THR A 404 -7.64 31.05 -46.30
C THR A 404 -8.31 30.04 -45.38
N THR A 405 -9.24 29.25 -45.91
CA THR A 405 -9.92 28.24 -45.11
C THR A 405 -8.96 27.13 -44.68
N MET A 406 -7.96 26.82 -45.50
CA MET A 406 -6.96 25.83 -45.14
C MET A 406 -5.96 26.39 -44.14
N ARG A 407 -5.67 27.68 -44.21
CA ARG A 407 -4.77 28.30 -43.24
C ARG A 407 -5.46 28.41 -41.88
N GLY A 408 -6.75 28.70 -41.87
CA GLY A 408 -7.47 28.75 -40.62
C GLY A 408 -7.67 27.38 -40.01
N ALA A 409 -7.97 26.38 -40.84
CA ALA A 409 -8.06 25.01 -40.34
C ALA A 409 -6.71 24.52 -39.83
N LYS A 410 -5.64 24.89 -40.53
CA LYS A 410 -4.30 24.55 -40.08
C LYS A 410 -3.97 25.24 -38.75
N ARG A 411 -4.49 26.45 -38.54
CA ARG A 411 -4.21 27.17 -37.30
C ARG A 411 -4.97 26.55 -36.13
N MET A 412 -6.17 26.04 -36.39
CA MET A 412 -6.91 25.32 -35.36
C MET A 412 -6.24 24.02 -34.99
N ALA A 413 -5.71 23.30 -35.98
CA ALA A 413 -4.98 22.07 -35.71
C ALA A 413 -3.81 22.32 -34.77
N ILE A 414 -3.05 23.38 -35.01
CA ILE A 414 -1.88 23.67 -34.20
C ILE A 414 -2.26 24.28 -32.86
N LEU A 415 -3.13 25.29 -32.87
CA LEU A 415 -3.42 26.06 -31.67
C LEU A 415 -4.63 25.58 -30.90
N GLY A 416 -5.43 24.68 -31.46
CA GLY A 416 -6.66 24.31 -30.79
C GLY A 416 -7.61 25.48 -30.73
N ASP A 417 -8.30 25.61 -29.59
CA ASP A 417 -9.27 26.68 -29.42
C ASP A 417 -8.61 28.06 -29.37
N THR A 418 -7.31 28.13 -29.08
CA THR A 418 -6.59 29.40 -29.10
C THR A 418 -6.63 30.06 -30.49
N ALA A 419 -6.86 29.27 -31.55
CA ALA A 419 -6.96 29.86 -32.87
C ALA A 419 -8.10 30.87 -32.97
N TRP A 420 -9.15 30.70 -32.17
CA TRP A 420 -10.27 31.63 -32.21
C TRP A 420 -9.88 33.04 -31.77
N ASP A 421 -8.78 33.18 -31.06
CA ASP A 421 -8.28 34.48 -30.64
C ASP A 421 -7.38 35.15 -31.68
N PHE A 422 -7.20 34.55 -32.86
CA PHE A 422 -6.07 34.98 -33.68
C PHE A 422 -6.30 36.34 -34.31
N GLY A 423 -7.48 36.60 -34.85
CA GLY A 423 -7.75 37.92 -35.37
C GLY A 423 -8.95 38.52 -34.67
N SER A 424 -9.21 38.05 -33.46
CA SER A 424 -10.47 38.33 -32.78
C SER A 424 -10.56 39.80 -32.39
N LEU A 425 -11.69 40.41 -32.72
CA LEU A 425 -12.04 41.73 -32.24
C LEU A 425 -13.00 41.68 -31.05
N GLY A 426 -13.46 40.49 -30.68
CA GLY A 426 -14.30 40.32 -29.53
C GLY A 426 -15.74 39.95 -29.80
N GLY A 427 -16.07 39.47 -30.99
CA GLY A 427 -17.44 39.14 -31.31
C GLY A 427 -17.99 38.01 -30.46
N VAL A 428 -19.32 37.92 -30.44
CA VAL A 428 -19.97 36.86 -29.68
C VAL A 428 -19.96 35.55 -30.45
N PHE A 429 -19.84 35.61 -31.78
CA PHE A 429 -19.66 34.39 -32.54
C PHE A 429 -18.23 33.88 -32.50
N THR A 430 -17.28 34.71 -32.04
CA THR A 430 -15.95 34.24 -31.70
C THR A 430 -15.90 33.72 -30.27
N SER A 431 -16.72 34.27 -29.39
CA SER A 431 -16.76 33.81 -28.01
C SER A 431 -17.43 32.45 -27.91
N ILE A 432 -18.45 32.22 -28.74
CA ILE A 432 -19.17 30.95 -28.72
C ILE A 432 -18.35 29.88 -29.43
N GLY A 433 -17.72 30.23 -30.55
CA GLY A 433 -16.85 29.27 -31.22
C GLY A 433 -15.69 28.84 -30.33
N LYS A 434 -15.12 29.78 -29.58
CA LYS A 434 -13.99 29.44 -28.71
C LYS A 434 -14.43 28.54 -27.57
N ALA A 435 -15.60 28.81 -26.97
CA ALA A 435 -16.05 28.00 -25.85
C ALA A 435 -16.47 26.61 -26.31
N LEU A 436 -17.12 26.51 -27.47
CA LEU A 436 -17.44 25.20 -28.02
C LEU A 436 -16.18 24.42 -28.38
N HIS A 437 -15.19 25.11 -28.96
CA HIS A 437 -13.94 24.46 -29.30
C HIS A 437 -13.25 23.92 -28.05
N GLN A 438 -13.28 24.69 -26.95
CA GLN A 438 -12.71 24.20 -25.70
C GLN A 438 -13.40 22.94 -25.21
N VAL A 439 -14.68 22.76 -25.53
CA VAL A 439 -15.39 21.57 -25.08
C VAL A 439 -15.07 20.38 -25.97
N PHE A 440 -15.19 20.54 -27.28
CA PHE A 440 -14.84 19.45 -28.18
C PHE A 440 -13.34 19.18 -28.18
N GLY A 441 -12.54 20.19 -27.86
CA GLY A 441 -11.11 19.98 -27.78
C GLY A 441 -10.71 19.17 -26.58
N ALA A 442 -11.41 19.36 -25.46
CA ALA A 442 -11.11 18.59 -24.25
C ALA A 442 -11.52 17.13 -24.42
N ILE A 443 -12.66 16.89 -25.09
CA ILE A 443 -13.08 15.52 -25.33
C ILE A 443 -12.19 14.85 -26.35
N TYR A 444 -11.71 15.60 -27.35
CA TYR A 444 -10.84 15.02 -28.35
C TYR A 444 -9.43 14.80 -27.80
N GLY A 445 -8.92 15.75 -27.03
CA GLY A 445 -7.60 15.57 -26.44
C GLY A 445 -7.53 14.39 -25.49
N ALA A 446 -8.60 14.17 -24.74
CA ALA A 446 -8.63 13.02 -23.84
C ALA A 446 -8.75 11.72 -24.60
N ALA A 447 -9.43 11.73 -25.75
CA ALA A 447 -9.68 10.51 -26.50
C ALA A 447 -8.51 10.09 -27.37
N PHE A 448 -7.66 11.04 -27.78
CA PHE A 448 -6.57 10.74 -28.70
C PHE A 448 -5.21 11.06 -28.10
N SER A 449 -5.13 11.24 -26.79
CA SER A 449 -3.84 11.40 -26.15
C SER A 449 -3.03 10.12 -26.29
N GLY A 450 -1.82 10.24 -26.82
CA GLY A 450 -0.90 9.13 -26.88
C GLY A 450 -0.87 8.35 -28.18
N VAL A 451 -1.86 8.51 -29.04
CA VAL A 451 -1.89 7.73 -30.26
C VAL A 451 -1.13 8.47 -31.35
N SER A 452 -0.53 7.71 -32.25
CA SER A 452 0.20 8.26 -33.38
C SER A 452 -0.78 8.75 -34.45
N TRP A 453 -0.22 9.31 -35.53
CA TRP A 453 -1.05 9.80 -36.61
C TRP A 453 -1.69 8.66 -37.40
N THR A 454 -1.02 7.52 -37.53
CA THR A 454 -1.61 6.40 -38.25
C THR A 454 -2.79 5.82 -37.49
N MET A 455 -2.76 5.86 -36.16
CA MET A 455 -3.92 5.44 -35.39
C MET A 455 -5.05 6.45 -35.52
N LYS A 456 -4.73 7.74 -35.57
CA LYS A 456 -5.76 8.74 -35.84
C LYS A 456 -6.40 8.52 -37.20
N ILE A 457 -5.61 8.10 -38.19
CA ILE A 457 -6.17 7.82 -39.51
C ILE A 457 -7.04 6.58 -39.47
N LEU A 458 -6.60 5.53 -38.76
CA LEU A 458 -7.41 4.32 -38.63
C LEU A 458 -8.73 4.62 -37.96
N ILE A 459 -8.69 5.26 -36.78
CA ILE A 459 -9.91 5.56 -36.04
C ILE A 459 -10.80 6.50 -36.84
N GLY A 460 -10.19 7.46 -37.55
CA GLY A 460 -10.98 8.35 -38.38
C GLY A 460 -11.74 7.62 -39.47
N VAL A 461 -11.11 6.65 -40.12
CA VAL A 461 -11.78 5.85 -41.12
C VAL A 461 -12.84 4.96 -40.45
N VAL A 462 -12.55 4.44 -39.25
CA VAL A 462 -13.51 3.56 -38.60
C VAL A 462 -14.72 4.35 -38.14
N ILE A 463 -14.52 5.54 -37.59
CA ILE A 463 -15.62 6.37 -37.16
C ILE A 463 -16.41 6.87 -38.37
N THR A 464 -15.73 7.21 -39.46
CA THR A 464 -16.44 7.63 -40.67
C THR A 464 -17.29 6.49 -41.21
N TRP A 465 -16.74 5.27 -41.23
CA TRP A 465 -17.50 4.12 -41.70
C TRP A 465 -18.70 3.84 -40.81
N ILE A 466 -18.54 3.98 -39.49
CA ILE A 466 -19.68 3.84 -38.59
C ILE A 466 -20.74 4.88 -38.92
N GLY A 467 -20.32 6.14 -39.07
CA GLY A 467 -21.27 7.19 -39.40
C GLY A 467 -21.92 6.98 -40.76
N MET A 468 -21.14 6.53 -41.74
CA MET A 468 -21.68 6.36 -43.09
C MET A 468 -22.74 5.26 -43.14
N ASN A 469 -22.63 4.25 -42.29
CA ASN A 469 -23.55 3.12 -42.28
C ASN A 469 -24.55 3.21 -41.13
N SER A 470 -24.82 4.40 -40.62
CA SER A 470 -25.72 4.58 -39.50
C SER A 470 -27.12 4.97 -39.97
N THR A 473 -29.31 9.08 -39.54
CA THR A 473 -29.29 10.34 -40.26
C THR A 473 -28.59 11.42 -39.45
N SER A 474 -29.12 11.69 -38.25
CA SER A 474 -28.48 12.64 -37.35
C SER A 474 -27.17 12.09 -36.83
N LEU A 475 -27.17 10.82 -36.40
CA LEU A 475 -25.93 10.15 -36.01
C LEU A 475 -24.97 10.03 -37.18
N SER A 476 -25.50 9.87 -38.39
CA SER A 476 -24.63 9.71 -39.55
C SER A 476 -23.84 10.98 -39.82
N VAL A 477 -24.49 12.14 -39.73
CA VAL A 477 -23.80 13.40 -39.99
C VAL A 477 -22.85 13.73 -38.85
N SER A 478 -23.26 13.45 -37.61
CA SER A 478 -22.42 13.78 -36.46
C SER A 478 -21.17 12.94 -36.40
N LEU A 479 -21.19 11.72 -36.95
CA LEU A 479 -20.03 10.83 -36.89
C LEU A 479 -19.15 10.95 -38.12
N VAL A 480 -19.76 11.08 -39.31
CA VAL A 480 -18.97 11.37 -40.50
C VAL A 480 -18.19 12.64 -40.32
N LEU A 481 -18.75 13.61 -39.58
CA LEU A 481 -18.05 14.86 -39.35
C LEU A 481 -16.89 14.68 -38.39
N VAL A 482 -17.12 13.96 -37.29
CA VAL A 482 -16.05 13.67 -36.34
C VAL A 482 -14.96 12.85 -37.03
N GLY A 483 -15.35 11.86 -37.83
CA GLY A 483 -14.36 11.08 -38.54
C GLY A 483 -13.56 11.90 -39.53
N VAL A 484 -14.21 12.83 -40.22
CA VAL A 484 -13.50 13.64 -41.20
C VAL A 484 -12.52 14.57 -40.51
N VAL A 485 -12.93 15.16 -39.39
CA VAL A 485 -12.03 16.03 -38.64
C VAL A 485 -10.90 15.22 -38.02
N THR A 486 -11.21 14.02 -37.53
CA THR A 486 -10.18 13.13 -37.03
C THR A 486 -9.19 12.76 -38.13
N LEU A 487 -9.69 12.55 -39.35
CA LEU A 487 -8.78 12.24 -40.46
C LEU A 487 -7.93 13.44 -40.84
N TYR A 488 -8.52 14.63 -40.84
CA TYR A 488 -7.74 15.84 -41.14
C TYR A 488 -6.64 16.05 -40.11
N LEU A 489 -6.97 15.88 -38.83
CA LEU A 489 -6.00 16.07 -37.76
C LEU A 489 -4.94 14.98 -37.77
N GLY A 490 -5.30 13.77 -38.18
CA GLY A 490 -4.31 12.73 -38.36
C GLY A 490 -3.38 13.01 -39.52
N VAL A 491 -3.88 13.72 -40.52
CA VAL A 491 -3.05 14.08 -41.67
C VAL A 491 -2.15 15.27 -41.34
N MET A 492 -2.59 16.17 -40.46
CA MET A 492 -1.85 17.38 -40.15
C MET A 492 -0.83 17.21 -39.04
N VAL A 493 -1.08 16.30 -38.10
CA VAL A 493 -0.20 16.14 -36.95
C VAL A 493 1.15 15.59 -37.41
N GLN A 494 2.23 16.06 -36.79
CA GLN A 494 3.57 15.65 -37.19
C GLN A 494 3.94 14.25 -36.74
N ALA A 495 3.23 13.67 -35.78
CA ALA A 495 3.57 12.33 -35.32
C ALA A 495 2.37 11.58 -34.77
N MET B 1 -3.85 34.78 8.57
CA MET B 1 -3.27 34.31 7.32
C MET B 1 -2.53 33.00 7.58
N ARG B 2 -2.72 32.49 8.80
CA ARG B 2 -2.10 31.23 9.22
C ARG B 2 -2.64 30.05 8.42
N CYS B 3 -3.92 30.10 8.02
CA CYS B 3 -4.54 28.99 7.30
C CYS B 3 -3.89 28.76 5.95
N ILE B 4 -3.25 29.79 5.38
CA ILE B 4 -2.76 29.69 4.01
C ILE B 4 -1.60 28.71 3.95
N GLY B 5 -1.78 27.62 3.21
CA GLY B 5 -0.80 26.57 3.08
C GLY B 5 -1.31 25.22 3.55
N ILE B 6 -2.29 25.22 4.45
CA ILE B 6 -2.86 24.00 4.98
C ILE B 6 -3.79 23.40 3.94
N SER B 7 -3.66 22.09 3.70
CA SER B 7 -4.52 21.44 2.73
C SER B 7 -5.92 21.18 3.29
N ASN B 8 -6.06 21.04 4.60
CA ASN B 8 -7.37 20.88 5.23
C ASN B 8 -7.90 22.22 5.69
N ARG B 9 -7.99 23.14 4.72
CA ARG B 9 -8.45 24.49 4.98
C ARG B 9 -9.88 24.63 4.49
N ASP B 10 -10.73 25.21 5.32
CA ASP B 10 -12.13 25.36 5.02
C ASP B 10 -12.49 26.84 5.04
N PHE B 11 -13.33 27.23 4.10
CA PHE B 11 -13.83 28.60 3.97
C PHE B 11 -15.28 28.62 4.42
N VAL B 12 -15.55 29.35 5.49
CA VAL B 12 -16.90 29.57 5.98
C VAL B 12 -17.27 31.01 5.70
N GLU B 13 -18.37 31.22 5.00
CA GLU B 13 -18.81 32.55 4.61
C GLU B 13 -20.19 32.82 5.19
N GLY B 14 -20.37 34.05 5.67
CA GLY B 14 -21.68 34.48 6.12
C GLY B 14 -21.94 34.27 7.59
N VAL B 15 -22.47 35.30 8.24
CA VAL B 15 -22.94 35.19 9.61
C VAL B 15 -24.46 35.17 9.57
N SER B 16 -25.05 34.81 10.71
CA SER B 16 -26.50 34.79 10.84
C SER B 16 -27.00 36.21 11.06
N GLY B 17 -28.29 36.35 11.35
CA GLY B 17 -28.80 37.64 11.80
C GLY B 17 -28.12 38.10 13.07
N GLY B 18 -27.85 37.17 13.98
CA GLY B 18 -27.15 37.46 15.21
C GLY B 18 -25.66 37.68 15.06
N SER B 19 -25.19 37.78 13.81
CA SER B 19 -23.80 38.01 13.47
C SER B 19 -22.89 36.90 13.99
N TRP B 20 -23.44 35.70 14.12
CA TRP B 20 -22.67 34.57 14.58
C TRP B 20 -22.68 33.48 13.52
N VAL B 21 -21.68 32.62 13.61
CA VAL B 21 -21.57 31.46 12.74
C VAL B 21 -21.03 30.31 13.55
N ASP B 22 -21.58 29.12 13.34
CA ASP B 22 -21.07 27.91 13.98
C ASP B 22 -19.96 27.33 13.13
N ILE B 23 -18.81 27.07 13.74
CA ILE B 23 -17.69 26.42 13.08
C ILE B 23 -17.28 25.20 13.88
N VAL B 24 -16.68 24.23 13.20
CA VAL B 24 -16.02 23.10 13.86
C VAL B 24 -14.54 23.19 13.56
N LEU B 25 -13.72 23.16 14.60
CA LEU B 25 -12.28 23.22 14.46
C LEU B 25 -11.69 21.84 14.71
N GLU B 26 -11.08 21.27 13.68
CA GLU B 26 -10.41 19.99 13.79
C GLU B 26 -8.91 20.20 13.92
N HIS B 27 -8.28 19.38 14.75
CA HIS B 27 -6.82 19.35 14.80
C HIS B 27 -6.28 19.00 13.42
N GLY B 28 -5.25 19.73 13.00
CA GLY B 28 -4.68 19.56 11.68
C GLY B 28 -5.41 20.28 10.57
N SER B 29 -6.62 20.77 10.82
CA SER B 29 -7.35 21.58 9.86
C SER B 29 -7.30 23.03 10.30
N CYS B 30 -8.04 23.87 9.58
CA CYS B 30 -8.05 25.30 9.87
C CYS B 30 -9.19 25.93 9.10
N VAL B 31 -9.81 26.93 9.69
CA VAL B 31 -11.01 27.56 9.15
C VAL B 31 -10.71 29.01 8.86
N THR B 32 -11.11 29.46 7.68
CA THR B 32 -11.05 30.86 7.29
C THR B 32 -12.48 31.38 7.22
N THR B 33 -12.80 32.35 8.06
CA THR B 33 -14.14 32.92 8.10
C THR B 33 -14.12 34.32 7.49
N MET B 34 -15.20 34.66 6.80
CA MET B 34 -15.35 35.99 6.25
C MET B 34 -16.82 36.29 6.06
N ALA B 35 -17.25 37.42 6.58
CA ALA B 35 -18.58 37.95 6.35
C ALA B 35 -18.46 39.28 5.63
N LYS B 36 -19.60 39.84 5.24
CA LYS B 36 -19.64 40.98 4.34
C LYS B 36 -18.86 42.18 4.90
N ASN B 37 -19.15 42.57 6.14
CA ASN B 37 -18.56 43.78 6.71
C ASN B 37 -17.47 43.44 7.73
N LYS B 38 -17.09 42.19 7.83
CA LYS B 38 -16.18 41.71 8.85
C LYS B 38 -14.79 41.48 8.28
N PRO B 39 -13.76 41.48 9.13
CA PRO B 39 -12.45 41.04 8.67
C PRO B 39 -12.36 39.54 8.55
N THR B 40 -11.49 39.09 7.67
CA THR B 40 -11.27 37.66 7.48
C THR B 40 -10.40 37.13 8.61
N LEU B 41 -10.88 36.09 9.28
CA LEU B 41 -10.18 35.50 10.40
C LEU B 41 -9.81 34.06 10.08
N ASP B 42 -8.60 33.69 10.48
CA ASP B 42 -8.17 32.30 10.44
C ASP B 42 -8.27 31.70 11.84
N PHE B 43 -8.83 30.50 11.92
CA PHE B 43 -9.01 29.78 13.18
C PHE B 43 -8.33 28.43 13.08
N GLU B 44 -7.44 28.14 14.01
CA GLU B 44 -6.85 26.81 14.10
C GLU B 44 -6.90 26.34 15.55
N LEU B 45 -7.50 25.16 15.76
CA LEU B 45 -7.39 24.45 17.03
C LEU B 45 -6.03 23.78 17.10
N ILE B 46 -5.14 24.30 17.93
CA ILE B 46 -3.75 23.91 17.90
C ILE B 46 -3.35 23.02 19.06
N LYS B 47 -4.14 22.96 20.13
CA LYS B 47 -3.77 22.13 21.26
C LYS B 47 -5.02 21.73 22.03
N THR B 48 -5.16 20.45 22.30
CA THR B 48 -6.09 19.93 23.28
C THR B 48 -5.26 19.36 24.42
N GLU B 49 -5.54 19.81 25.65
CA GLU B 49 -4.79 19.37 26.82
C GLU B 49 -5.75 18.76 27.81
N ALA B 50 -5.41 17.56 28.28
CA ALA B 50 -6.17 16.83 29.29
C ALA B 50 -5.41 16.88 30.60
N LYS B 51 -6.04 17.41 31.63
CA LYS B 51 -5.36 17.72 32.89
C LYS B 51 -5.82 16.81 34.01
N HIS B 52 -4.91 16.54 34.93
CA HIS B 52 -5.14 15.76 36.14
C HIS B 52 -5.70 14.38 35.82
N PRO B 53 -4.92 13.51 35.17
CA PRO B 53 -5.45 12.20 34.79
C PRO B 53 -5.32 11.19 35.91
N ALA B 54 -6.32 10.34 36.03
CA ALA B 54 -6.32 9.25 36.99
C ALA B 54 -6.05 7.95 36.25
N THR B 55 -5.15 7.13 36.80
CA THR B 55 -4.91 5.81 36.24
C THR B 55 -6.13 4.92 36.45
N LEU B 56 -6.63 4.35 35.36
CA LEU B 56 -7.73 3.41 35.45
C LEU B 56 -7.23 2.01 35.79
N ARG B 57 -6.29 1.49 35.01
CA ARG B 57 -5.62 0.27 35.37
C ARG B 57 -4.30 0.16 34.62
N LYS B 58 -3.33 -0.46 35.28
CA LYS B 58 -2.07 -0.82 34.65
C LYS B 58 -2.20 -2.22 34.07
N TYR B 59 -1.80 -2.38 32.82
CA TYR B 59 -1.69 -3.70 32.21
C TYR B 59 -0.24 -4.11 32.16
N CYS B 60 0.03 -5.38 32.43
CA CYS B 60 1.38 -5.91 32.37
C CYS B 60 1.68 -6.41 30.96
N ILE B 61 2.75 -5.89 30.37
CA ILE B 61 3.16 -6.31 29.03
C ILE B 61 4.40 -7.21 29.05
N GLU B 62 5.18 -7.19 30.12
CA GLU B 62 6.34 -8.09 30.22
C GLU B 62 6.49 -8.52 31.67
N ALA B 63 6.47 -9.83 31.88
CA ALA B 63 6.56 -10.40 33.21
C ALA B 63 7.73 -11.36 33.29
N LYS B 64 8.16 -11.63 34.51
CA LYS B 64 9.08 -12.72 34.77
C LYS B 64 8.46 -13.66 35.80
N LEU B 65 8.74 -14.95 35.64
CA LEU B 65 8.30 -15.96 36.59
C LEU B 65 9.46 -16.32 37.50
N THR B 66 9.17 -16.46 38.79
CA THR B 66 10.14 -16.96 39.76
C THR B 66 9.44 -17.92 40.70
N ASN B 67 10.22 -18.57 41.55
CA ASN B 67 9.71 -19.37 42.67
C ASN B 67 8.73 -20.44 42.20
N THR B 68 9.13 -21.22 41.20
CA THR B 68 8.27 -22.29 40.74
C THR B 68 8.19 -23.39 41.79
N THR B 69 6.98 -23.85 42.05
CA THR B 69 6.73 -24.87 43.06
C THR B 69 5.67 -25.83 42.53
N THR B 70 5.89 -27.12 42.75
CA THR B 70 4.95 -28.15 42.34
C THR B 70 4.51 -28.96 43.56
N ALA B 71 3.29 -29.46 43.50
CA ALA B 71 2.80 -30.46 44.43
C ALA B 71 2.05 -31.51 43.64
N SER B 72 2.19 -32.77 44.05
CA SER B 72 1.53 -33.89 43.40
C SER B 72 0.68 -34.65 44.39
N ARG B 73 -0.35 -35.30 43.88
CA ARG B 73 -1.13 -36.29 44.59
C ARG B 73 -1.07 -37.61 43.86
N CYS B 74 -1.24 -38.70 44.60
CA CYS B 74 -1.43 -40.01 44.00
C CYS B 74 -2.83 -40.10 43.40
N PRO B 75 -3.03 -40.96 42.41
CA PRO B 75 -4.37 -41.08 41.81
C PRO B 75 -5.41 -41.49 42.83
N THR B 76 -6.65 -41.04 42.57
CA THR B 76 -7.85 -41.24 43.39
C THR B 76 -7.83 -40.38 44.65
N GLN B 77 -6.73 -39.66 44.90
CA GLN B 77 -6.62 -38.79 46.06
C GLN B 77 -6.93 -37.34 45.74
N GLY B 78 -7.58 -37.07 44.61
CA GLY B 78 -7.95 -35.70 44.30
C GLY B 78 -6.75 -34.80 44.00
N GLU B 79 -7.02 -33.50 43.99
CA GLU B 79 -6.05 -32.49 43.58
C GLU B 79 -5.12 -32.14 44.73
N PRO B 80 -3.83 -31.97 44.45
CA PRO B 80 -2.91 -31.47 45.47
C PRO B 80 -3.11 -29.98 45.67
N SER B 81 -2.54 -29.48 46.75
CA SER B 81 -2.69 -28.08 47.10
C SER B 81 -1.33 -27.51 47.47
N LEU B 82 -1.02 -26.35 46.91
CA LEU B 82 0.14 -25.59 47.31
C LEU B 82 -0.30 -24.40 48.15
N ASN B 83 0.58 -23.98 49.06
CA ASN B 83 0.34 -22.76 49.80
C ASN B 83 0.19 -21.56 48.86
N GLU B 84 0.89 -21.59 47.73
CA GLU B 84 0.95 -20.49 46.79
C GLU B 84 -0.33 -20.32 45.98
N GLU B 85 -1.23 -21.30 46.03
CA GLU B 85 -2.51 -21.16 45.35
C GLU B 85 -3.40 -20.11 46.00
N GLN B 86 -3.12 -19.72 47.23
CA GLN B 86 -3.85 -18.64 47.87
C GLN B 86 -3.06 -17.35 47.89
N ASP B 87 -1.80 -17.38 47.45
CA ASP B 87 -1.00 -16.18 47.30
C ASP B 87 -1.28 -15.61 45.91
N LYS B 88 -1.88 -14.42 45.88
CA LYS B 88 -2.22 -13.78 44.61
C LYS B 88 -1.01 -13.32 43.82
N ARG B 89 0.19 -13.38 44.41
CA ARG B 89 1.40 -13.13 43.64
C ARG B 89 1.78 -14.29 42.74
N PHE B 90 1.08 -15.42 42.84
CA PHE B 90 1.43 -16.63 42.12
C PHE B 90 0.32 -17.01 41.16
N VAL B 91 0.70 -17.37 39.95
CA VAL B 91 -0.21 -17.99 38.99
C VAL B 91 -0.02 -19.50 39.09
N CYS B 92 -1.13 -20.23 39.10
CA CYS B 92 -1.11 -21.66 39.35
C CYS B 92 -1.99 -22.37 38.33
N LYS B 93 -1.74 -23.66 38.16
CA LYS B 93 -2.60 -24.48 37.32
C LYS B 93 -2.53 -25.92 37.79
N HIS B 94 -3.65 -26.62 37.63
CA HIS B 94 -3.76 -28.02 37.97
C HIS B 94 -3.74 -28.84 36.68
N SER B 95 -3.08 -29.99 36.73
CA SER B 95 -3.04 -30.90 35.60
C SER B 95 -3.08 -32.33 36.13
N MET B 96 -2.97 -33.27 35.21
CA MET B 96 -2.85 -34.68 35.56
C MET B 96 -1.50 -35.21 35.08
N VAL B 97 -0.94 -36.12 35.86
CA VAL B 97 0.35 -36.72 35.58
C VAL B 97 0.24 -38.21 35.85
N ASP B 98 0.73 -39.03 34.94
CA ASP B 98 0.74 -40.46 35.16
C ASP B 98 1.52 -40.78 36.44
N ARG B 99 0.92 -41.63 37.27
CA ARG B 99 1.60 -42.14 38.45
C ARG B 99 1.58 -43.67 38.43
N GLY B 100 2.45 -44.24 39.25
CA GLY B 100 2.55 -45.67 39.38
C GLY B 100 3.67 -46.01 40.32
N TRP B 101 4.05 -47.29 40.33
CA TRP B 101 5.11 -47.74 41.24
C TRP B 101 6.42 -47.01 40.96
N GLY B 102 6.72 -46.76 39.69
CA GLY B 102 7.93 -46.03 39.32
C GLY B 102 7.97 -44.57 39.74
N ASN B 103 6.82 -44.00 40.12
CA ASN B 103 6.72 -42.62 40.58
C ASN B 103 6.56 -42.50 42.09
N GLY B 104 6.76 -43.59 42.83
CA GLY B 104 6.54 -43.56 44.26
C GLY B 104 5.10 -43.70 44.69
N CYS B 105 4.24 -44.25 43.85
CA CYS B 105 2.83 -44.34 44.13
C CYS B 105 2.40 -45.81 44.26
N GLY B 106 1.46 -46.07 45.14
CA GLY B 106 0.95 -47.42 45.29
C GLY B 106 -0.08 -47.80 44.25
N LEU B 107 -0.79 -46.82 43.71
CA LEU B 107 -1.74 -47.06 42.65
C LEU B 107 -1.18 -46.61 41.31
N PHE B 108 -1.86 -46.99 40.25
CA PHE B 108 -1.56 -46.54 38.90
C PHE B 108 -2.69 -45.65 38.42
N GLY B 109 -2.33 -44.60 37.68
CA GLY B 109 -3.34 -43.71 37.14
C GLY B 109 -2.96 -42.25 37.15
N LYS B 110 -3.88 -41.41 36.75
CA LYS B 110 -3.63 -39.98 36.67
C LYS B 110 -3.66 -39.38 38.08
N GLY B 111 -2.52 -38.88 38.52
CA GLY B 111 -2.44 -38.14 39.76
C GLY B 111 -2.51 -36.65 39.47
N GLY B 112 -3.15 -35.93 40.38
CA GLY B 112 -3.25 -34.48 40.25
C GLY B 112 -1.92 -33.81 40.53
N ILE B 113 -1.60 -32.79 39.76
CA ILE B 113 -0.38 -32.03 39.90
C ILE B 113 -0.74 -30.55 39.80
N VAL B 114 -0.08 -29.73 40.61
CA VAL B 114 -0.30 -28.29 40.58
C VAL B 114 1.05 -27.58 40.55
N THR B 115 1.20 -26.65 39.63
CA THR B 115 2.41 -25.87 39.48
C THR B 115 2.07 -24.41 39.72
N CYS B 116 2.87 -23.75 40.55
CA CYS B 116 2.68 -22.33 40.83
C CYS B 116 4.00 -21.60 40.57
N ALA B 117 3.90 -20.33 40.20
CA ALA B 117 5.09 -19.51 40.03
C ALA B 117 4.76 -18.08 40.37
N MET B 118 5.69 -17.40 41.04
CA MET B 118 5.47 -16.02 41.42
C MET B 118 5.57 -15.13 40.20
N PHE B 119 4.62 -14.21 40.08
CA PHE B 119 4.48 -13.36 38.91
C PHE B 119 5.02 -11.97 39.23
N THR B 120 5.96 -11.50 38.44
CA THR B 120 6.53 -10.17 38.63
C THR B 120 6.50 -9.43 37.31
N CYS B 121 5.72 -8.36 37.26
CA CYS B 121 5.71 -7.48 36.10
C CYS B 121 7.04 -6.74 35.98
N LYS B 122 7.63 -6.81 34.80
CA LYS B 122 8.82 -6.03 34.47
C LYS B 122 8.48 -4.73 33.75
N LYS B 123 7.51 -4.77 32.84
CA LYS B 123 7.06 -3.59 32.11
C LYS B 123 5.56 -3.58 32.04
N ASN B 124 4.96 -2.42 32.26
CA ASN B 124 3.52 -2.27 32.21
C ASN B 124 3.17 -1.05 31.38
N MET B 125 1.95 -1.04 30.87
CA MET B 125 1.36 0.14 30.26
C MET B 125 0.23 0.64 31.13
N GLU B 126 0.08 1.96 31.20
CA GLU B 126 -0.91 2.60 32.06
C GLU B 126 -2.01 3.22 31.22
N GLY B 127 -3.24 2.99 31.61
CA GLY B 127 -4.36 3.64 30.99
C GLY B 127 -4.97 4.66 31.92
N LYS B 128 -4.85 5.94 31.58
CA LYS B 128 -5.39 7.01 32.38
C LYS B 128 -6.71 7.51 31.82
N VAL B 129 -7.55 8.03 32.70
CA VAL B 129 -8.80 8.65 32.32
C VAL B 129 -8.79 10.09 32.79
N VAL B 130 -9.34 10.98 31.98
CA VAL B 130 -9.45 12.39 32.30
CA VAL B 130 -9.46 12.38 32.35
C VAL B 130 -10.93 12.73 32.41
N GLN B 131 -11.27 13.58 33.31
CA GLN B 131 -12.64 14.01 33.36
C GLN B 131 -12.87 15.05 32.28
N PRO B 132 -14.02 15.04 31.62
CA PRO B 132 -14.27 16.03 30.57
C PRO B 132 -14.06 17.46 31.03
N GLU B 133 -14.24 17.75 32.31
CA GLU B 133 -14.10 19.10 32.84
C GLU B 133 -12.65 19.59 32.88
N ASN B 134 -11.67 18.70 32.75
CA ASN B 134 -10.27 19.10 32.85
C ASN B 134 -9.62 19.23 31.48
N LEU B 135 -10.42 19.34 30.43
CA LEU B 135 -9.90 19.60 29.10
C LEU B 135 -9.68 21.09 28.89
N GLU B 136 -8.60 21.41 28.19
CA GLU B 136 -8.29 22.80 27.84
C GLU B 136 -7.92 22.83 26.37
N TYR B 137 -8.76 23.48 25.57
CA TYR B 137 -8.56 23.62 24.15
C TYR B 137 -7.94 24.98 23.85
N THR B 138 -6.86 24.99 23.08
CA THR B 138 -6.25 26.23 22.63
C THR B 138 -6.61 26.48 21.18
N ILE B 139 -7.15 27.67 20.91
CA ILE B 139 -7.47 28.12 19.57
C ILE B 139 -6.69 29.38 19.28
N VAL B 140 -6.08 29.45 18.10
CA VAL B 140 -5.37 30.63 17.65
C VAL B 140 -6.21 31.30 16.56
N ILE B 141 -6.38 32.61 16.69
CA ILE B 141 -7.18 33.41 15.77
C ILE B 141 -6.25 34.41 15.11
N THR B 142 -6.04 34.24 13.82
CA THR B 142 -5.18 35.12 13.06
C THR B 142 -6.03 35.92 12.10
N PRO B 143 -6.09 37.24 12.24
CA PRO B 143 -6.77 38.06 11.23
C PRO B 143 -5.93 38.14 9.96
N HIS B 144 -6.61 38.30 8.83
CA HIS B 144 -5.93 38.57 7.56
C HIS B 144 -5.50 40.02 7.55
N SER B 145 -4.42 40.29 8.27
CA SER B 145 -3.88 41.64 8.36
C SER B 145 -2.99 41.99 7.19
N GLY B 146 -2.64 41.03 6.34
CA GLY B 146 -1.66 41.25 5.31
C GLY B 146 -0.25 41.39 5.80
N GLU B 147 0.01 41.14 7.08
CA GLU B 147 1.33 41.38 7.63
C GLU B 147 2.36 40.48 6.94
N GLU B 148 3.57 41.02 6.82
CA GLU B 148 4.54 40.45 5.88
C GLU B 148 4.86 38.99 6.17
N ASN B 149 5.06 38.65 7.45
CA ASN B 149 5.57 37.34 7.83
C ASN B 149 4.46 36.39 8.28
N ALA B 150 3.21 36.70 7.96
CA ALA B 150 2.08 36.01 8.55
C ALA B 150 1.54 34.86 7.71
N VAL B 151 1.95 34.74 6.45
CA VAL B 151 1.35 33.76 5.56
C VAL B 151 1.82 32.37 5.95
N GLY B 152 0.88 31.52 6.35
CA GLY B 152 1.19 30.18 6.82
C GLY B 152 2.14 30.13 7.99
N ASN B 153 2.21 31.20 8.76
CA ASN B 153 3.18 31.31 9.85
C ASN B 153 2.54 30.79 11.13
N ASP B 154 3.10 29.71 11.66
CA ASP B 154 2.71 29.20 12.96
C ASP B 154 3.80 29.38 14.00
N THR B 155 5.00 29.77 13.60
CA THR B 155 6.13 29.96 14.50
C THR B 155 6.26 31.41 14.96
N GLY B 156 5.14 32.14 14.97
CA GLY B 156 5.16 33.54 15.34
C GLY B 156 4.01 33.89 16.26
N LYS B 157 3.92 35.17 16.59
CA LYS B 157 2.87 35.70 17.45
C LYS B 157 1.95 36.62 16.66
N HIS B 158 1.59 36.19 15.44
CA HIS B 158 0.69 36.99 14.61
C HIS B 158 -0.74 36.88 15.12
N GLY B 159 -1.17 35.69 15.51
CA GLY B 159 -2.52 35.48 15.98
C GLY B 159 -2.64 35.50 17.49
N LYS B 160 -3.88 35.55 17.94
CA LYS B 160 -4.22 35.55 19.35
C LYS B 160 -4.66 34.15 19.76
N GLU B 161 -4.09 33.64 20.83
CA GLU B 161 -4.47 32.33 21.35
C GLU B 161 -5.51 32.48 22.44
N ILE B 162 -6.61 31.75 22.30
CA ILE B 162 -7.61 31.65 23.35
C ILE B 162 -7.58 30.25 23.90
N LYS B 163 -7.82 30.14 25.20
CA LYS B 163 -8.00 28.86 25.87
C LYS B 163 -9.48 28.67 26.16
N VAL B 164 -9.96 27.45 25.95
CA VAL B 164 -11.37 27.10 26.13
C VAL B 164 -11.43 25.86 27.02
N THR B 165 -12.17 25.95 28.12
CA THR B 165 -12.42 24.84 29.02
C THR B 165 -13.92 24.63 29.12
N PRO B 166 -14.37 23.45 29.57
CA PRO B 166 -15.82 23.27 29.75
C PRO B 166 -16.43 24.23 30.76
N GLN B 167 -15.63 24.80 31.66
CA GLN B 167 -16.14 25.81 32.58
C GLN B 167 -16.18 27.18 31.92
N SER B 168 -15.03 27.65 31.44
CA SER B 168 -14.98 28.89 30.66
C SER B 168 -14.91 28.55 29.18
N SER B 169 -16.06 28.15 28.65
CA SER B 169 -16.18 27.77 27.25
C SER B 169 -16.58 28.92 26.35
N ILE B 170 -17.01 30.04 26.92
CA ILE B 170 -17.22 31.27 26.19
C ILE B 170 -16.09 32.21 26.56
N THR B 171 -15.32 32.64 25.58
CA THR B 171 -14.22 33.56 25.80
C THR B 171 -14.11 34.51 24.63
N GLU B 172 -13.54 35.68 24.89
CA GLU B 172 -13.38 36.69 23.85
C GLU B 172 -11.90 36.96 23.66
N ALA B 173 -11.52 37.28 22.42
CA ALA B 173 -10.15 37.65 22.08
C ALA B 173 -10.17 39.03 21.43
N GLU B 174 -9.43 39.96 22.02
CA GLU B 174 -9.25 41.28 21.41
C GLU B 174 -8.18 41.17 20.34
N LEU B 175 -8.59 41.27 19.08
CA LEU B 175 -7.68 41.25 17.95
C LEU B 175 -7.28 42.69 17.66
N THR B 176 -6.03 43.02 17.97
CA THR B 176 -5.57 44.41 17.94
C THR B 176 -5.80 45.04 16.58
N GLY B 177 -6.64 46.07 16.54
CA GLY B 177 -7.04 46.71 15.33
C GLY B 177 -8.31 46.18 14.71
N TYR B 178 -8.72 44.96 15.09
CA TYR B 178 -9.87 44.30 14.47
C TYR B 178 -11.01 44.11 15.43
N GLY B 179 -11.02 44.83 16.54
CA GLY B 179 -12.08 44.69 17.52
C GLY B 179 -11.94 43.42 18.34
N THR B 180 -13.09 42.86 18.69
CA THR B 180 -13.16 41.71 19.59
C THR B 180 -13.92 40.58 18.93
N VAL B 181 -13.42 39.35 19.09
CA VAL B 181 -14.12 38.16 18.64
C VAL B 181 -14.50 37.34 19.87
N THR B 182 -15.71 36.78 19.83
CA THR B 182 -16.23 35.95 20.91
C THR B 182 -16.44 34.54 20.39
N MET B 183 -15.91 33.56 21.11
CA MET B 183 -16.08 32.16 20.77
C MET B 183 -16.89 31.47 21.88
N GLU B 184 -18.03 30.92 21.52
CA GLU B 184 -18.83 30.11 22.43
C GLU B 184 -18.68 28.66 21.98
N CYS B 185 -17.73 27.97 22.59
CA CYS B 185 -17.44 26.61 22.20
C CYS B 185 -18.20 25.63 23.07
N SER B 186 -18.37 24.42 22.55
CA SER B 186 -18.99 23.32 23.28
C SER B 186 -17.95 22.22 23.45
N PRO B 187 -17.03 22.37 24.42
CA PRO B 187 -15.97 21.37 24.59
C PRO B 187 -16.42 20.07 25.22
N ARG B 188 -17.68 19.93 25.60
CA ARG B 188 -18.16 18.67 26.12
C ARG B 188 -18.73 17.76 25.04
N THR B 189 -18.91 18.27 23.82
CA THR B 189 -19.55 17.51 22.76
C THR B 189 -18.60 17.12 21.63
N GLY B 190 -17.33 17.51 21.68
CA GLY B 190 -16.40 17.10 20.65
C GLY B 190 -15.95 15.66 20.79
N LEU B 191 -15.20 15.38 21.85
CA LEU B 191 -14.81 14.03 22.21
C LEU B 191 -15.35 13.72 23.60
N ASP B 192 -15.79 12.49 23.81
CA ASP B 192 -16.37 12.07 25.07
C ASP B 192 -15.30 11.34 25.88
N PHE B 193 -14.60 12.11 26.71
CA PHE B 193 -13.48 11.56 27.48
C PHE B 193 -13.93 10.65 28.62
N ASN B 194 -15.24 10.59 28.91
CA ASN B 194 -15.75 9.57 29.81
C ASN B 194 -15.76 8.19 29.17
N GLU B 195 -15.61 8.11 27.85
CA GLU B 195 -15.55 6.85 27.12
C GLU B 195 -14.18 6.53 26.60
N MET B 196 -13.15 7.24 27.06
CA MET B 196 -11.83 7.16 26.46
C MET B 196 -10.78 6.93 27.52
N VAL B 197 -9.68 6.32 27.11
CA VAL B 197 -8.54 6.06 27.97
C VAL B 197 -7.31 6.68 27.32
N LEU B 198 -6.49 7.35 28.11
CA LEU B 198 -5.21 7.87 27.64
C LEU B 198 -4.18 6.79 27.94
N LEU B 199 -3.91 5.96 26.94
CA LEU B 199 -3.10 4.76 27.11
C LEU B 199 -1.65 5.12 26.90
N GLN B 200 -0.86 4.98 27.94
CA GLN B 200 0.58 5.23 27.88
C GLN B 200 1.31 3.89 27.93
N MET B 201 1.94 3.53 26.83
CA MET B 201 2.97 2.49 26.82
C MET B 201 4.30 3.23 26.83
N GLU B 202 5.40 2.51 26.63
CA GLU B 202 6.73 2.89 27.15
C GLU B 202 6.98 4.38 26.96
N ASN B 203 7.10 4.89 25.73
CA ASN B 203 7.29 6.32 25.51
C ASN B 203 6.25 6.90 24.58
N LYS B 204 5.30 6.08 24.14
CA LYS B 204 4.24 6.51 23.24
C LYS B 204 2.91 6.43 23.96
N ALA B 205 1.93 7.15 23.42
CA ALA B 205 0.63 7.24 24.04
C ALA B 205 -0.43 7.21 22.95
N TRP B 206 -1.58 6.67 23.30
CA TRP B 206 -2.71 6.59 22.38
C TRP B 206 -3.97 6.98 23.12
N LEU B 207 -4.91 7.56 22.39
CA LEU B 207 -6.26 7.74 22.88
C LEU B 207 -7.08 6.55 22.42
N VAL B 208 -7.63 5.80 23.37
CA VAL B 208 -8.30 4.54 23.04
C VAL B 208 -9.66 4.47 23.71
N HIS B 209 -10.53 3.69 23.10
CA HIS B 209 -11.85 3.43 23.63
C HIS B 209 -11.75 2.73 24.98
N ARG B 210 -12.55 3.18 25.94
CA ARG B 210 -12.45 2.71 27.31
C ARG B 210 -12.87 1.24 27.43
N GLN B 211 -13.95 0.85 26.77
CA GLN B 211 -14.40 -0.53 26.89
C GLN B 211 -13.43 -1.49 26.22
N TRP B 212 -12.83 -1.09 25.09
CA TRP B 212 -11.78 -1.90 24.47
C TRP B 212 -10.57 -2.04 25.40
N PHE B 213 -10.22 -0.95 26.08
CA PHE B 213 -9.07 -0.97 26.99
C PHE B 213 -9.29 -1.93 28.15
N LEU B 214 -10.52 -1.98 28.68
CA LEU B 214 -10.82 -2.89 29.78
C LEU B 214 -10.96 -4.32 29.30
N ASP B 215 -11.20 -4.54 28.02
CA ASP B 215 -11.28 -5.87 27.44
C ASP B 215 -9.92 -6.39 26.96
N LEU B 216 -8.83 -5.76 27.34
CA LEU B 216 -7.51 -6.21 26.90
C LEU B 216 -7.14 -7.50 27.60
N PRO B 217 -6.78 -8.55 26.86
CA PRO B 217 -6.38 -9.85 27.45
C PRO B 217 -4.94 -9.87 27.95
N LEU B 218 -4.67 -9.06 28.96
CA LEU B 218 -3.37 -8.94 29.59
C LEU B 218 -3.57 -8.87 31.09
N PRO B 219 -2.54 -9.18 31.88
CA PRO B 219 -2.66 -9.02 33.33
C PRO B 219 -2.79 -7.55 33.71
N TRP B 220 -3.62 -7.27 34.72
CA TRP B 220 -3.85 -5.89 35.09
C TRP B 220 -3.94 -5.70 36.60
N LEU B 221 -3.58 -4.49 37.03
CA LEU B 221 -3.74 -3.97 38.36
C LEU B 221 -4.71 -2.80 38.36
N PRO B 222 -5.57 -2.66 39.36
CA PRO B 222 -6.35 -1.43 39.49
C PRO B 222 -5.43 -0.22 39.64
N GLY B 223 -5.95 0.94 39.25
CA GLY B 223 -5.15 2.16 39.29
C GLY B 223 -4.62 2.51 40.67
N ALA B 224 -5.37 2.14 41.72
CA ALA B 224 -4.90 2.41 43.08
C ALA B 224 -3.74 1.51 43.49
N ASP B 225 -3.57 0.36 42.86
CA ASP B 225 -2.57 -0.60 43.30
C ASP B 225 -1.17 -0.01 43.21
N THR B 226 -0.46 -0.06 44.34
CA THR B 226 0.90 0.46 44.44
C THR B 226 1.95 -0.63 44.62
N GLN B 227 1.57 -1.82 45.10
CA GLN B 227 2.53 -2.89 45.35
C GLN B 227 2.83 -3.72 44.11
N GLY B 228 1.82 -4.06 43.34
CA GLY B 228 2.02 -4.96 42.22
C GLY B 228 2.06 -6.42 42.62
N SER B 229 1.16 -6.84 43.52
CA SER B 229 1.14 -8.19 44.03
C SER B 229 -0.20 -8.86 43.81
N ASN B 230 -1.09 -8.25 43.05
CA ASN B 230 -2.45 -8.73 42.89
C ASN B 230 -2.86 -8.62 41.43
N TRP B 231 -1.98 -9.03 40.54
CA TRP B 231 -2.26 -8.94 39.11
C TRP B 231 -3.45 -9.82 38.75
N ILE B 232 -4.43 -9.22 38.11
CA ILE B 232 -5.61 -9.94 37.66
C ILE B 232 -5.29 -10.59 36.32
N GLN B 233 -5.80 -11.81 36.11
CA GLN B 233 -5.61 -12.63 34.93
C GLN B 233 -4.12 -12.70 34.50
N LYS B 234 -3.31 -13.23 35.41
CA LYS B 234 -1.91 -13.51 35.11
C LYS B 234 -1.75 -14.61 34.07
N GLU B 235 -2.77 -15.45 33.89
CA GLU B 235 -2.70 -16.57 32.96
C GLU B 235 -2.62 -16.11 31.52
N THR B 236 -3.05 -14.89 31.22
CA THR B 236 -2.90 -14.35 29.87
C THR B 236 -1.45 -14.17 29.47
N LEU B 237 -0.53 -14.08 30.43
CA LEU B 237 0.87 -13.82 30.14
C LEU B 237 1.77 -15.01 30.47
N VAL B 238 1.19 -16.17 30.77
CA VAL B 238 1.97 -17.37 31.03
C VAL B 238 1.29 -18.53 30.31
N THR B 239 2.05 -19.61 30.16
CA THR B 239 1.48 -20.86 29.68
C THR B 239 2.07 -22.01 30.48
N PHE B 240 1.20 -22.93 30.85
CA PHE B 240 1.60 -24.16 31.52
C PHE B 240 1.70 -25.26 30.48
N LYS B 241 2.79 -26.01 30.53
CA LYS B 241 3.06 -27.07 29.58
C LYS B 241 3.14 -28.40 30.31
N ASN B 242 2.34 -29.36 29.86
CA ASN B 242 2.42 -30.75 30.30
C ASN B 242 2.53 -31.58 29.03
N PRO B 243 3.73 -31.66 28.46
CA PRO B 243 3.86 -32.23 27.10
C PRO B 243 3.40 -33.68 26.99
N HIS B 244 3.76 -34.52 27.95
CA HIS B 244 3.52 -35.96 27.84
C HIS B 244 2.83 -36.49 29.09
N ALA B 245 1.95 -35.68 29.69
CA ALA B 245 1.25 -36.03 30.92
C ALA B 245 2.20 -36.66 31.93
N LYS B 246 3.36 -36.03 32.08
CA LYS B 246 4.41 -36.59 32.93
C LYS B 246 4.98 -35.53 33.87
N LYS B 247 4.92 -34.26 33.48
CA LYS B 247 5.52 -33.20 34.27
C LYS B 247 4.99 -31.87 33.76
N GLN B 248 4.51 -31.03 34.68
CA GLN B 248 3.97 -29.74 34.33
C GLN B 248 5.00 -28.65 34.62
N ASP B 249 5.18 -27.73 33.68
CA ASP B 249 6.01 -26.57 33.90
C ASP B 249 5.28 -25.33 33.38
N VAL B 250 5.72 -24.18 33.86
CA VAL B 250 5.10 -22.91 33.53
C VAL B 250 6.17 -21.95 33.03
N VAL B 251 5.86 -21.23 31.97
CA VAL B 251 6.80 -20.31 31.36
C VAL B 251 6.09 -19.00 31.11
N VAL B 252 6.82 -17.91 31.28
CA VAL B 252 6.26 -16.60 31.02
C VAL B 252 6.26 -16.37 29.51
N LEU B 253 5.15 -15.84 29.01
CA LEU B 253 5.11 -15.40 27.63
C LEU B 253 5.98 -14.16 27.47
N GLY B 254 6.39 -13.91 26.24
CA GLY B 254 7.30 -12.82 25.95
C GLY B 254 6.64 -11.48 26.06
N SER B 255 7.44 -10.44 25.79
CA SER B 255 6.96 -9.08 25.85
C SER B 255 5.88 -8.82 24.82
N GLN B 256 4.79 -8.20 25.27
CA GLN B 256 3.63 -7.91 24.44
C GLN B 256 3.63 -6.50 23.89
N GLU B 257 4.78 -5.83 23.87
CA GLU B 257 4.83 -4.46 23.39
C GLU B 257 4.50 -4.37 21.90
N GLY B 258 5.10 -5.25 21.09
CA GLY B 258 4.83 -5.25 19.67
C GLY B 258 3.45 -5.78 19.32
N ALA B 259 2.93 -6.71 20.11
CA ALA B 259 1.54 -7.13 19.93
C ALA B 259 0.58 -6.02 20.34
N MET B 260 0.93 -5.22 21.36
CA MET B 260 0.09 -4.09 21.72
C MET B 260 0.12 -3.01 20.66
N HIS B 261 1.27 -2.83 20.00
CA HIS B 261 1.33 -1.88 18.88
C HIS B 261 0.41 -2.30 17.75
N THR B 262 0.37 -3.59 17.45
CA THR B 262 -0.61 -4.12 16.52
C THR B 262 -2.02 -3.86 17.02
N ALA B 263 -2.24 -4.08 18.32
CA ALA B 263 -3.57 -3.89 18.90
C ALA B 263 -4.03 -2.44 18.82
N LEU B 264 -3.10 -1.49 18.77
CA LEU B 264 -3.40 -0.07 18.77
C LEU B 264 -3.58 0.50 17.36
N THR B 265 -3.89 -0.34 16.38
CA THR B 265 -3.79 0.04 14.98
C THR B 265 -4.68 1.24 14.64
N GLY B 266 -5.97 1.13 14.90
CA GLY B 266 -6.86 2.19 14.48
C GLY B 266 -7.05 3.27 15.52
N ALA B 267 -6.18 3.31 16.52
CA ALA B 267 -6.22 4.34 17.54
C ALA B 267 -5.32 5.50 17.16
N THR B 268 -5.61 6.66 17.72
CA THR B 268 -4.85 7.87 17.42
C THR B 268 -3.78 8.08 18.48
N GLU B 269 -2.54 8.21 18.03
CA GLU B 269 -1.43 8.49 18.93
C GLU B 269 -1.56 9.89 19.52
N ILE B 270 -1.24 10.00 20.80
CA ILE B 270 -1.22 11.27 21.52
C ILE B 270 0.14 11.39 22.21
N GLN B 271 0.30 12.47 22.97
CA GLN B 271 1.53 12.74 23.69
C GLN B 271 1.22 12.78 25.18
N MET B 272 1.90 11.93 25.95
CA MET B 272 1.75 11.89 27.40
C MET B 272 3.11 11.93 28.07
N SER B 273 3.98 12.80 27.61
CA SER B 273 5.31 12.97 28.20
C SER B 273 5.53 14.34 28.79
N SER B 274 5.02 15.39 28.16
CA SER B 274 5.15 16.75 28.67
C SER B 274 3.78 17.29 29.04
N GLY B 275 2.99 16.49 29.73
CA GLY B 275 1.57 16.72 29.85
C GLY B 275 0.79 15.96 28.80
N ASN B 276 -0.50 15.81 29.05
CA ASN B 276 -1.34 15.00 28.17
C ASN B 276 -1.86 15.89 27.07
N LEU B 277 -1.11 15.93 25.97
CA LEU B 277 -1.42 16.79 24.84
C LEU B 277 -2.04 15.96 23.73
N LEU B 278 -3.23 16.34 23.30
CA LEU B 278 -3.89 15.71 22.18
C LEU B 278 -3.88 16.66 20.99
N PHE B 279 -3.43 16.16 19.86
CA PHE B 279 -3.46 16.89 18.60
C PHE B 279 -4.38 16.19 17.63
N THR B 280 -5.50 15.73 18.15
CA THR B 280 -6.49 14.99 17.39
C THR B 280 -7.86 15.40 17.92
N GLY B 281 -8.87 15.30 17.07
CA GLY B 281 -10.21 15.63 17.49
C GLY B 281 -10.58 17.07 17.22
N HIS B 282 -11.79 17.42 17.60
CA HIS B 282 -12.38 18.66 17.15
C HIS B 282 -12.98 19.43 18.31
N LEU B 283 -13.34 20.67 18.03
CA LEU B 283 -14.07 21.54 18.94
C LEU B 283 -15.11 22.30 18.14
N LYS B 284 -16.36 22.21 18.57
CA LYS B 284 -17.44 22.96 17.94
C LYS B 284 -17.62 24.27 18.69
N CYS B 285 -17.66 25.37 17.95
CA CYS B 285 -17.69 26.70 18.53
C CYS B 285 -18.70 27.56 17.78
N ARG B 286 -19.30 28.50 18.49
CA ARG B 286 -20.11 29.54 17.89
C ARG B 286 -19.28 30.81 17.87
N LEU B 287 -18.96 31.27 16.67
CA LEU B 287 -18.14 32.45 16.46
C LEU B 287 -19.04 33.68 16.40
N ARG B 288 -18.80 34.65 17.28
CA ARG B 288 -19.58 35.88 17.29
C ARG B 288 -18.75 37.02 16.75
N MET B 289 -19.20 37.59 15.63
CA MET B 289 -18.48 38.66 14.94
C MET B 289 -19.05 40.04 15.21
N ASP B 290 -20.02 40.16 16.12
CA ASP B 290 -20.70 41.44 16.35
C ASP B 290 -19.71 42.55 16.65
N LYS B 291 -18.76 42.29 17.54
CA LYS B 291 -17.77 43.29 17.90
C LYS B 291 -16.52 43.24 17.04
N LEU B 292 -16.56 42.52 15.91
CA LEU B 292 -15.46 42.57 14.95
C LEU B 292 -15.56 43.82 14.10
N GLN B 293 -14.42 44.33 13.68
CA GLN B 293 -14.38 45.51 12.85
C GLN B 293 -13.22 45.40 11.87
N LEU B 294 -13.43 45.88 10.66
CA LEU B 294 -12.35 45.96 9.70
C LEU B 294 -11.41 47.09 10.06
N LYS B 295 -10.11 46.80 9.99
CA LYS B 295 -9.11 47.79 10.37
C LYS B 295 -8.85 48.75 9.22
N GLY B 296 -8.62 50.01 9.56
CA GLY B 296 -8.29 51.02 8.58
C GLY B 296 -9.38 51.28 7.55
N MET B 297 -10.63 51.09 7.93
CA MET B 297 -11.74 51.30 7.00
C MET B 297 -12.04 52.76 6.75
N SER B 298 -11.52 53.67 7.57
CA SER B 298 -11.59 55.09 7.32
C SER B 298 -10.44 55.61 6.48
N TYR B 299 -9.47 54.77 6.16
CA TYR B 299 -8.33 55.20 5.36
C TYR B 299 -8.77 55.56 3.95
N SER B 300 -8.04 56.47 3.34
CA SER B 300 -8.20 56.75 1.92
C SER B 300 -7.38 55.75 1.11
N MET B 301 -7.73 55.62 -0.17
CA MET B 301 -7.03 54.68 -1.03
C MET B 301 -5.64 55.21 -1.36
N CYS B 302 -4.67 54.31 -1.39
CA CYS B 302 -3.33 54.68 -1.82
C CYS B 302 -3.37 55.17 -3.26
N THR B 303 -2.57 56.19 -3.55
CA THR B 303 -2.47 56.72 -4.90
C THR B 303 -1.09 56.52 -5.51
N GLY B 304 -0.15 55.96 -4.77
CA GLY B 304 1.18 55.73 -5.27
C GLY B 304 1.30 54.44 -6.05
N LYS B 305 2.55 54.08 -6.33
CA LYS B 305 2.85 52.85 -7.05
C LYS B 305 3.14 51.72 -6.08
N PHE B 306 2.77 50.51 -6.49
CA PHE B 306 3.10 49.29 -5.78
C PHE B 306 4.11 48.47 -6.58
N LYS B 307 4.89 47.67 -5.89
CA LYS B 307 5.77 46.73 -6.54
C LYS B 307 5.52 45.35 -5.95
N VAL B 308 5.56 44.32 -6.80
CA VAL B 308 5.43 42.95 -6.33
C VAL B 308 6.77 42.53 -5.73
N VAL B 309 6.76 42.15 -4.46
CA VAL B 309 7.94 41.66 -3.79
C VAL B 309 7.91 40.15 -3.56
N LYS B 310 6.77 39.50 -3.76
CA LYS B 310 6.71 38.06 -3.84
C LYS B 310 5.62 37.69 -4.83
N GLU B 311 5.98 36.95 -5.87
CA GLU B 311 5.10 36.71 -7.00
C GLU B 311 3.82 36.00 -6.58
N ILE B 312 2.74 36.24 -7.34
CA ILE B 312 1.49 35.54 -7.14
C ILE B 312 1.74 34.03 -7.05
N ALA B 313 1.10 33.39 -6.08
CA ALA B 313 1.24 31.97 -5.87
C ALA B 313 -0.13 31.38 -5.57
N GLU B 314 -0.51 30.35 -6.31
CA GLU B 314 -1.76 29.67 -6.08
C GLU B 314 -1.64 28.71 -4.90
N THR B 315 -2.68 28.64 -4.09
CA THR B 315 -2.77 27.68 -3.00
C THR B 315 -3.57 26.46 -3.45
N GLN B 316 -3.60 25.46 -2.58
CA GLN B 316 -4.25 24.20 -2.91
C GLN B 316 -5.76 24.31 -3.03
N HIS B 317 -6.35 25.45 -2.68
CA HIS B 317 -7.79 25.62 -2.69
C HIS B 317 -8.27 26.57 -3.76
N GLY B 318 -7.41 26.95 -4.70
CA GLY B 318 -7.81 27.82 -5.78
C GLY B 318 -7.71 29.30 -5.48
N THR B 319 -7.09 29.69 -4.38
CA THR B 319 -6.85 31.09 -4.09
C THR B 319 -5.41 31.43 -4.42
N ILE B 320 -5.15 32.71 -4.57
CA ILE B 320 -3.80 33.18 -4.82
C ILE B 320 -3.38 34.06 -3.65
N VAL B 321 -2.08 34.11 -3.41
CA VAL B 321 -1.49 35.05 -2.49
C VAL B 321 -0.39 35.80 -3.22
N ILE B 322 -0.26 37.09 -2.92
CA ILE B 322 0.77 37.93 -3.48
C ILE B 322 1.23 38.88 -2.39
N ARG B 323 2.51 39.18 -2.35
CA ARG B 323 3.07 40.19 -1.46
C ARG B 323 3.49 41.39 -2.29
N VAL B 324 2.88 42.54 -2.02
CA VAL B 324 3.24 43.78 -2.68
C VAL B 324 3.83 44.72 -1.65
N GLN B 325 4.62 45.67 -2.14
CA GLN B 325 5.15 46.74 -1.31
C GLN B 325 4.73 48.08 -1.88
N TYR B 326 4.35 49.00 -1.00
CA TYR B 326 3.97 50.33 -1.41
C TYR B 326 5.19 51.20 -1.61
N GLU B 327 5.13 52.06 -2.62
CA GLU B 327 6.21 52.99 -2.92
C GLU B 327 5.77 54.45 -2.87
N GLY B 328 4.48 54.72 -2.75
CA GLY B 328 3.96 56.07 -2.74
C GLY B 328 3.95 56.68 -1.36
N ASP B 329 3.15 57.73 -1.22
CA ASP B 329 2.98 58.47 0.02
C ASP B 329 1.54 58.29 0.53
N GLY B 330 1.29 58.83 1.70
CA GLY B 330 -0.04 58.73 2.28
C GLY B 330 -0.29 57.50 3.12
N SER B 331 0.75 56.78 3.53
CA SER B 331 0.57 55.68 4.46
C SER B 331 0.15 56.22 5.82
N PRO B 332 -0.82 55.59 6.48
CA PRO B 332 -1.54 54.37 6.08
C PRO B 332 -2.66 54.63 5.09
N CYS B 333 -2.85 53.72 4.15
CA CYS B 333 -3.87 53.91 3.12
C CYS B 333 -4.42 52.56 2.70
N LYS B 334 -5.55 52.60 2.02
CA LYS B 334 -6.16 51.40 1.48
C LYS B 334 -5.52 51.03 0.16
N ILE B 335 -5.31 49.73 -0.05
CA ILE B 335 -4.66 49.23 -1.26
C ILE B 335 -5.75 49.01 -2.31
N PRO B 336 -5.66 49.67 -3.46
CA PRO B 336 -6.59 49.34 -4.56
C PRO B 336 -6.26 47.98 -5.16
N PHE B 337 -7.18 47.02 -5.03
CA PHE B 337 -6.94 45.64 -5.45
C PHE B 337 -8.23 45.10 -6.02
N GLU B 338 -8.19 44.66 -7.27
CA GLU B 338 -9.33 44.06 -7.93
C GLU B 338 -8.86 42.91 -8.80
N ILE B 339 -9.79 42.01 -9.11
CA ILE B 339 -9.55 40.93 -10.06
C ILE B 339 -10.58 41.11 -11.16
N MET B 340 -10.10 41.45 -12.36
CA MET B 340 -10.97 41.85 -13.45
C MET B 340 -10.60 41.07 -14.71
N ASP B 341 -11.48 41.20 -15.71
CA ASP B 341 -11.18 40.69 -17.03
C ASP B 341 -10.10 41.55 -17.69
N LEU B 342 -9.74 41.20 -18.92
CA LEU B 342 -8.65 41.87 -19.60
C LEU B 342 -8.96 43.33 -19.90
N GLU B 343 -10.21 43.65 -20.21
CA GLU B 343 -10.60 45.03 -20.47
C GLU B 343 -10.99 45.80 -19.22
N LYS B 344 -10.99 45.15 -18.06
CA LYS B 344 -11.37 45.77 -16.79
C LYS B 344 -12.82 46.25 -16.83
N ARG B 345 -13.66 45.53 -17.54
CA ARG B 345 -15.09 45.81 -17.61
C ARG B 345 -15.82 45.19 -16.44
N HIS B 346 -15.52 43.93 -16.14
CA HIS B 346 -16.22 43.17 -15.13
C HIS B 346 -15.27 42.82 -13.99
N VAL B 347 -15.82 42.77 -12.78
CA VAL B 347 -15.10 42.28 -11.62
C VAL B 347 -15.31 40.77 -11.56
N LEU B 348 -14.22 40.03 -11.62
CA LEU B 348 -14.27 38.59 -11.80
C LEU B 348 -14.02 37.79 -10.53
N GLY B 349 -13.23 38.34 -9.60
CA GLY B 349 -12.93 37.63 -8.38
C GLY B 349 -12.97 38.58 -7.19
N ARG B 350 -12.84 37.99 -6.01
CA ARG B 350 -12.99 38.72 -4.77
C ARG B 350 -11.74 38.58 -3.92
N LEU B 351 -11.67 39.40 -2.89
CA LEU B 351 -10.61 39.34 -1.91
C LEU B 351 -10.95 38.32 -0.82
N ILE B 352 -9.93 37.62 -0.36
CA ILE B 352 -9.99 36.95 0.94
C ILE B 352 -9.53 37.90 2.03
N THR B 353 -8.36 38.51 1.83
CA THR B 353 -7.86 39.58 2.71
C THR B 353 -8.65 40.85 2.41
N VAL B 354 -9.87 40.88 2.94
CA VAL B 354 -10.76 42.01 2.70
C VAL B 354 -10.18 43.27 3.31
N ASN B 355 -10.35 44.39 2.61
CA ASN B 355 -9.84 45.71 2.97
C ASN B 355 -8.33 45.68 3.19
N PRO B 356 -7.51 45.33 2.18
CA PRO B 356 -6.07 45.37 2.38
C PRO B 356 -5.57 46.81 2.49
N ILE B 357 -4.67 47.02 3.44
CA ILE B 357 -4.18 48.35 3.77
C ILE B 357 -2.67 48.32 3.80
N VAL B 358 -2.09 49.51 3.75
CA VAL B 358 -0.66 49.71 3.96
C VAL B 358 -0.53 50.36 5.32
N THR B 359 0.04 49.65 6.29
CA THR B 359 0.26 50.27 7.59
C THR B 359 1.51 51.13 7.56
N GLU B 360 2.64 50.56 7.16
CA GLU B 360 3.87 51.30 6.95
C GLU B 360 4.31 51.14 5.52
N LYS B 361 4.92 52.21 4.98
CA LYS B 361 5.30 52.22 3.58
C LYS B 361 6.21 51.04 3.24
N ASP B 362 7.22 50.80 4.06
CA ASP B 362 8.24 49.81 3.72
C ASP B 362 7.91 48.40 4.20
N SER B 363 6.79 48.20 4.87
CA SER B 363 6.37 46.87 5.26
C SER B 363 5.53 46.27 4.15
N PRO B 364 5.98 45.19 3.50
CA PRO B 364 5.17 44.60 2.43
C PRO B 364 3.87 44.02 2.98
N VAL B 365 2.88 43.95 2.11
CA VAL B 365 1.54 43.49 2.47
C VAL B 365 1.24 42.21 1.70
N ASN B 366 0.73 41.20 2.41
CA ASN B 366 0.31 39.96 1.80
C ASN B 366 -1.19 40.00 1.56
N ILE B 367 -1.60 39.61 0.37
CA ILE B 367 -2.99 39.71 -0.04
C ILE B 367 -3.39 38.37 -0.64
N GLU B 368 -4.42 37.75 -0.07
CA GLU B 368 -5.00 36.55 -0.65
C GLU B 368 -6.29 36.92 -1.36
N ALA B 369 -6.51 36.31 -2.52
CA ALA B 369 -7.69 36.58 -3.32
C ALA B 369 -8.14 35.30 -3.99
N GLU B 370 -9.39 35.28 -4.44
CA GLU B 370 -9.94 34.13 -5.11
C GLU B 370 -10.26 34.50 -6.56
N PRO B 371 -9.42 34.13 -7.53
CA PRO B 371 -9.70 34.45 -8.91
C PRO B 371 -10.76 33.52 -9.48
N PRO B 372 -11.41 33.91 -10.56
CA PRO B 372 -12.33 32.98 -11.22
C PRO B 372 -11.54 31.86 -11.89
N PHE B 373 -12.26 30.87 -12.37
CA PHE B 373 -11.62 29.85 -13.19
C PHE B 373 -11.28 30.44 -14.55
N GLY B 374 -10.07 30.15 -15.01
CA GLY B 374 -9.61 30.66 -16.28
C GLY B 374 -8.78 31.91 -16.14
N ASP B 375 -8.87 32.79 -17.14
CA ASP B 375 -8.06 33.99 -17.19
C ASP B 375 -8.66 35.09 -16.33
N SER B 376 -7.78 35.82 -15.65
CA SER B 376 -8.16 36.96 -14.83
C SER B 376 -6.91 37.78 -14.58
N TYR B 377 -7.12 39.02 -14.17
CA TYR B 377 -6.04 40.00 -14.07
C TYR B 377 -6.11 40.64 -12.70
N ILE B 378 -5.01 40.54 -11.97
CA ILE B 378 -4.92 41.11 -10.63
C ILE B 378 -4.42 42.53 -10.79
N ILE B 379 -5.31 43.49 -10.53
CA ILE B 379 -5.03 44.90 -10.74
C ILE B 379 -4.80 45.54 -9.38
N ILE B 380 -3.60 46.07 -9.17
CA ILE B 380 -3.16 46.54 -7.87
C ILE B 380 -2.77 48.00 -8.00
N GLY B 381 -3.37 48.83 -7.17
CA GLY B 381 -3.10 50.25 -7.20
C GLY B 381 -3.87 50.94 -8.29
N VAL B 382 -3.61 52.22 -8.42
CA VAL B 382 -4.27 53.05 -9.42
C VAL B 382 -3.18 53.68 -10.28
N GLU B 383 -3.51 53.93 -11.54
CA GLU B 383 -2.57 54.56 -12.44
C GLU B 383 -2.21 55.95 -11.91
N PRO B 384 -0.99 56.43 -12.19
CA PRO B 384 0.07 55.80 -12.98
C PRO B 384 0.81 54.68 -12.24
N GLY B 385 1.42 53.77 -12.99
CA GLY B 385 2.17 52.67 -12.39
C GLY B 385 1.33 51.53 -11.87
N GLN B 386 0.12 51.37 -12.39
CA GLN B 386 -0.80 50.36 -11.88
C GLN B 386 -0.31 48.96 -12.22
N LEU B 387 -0.28 48.09 -11.23
CA LEU B 387 0.11 46.71 -11.44
C LEU B 387 -1.02 45.95 -12.10
N LYS B 388 -0.73 45.26 -13.19
CA LYS B 388 -1.68 44.41 -13.89
C LYS B 388 -1.00 43.07 -14.11
N LEU B 389 -1.49 42.04 -13.44
CA LEU B 389 -0.83 40.74 -13.40
C LEU B 389 -1.77 39.71 -13.97
N SER B 390 -1.33 39.02 -15.01
CA SER B 390 -2.13 37.95 -15.58
C SER B 390 -2.10 36.74 -14.67
N TRP B 391 -3.24 36.08 -14.56
CA TRP B 391 -3.33 34.86 -13.79
C TRP B 391 -4.29 33.91 -14.48
N PHE B 392 -3.89 32.65 -14.59
CA PHE B 392 -4.79 31.63 -15.09
C PHE B 392 -5.05 30.62 -13.98
N LYS B 393 -6.31 30.26 -13.83
CA LYS B 393 -6.74 29.28 -12.84
C LYS B 393 -7.25 28.06 -13.58
N LYS B 394 -6.58 26.92 -13.37
CA LYS B 394 -7.02 25.68 -13.98
C LYS B 394 -8.24 25.14 -13.25
N GLY B 395 -8.97 24.28 -13.93
CA GLY B 395 -10.20 23.73 -13.40
C GLY B 395 -11.42 24.45 -13.92
N SER B 396 -12.56 24.08 -13.35
CA SER B 396 -13.84 24.65 -13.74
C SER B 396 -14.72 24.74 -12.51
N SER B 397 -15.87 25.41 -12.68
CA SER B 397 -16.83 25.52 -11.59
C SER B 397 -17.51 24.19 -11.31
N ILE B 398 -17.75 23.39 -12.34
CA ILE B 398 -18.39 22.09 -12.16
C ILE B 398 -17.50 21.18 -11.32
N GLY B 399 -16.22 21.12 -11.66
CA GLY B 399 -15.28 20.33 -10.87
C GLY B 399 -15.10 20.87 -9.47
N GLN B 400 -15.28 22.17 -9.29
CA GLN B 400 -15.22 22.73 -7.94
C GLN B 400 -16.45 22.31 -7.13
N MET B 401 -17.61 22.24 -7.76
CA MET B 401 -18.79 21.77 -7.06
C MET B 401 -18.67 20.30 -6.67
N PHE B 402 -17.90 19.54 -7.43
CA PHE B 402 -17.65 18.15 -7.05
C PHE B 402 -16.67 18.08 -5.89
N GLU B 403 -15.63 18.93 -5.90
CA GLU B 403 -14.69 18.94 -4.79
C GLU B 403 -15.35 19.44 -3.51
N THR B 404 -16.26 20.41 -3.62
CA THR B 404 -16.98 20.90 -2.46
C THR B 404 -17.93 19.83 -1.91
N THR B 405 -18.56 19.08 -2.82
CA THR B 405 -19.43 18.00 -2.39
C THR B 405 -18.66 16.90 -1.68
N MET B 406 -17.48 16.55 -2.21
CA MET B 406 -16.65 15.51 -1.60
C MET B 406 -16.08 15.99 -0.27
N ARG B 407 -15.74 17.27 -0.17
CA ARG B 407 -15.23 17.80 1.09
C ARG B 407 -16.30 17.82 2.16
N GLY B 408 -17.56 18.06 1.76
CA GLY B 408 -18.66 17.96 2.71
C GLY B 408 -18.97 16.52 3.08
N ALA B 409 -18.99 15.63 2.09
CA ALA B 409 -19.18 14.21 2.37
C ALA B 409 -18.11 13.70 3.33
N LYS B 410 -16.84 14.04 3.07
CA LYS B 410 -15.79 13.59 3.96
C LYS B 410 -15.93 14.17 5.37
N ARG B 411 -16.51 15.37 5.49
CA ARG B 411 -16.70 15.95 6.81
C ARG B 411 -17.77 15.20 7.60
N MET B 412 -18.90 14.90 6.96
CA MET B 412 -19.90 14.06 7.59
C MET B 412 -19.32 12.70 7.98
N ALA B 413 -18.41 12.16 7.18
CA ALA B 413 -17.77 10.91 7.52
C ALA B 413 -16.93 11.04 8.79
N ILE B 414 -16.15 12.12 8.88
CA ILE B 414 -15.29 12.32 10.05
C ILE B 414 -16.11 12.74 11.25
N LEU B 415 -16.91 13.81 11.12
CA LEU B 415 -17.58 14.43 12.26
C LEU B 415 -18.98 13.89 12.51
N GLY B 416 -19.53 13.06 11.62
CA GLY B 416 -20.88 12.59 11.82
C GLY B 416 -21.88 13.72 11.73
N ASP B 417 -22.78 13.79 12.70
CA ASP B 417 -23.80 14.83 12.73
C ASP B 417 -23.25 16.17 13.18
N THR B 418 -22.05 16.23 13.73
CA THR B 418 -21.41 17.50 14.02
C THR B 418 -21.05 18.26 12.75
N ALA B 419 -20.98 17.58 11.62
CA ALA B 419 -20.68 18.26 10.36
C ALA B 419 -21.77 19.25 9.98
N TRP B 420 -23.00 19.03 10.43
CA TRP B 420 -24.10 19.97 10.21
C TRP B 420 -23.91 21.28 10.95
N ASP B 421 -23.00 21.34 11.90
CA ASP B 421 -22.68 22.57 12.61
C ASP B 421 -21.57 23.38 11.97
N PHE B 422 -20.98 22.92 10.86
CA PHE B 422 -19.67 23.43 10.49
C PHE B 422 -19.72 24.86 9.98
N GLY B 423 -20.71 25.21 9.19
CA GLY B 423 -20.86 26.59 8.80
C GLY B 423 -22.29 27.03 9.04
N SER B 424 -22.88 26.51 10.11
CA SER B 424 -24.30 26.70 10.35
C SER B 424 -24.59 28.14 10.76
N LEU B 425 -25.71 28.65 10.26
CA LEU B 425 -26.26 29.91 10.71
C LEU B 425 -27.57 29.73 11.45
N GLY B 426 -27.94 28.50 11.78
CA GLY B 426 -29.09 28.24 12.62
C GLY B 426 -30.40 28.05 11.90
N GLY B 427 -30.38 27.59 10.65
CA GLY B 427 -31.60 27.45 9.89
C GLY B 427 -32.42 26.25 10.30
N VAL B 428 -33.62 26.17 9.74
CA VAL B 428 -34.50 25.05 10.03
C VAL B 428 -34.05 23.80 9.30
N PHE B 429 -33.58 23.95 8.06
CA PHE B 429 -33.08 22.81 7.30
C PHE B 429 -31.84 22.20 7.96
N THR B 430 -30.99 23.02 8.56
CA THR B 430 -29.83 22.50 9.26
C THR B 430 -30.24 21.72 10.51
N SER B 431 -31.20 22.25 11.27
CA SER B 431 -31.66 21.56 12.47
C SER B 431 -32.33 20.25 12.12
N ILE B 432 -33.19 20.25 11.10
CA ILE B 432 -33.82 19.02 10.64
C ILE B 432 -32.78 18.06 10.12
N GLY B 433 -31.83 18.56 9.33
CA GLY B 433 -30.78 17.70 8.80
C GLY B 433 -29.92 17.10 9.88
N LYS B 434 -29.56 17.90 10.88
CA LYS B 434 -28.74 17.39 11.99
C LYS B 434 -29.51 16.38 12.82
N ALA B 435 -30.81 16.59 13.02
CA ALA B 435 -31.61 15.68 13.83
C ALA B 435 -31.74 14.32 13.15
N LEU B 436 -31.96 14.31 11.84
CA LEU B 436 -32.02 13.05 11.11
C LEU B 436 -30.67 12.34 11.12
N HIS B 437 -29.58 13.10 10.94
CA HIS B 437 -28.26 12.50 10.96
C HIS B 437 -27.93 11.92 12.33
N GLN B 438 -28.45 12.52 13.40
CA GLN B 438 -28.24 11.95 14.72
C GLN B 438 -28.94 10.60 14.87
N VAL B 439 -30.07 10.42 14.20
CA VAL B 439 -30.83 9.18 14.33
C VAL B 439 -30.26 8.11 13.43
N PHE B 440 -30.04 8.44 12.15
CA PHE B 440 -29.35 7.51 11.25
C PHE B 440 -27.92 7.25 11.72
N GLY B 441 -27.33 8.21 12.44
CA GLY B 441 -26.01 7.97 13.01
C GLY B 441 -26.04 7.02 14.19
N ALA B 442 -27.17 6.94 14.89
CA ALA B 442 -27.30 5.96 15.95
C ALA B 442 -27.56 4.56 15.40
N ILE B 443 -28.48 4.45 14.44
CA ILE B 443 -28.78 3.16 13.86
C ILE B 443 -27.59 2.62 13.07
N TYR B 444 -26.82 3.52 12.43
CA TYR B 444 -25.63 3.07 11.73
C TYR B 444 -24.48 2.83 12.69
N GLY B 445 -24.29 3.71 13.65
CA GLY B 445 -23.18 3.59 14.59
C GLY B 445 -23.31 2.43 15.56
N ALA B 446 -24.45 1.77 15.60
CA ALA B 446 -24.58 0.53 16.35
C ALA B 446 -24.44 -0.70 15.48
N ALA B 447 -24.87 -0.63 14.23
CA ALA B 447 -24.80 -1.78 13.33
C ALA B 447 -23.38 -2.04 12.82
N PHE B 448 -22.50 -1.05 12.85
CA PHE B 448 -21.18 -1.19 12.25
C PHE B 448 -20.06 -1.02 13.25
N SER B 449 -20.36 -0.98 14.55
CA SER B 449 -19.33 -0.85 15.56
C SER B 449 -18.47 -2.11 15.63
N GLY B 450 -17.16 -1.93 15.64
CA GLY B 450 -16.23 -3.03 15.71
C GLY B 450 -15.90 -3.67 14.38
N VAL B 451 -16.30 -3.07 13.28
CA VAL B 451 -16.18 -3.68 11.95
C VAL B 451 -15.09 -2.95 11.17
N SER B 452 -14.27 -3.72 10.46
CA SER B 452 -13.20 -3.16 9.66
C SER B 452 -13.73 -2.57 8.36
N TRP B 453 -12.86 -1.83 7.68
CA TRP B 453 -13.25 -1.21 6.41
C TRP B 453 -13.58 -2.26 5.35
N THR B 454 -12.86 -3.38 5.33
CA THR B 454 -13.17 -4.43 4.37
C THR B 454 -14.53 -5.04 4.65
N MET B 455 -14.86 -5.23 5.93
CA MET B 455 -16.18 -5.72 6.27
C MET B 455 -17.26 -4.69 5.96
N LYS B 456 -16.91 -3.41 5.98
CA LYS B 456 -17.86 -2.38 5.57
C LYS B 456 -18.06 -2.39 4.06
N ILE B 457 -16.98 -2.62 3.31
CA ILE B 457 -17.09 -2.72 1.86
C ILE B 457 -17.95 -3.91 1.47
N LEU B 458 -17.70 -5.06 2.11
CA LEU B 458 -18.49 -6.26 1.81
C LEU B 458 -19.96 -6.05 2.12
N ILE B 459 -20.26 -5.61 3.35
CA ILE B 459 -21.64 -5.39 3.73
C ILE B 459 -22.28 -4.31 2.85
N GLY B 460 -21.50 -3.30 2.48
CA GLY B 460 -22.01 -2.28 1.58
C GLY B 460 -22.41 -2.83 0.24
N VAL B 461 -21.61 -3.76 -0.30
CA VAL B 461 -21.94 -4.37 -1.58
C VAL B 461 -23.15 -5.29 -1.43
N VAL B 462 -23.17 -6.10 -0.37
CA VAL B 462 -24.30 -6.98 -0.11
C VAL B 462 -25.59 -6.17 0.00
N ILE B 463 -25.58 -5.12 0.82
CA ILE B 463 -26.77 -4.30 1.02
C ILE B 463 -27.19 -3.64 -0.29
N THR B 464 -26.22 -3.16 -1.06
CA THR B 464 -26.51 -2.57 -2.36
C THR B 464 -27.15 -3.59 -3.29
N TRP B 465 -26.64 -4.81 -3.27
CA TRP B 465 -27.16 -5.86 -4.15
C TRP B 465 -28.60 -6.21 -3.79
N ILE B 466 -28.93 -6.25 -2.50
CA ILE B 466 -30.31 -6.51 -2.12
C ILE B 466 -31.22 -5.40 -2.61
N GLY B 467 -30.73 -4.16 -2.57
CA GLY B 467 -31.52 -3.05 -3.08
C GLY B 467 -31.74 -3.11 -4.57
N MET B 468 -30.70 -3.46 -5.33
CA MET B 468 -30.85 -3.60 -6.77
C MET B 468 -31.74 -4.77 -7.16
N ASN B 469 -32.17 -5.59 -6.21
CA ASN B 469 -33.01 -6.73 -6.48
C ASN B 469 -34.37 -6.68 -5.81
N SER B 470 -34.59 -5.75 -4.89
CA SER B 470 -35.90 -5.55 -4.27
C SER B 470 -35.94 -4.25 -3.50
N THR B 473 -39.85 -0.30 -5.29
CA THR B 473 -38.89 0.75 -5.55
C THR B 473 -38.62 1.56 -4.29
N SER B 474 -39.56 1.55 -3.35
CA SER B 474 -39.35 2.23 -2.08
C SER B 474 -38.22 1.57 -1.30
N LEU B 475 -38.30 0.24 -1.13
CA LEU B 475 -37.25 -0.50 -0.45
C LEU B 475 -35.98 -0.59 -1.26
N SER B 476 -36.06 -0.45 -2.58
CA SER B 476 -34.88 -0.57 -3.43
C SER B 476 -33.98 0.65 -3.31
N VAL B 477 -34.57 1.85 -3.42
CA VAL B 477 -33.76 3.06 -3.32
C VAL B 477 -33.21 3.22 -1.92
N SER B 478 -33.93 2.75 -0.90
CA SER B 478 -33.47 2.89 0.47
C SER B 478 -32.22 2.04 0.71
N LEU B 479 -32.21 0.81 0.22
CA LEU B 479 -31.08 -0.07 0.47
C LEU B 479 -29.88 0.28 -0.40
N VAL B 480 -30.12 0.75 -1.62
CA VAL B 480 -29.01 1.22 -2.44
C VAL B 480 -28.38 2.48 -1.83
N LEU B 481 -29.18 3.32 -1.17
CA LEU B 481 -28.62 4.49 -0.49
C LEU B 481 -27.79 4.06 0.71
N VAL B 482 -28.35 3.22 1.57
CA VAL B 482 -27.59 2.64 2.66
C VAL B 482 -26.39 1.89 2.11
N GLY B 483 -26.55 1.22 0.97
CA GLY B 483 -25.46 0.49 0.38
C GLY B 483 -24.33 1.41 -0.07
N VAL B 484 -24.67 2.47 -0.80
CA VAL B 484 -23.63 3.35 -1.33
C VAL B 484 -23.06 4.27 -0.25
N VAL B 485 -23.81 4.54 0.82
CA VAL B 485 -23.24 5.29 1.93
C VAL B 485 -22.30 4.41 2.72
N THR B 486 -22.63 3.13 2.84
CA THR B 486 -21.76 2.18 3.51
C THR B 486 -20.48 1.94 2.71
N LEU B 487 -20.61 1.88 1.39
CA LEU B 487 -19.43 1.72 0.54
C LEU B 487 -18.55 2.96 0.59
N TYR B 488 -19.15 4.14 0.73
CA TYR B 488 -18.37 5.35 0.89
C TYR B 488 -17.65 5.38 2.23
N LEU B 489 -18.33 4.98 3.30
CA LEU B 489 -17.72 5.02 4.63
C LEU B 489 -16.65 3.96 4.79
N GLY B 490 -16.75 2.85 4.05
CA GLY B 490 -15.66 1.88 4.04
C GLY B 490 -14.44 2.37 3.30
N VAL B 491 -14.64 3.16 2.24
CA VAL B 491 -13.53 3.71 1.49
C VAL B 491 -12.87 4.85 2.26
N MET B 492 -13.62 5.56 3.09
CA MET B 492 -13.12 6.75 3.77
C MET B 492 -12.49 6.46 5.11
N VAL B 493 -13.00 5.47 5.85
CA VAL B 493 -12.48 5.17 7.17
C VAL B 493 -11.02 4.72 7.06
N GLN B 494 -10.27 4.90 8.15
CA GLN B 494 -8.85 4.62 8.12
C GLN B 494 -8.51 3.17 8.46
N ALA B 495 -9.34 2.49 9.23
CA ALA B 495 -9.04 1.14 9.66
C ALA B 495 -10.08 0.15 9.17
N MET C 1 9.81 -53.37 31.96
CA MET C 1 8.72 -52.98 32.85
C MET C 1 8.60 -51.46 32.92
N ARG C 2 9.45 -50.79 32.14
CA ARG C 2 9.46 -49.34 32.10
C ARG C 2 8.15 -48.76 31.58
N CYS C 3 7.43 -49.51 30.73
CA CYS C 3 6.15 -49.05 30.21
C CYS C 3 5.08 -48.98 31.28
N ILE C 4 5.21 -49.76 32.35
CA ILE C 4 4.14 -49.85 33.33
C ILE C 4 4.02 -48.53 34.09
N GLY C 5 2.86 -47.88 33.95
CA GLY C 5 2.61 -46.58 34.54
C GLY C 5 2.38 -45.48 33.52
N ILE C 6 2.76 -45.70 32.27
CA ILE C 6 2.47 -44.77 31.20
C ILE C 6 1.04 -44.96 30.74
N SER C 7 0.31 -43.86 30.56
CA SER C 7 -1.06 -43.98 30.07
C SER C 7 -1.10 -44.25 28.57
N ASN C 8 -0.14 -43.72 27.81
CA ASN C 8 -0.07 -43.97 26.37
C ASN C 8 0.81 -45.19 26.11
N ARG C 9 0.26 -46.34 26.48
CA ARG C 9 0.95 -47.61 26.38
C ARG C 9 0.22 -48.50 25.41
N ASP C 10 0.97 -49.17 24.54
CA ASP C 10 0.41 -50.10 23.59
C ASP C 10 0.96 -51.51 23.82
N PHE C 11 0.15 -52.50 23.47
CA PHE C 11 0.53 -53.90 23.53
C PHE C 11 0.53 -54.46 22.12
N VAL C 12 1.70 -54.83 21.62
CA VAL C 12 1.84 -55.43 20.32
C VAL C 12 2.10 -56.92 20.52
N GLU C 13 1.16 -57.74 20.06
CA GLU C 13 1.19 -59.18 20.30
C GLU C 13 1.52 -59.91 19.01
N GLY C 14 2.50 -60.79 19.07
CA GLY C 14 2.80 -61.66 17.94
C GLY C 14 3.80 -61.05 16.99
N VAL C 15 4.53 -61.93 16.30
CA VAL C 15 5.45 -61.53 15.25
C VAL C 15 5.00 -62.17 13.95
N SER C 16 5.66 -61.83 12.85
CA SER C 16 5.40 -62.46 11.58
C SER C 16 6.04 -63.84 11.54
N GLY C 17 5.81 -64.58 10.45
CA GLY C 17 6.49 -65.84 10.27
C GLY C 17 8.00 -65.70 10.33
N GLY C 18 8.53 -64.62 9.78
CA GLY C 18 9.93 -64.30 9.88
C GLY C 18 10.34 -63.79 11.25
N SER C 19 9.44 -63.91 12.22
CA SER C 19 9.69 -63.57 13.62
C SER C 19 9.98 -62.10 13.83
N TRP C 20 9.45 -61.23 12.97
CA TRP C 20 9.57 -59.80 13.17
C TRP C 20 8.18 -59.21 13.38
N VAL C 21 8.16 -58.01 13.92
CA VAL C 21 6.94 -57.20 14.00
C VAL C 21 7.34 -55.74 13.83
N ASP C 22 6.48 -54.98 13.16
CA ASP C 22 6.68 -53.55 12.99
C ASP C 22 6.03 -52.79 14.12
N ILE C 23 6.74 -51.84 14.70
CA ILE C 23 6.20 -50.95 15.72
C ILE C 23 6.52 -49.52 15.35
N VAL C 24 5.70 -48.60 15.85
CA VAL C 24 5.94 -47.17 15.75
C VAL C 24 6.12 -46.65 17.16
N LEU C 25 7.31 -46.15 17.47
CA LEU C 25 7.62 -45.60 18.77
C LEU C 25 7.42 -44.10 18.76
N GLU C 26 6.53 -43.62 19.61
CA GLU C 26 6.27 -42.19 19.78
C GLU C 26 6.93 -41.67 21.05
N HIS C 27 7.30 -40.40 21.03
CA HIS C 27 7.72 -39.71 22.24
C HIS C 27 6.54 -39.58 23.20
N GLY C 28 6.80 -39.79 24.48
CA GLY C 28 5.76 -39.81 25.49
C GLY C 28 4.93 -41.06 25.52
N SER C 29 5.10 -41.96 24.56
CA SER C 29 4.39 -43.23 24.51
C SER C 29 5.36 -44.35 24.87
N CYS C 30 4.86 -45.57 24.79
CA CYS C 30 5.66 -46.74 25.10
C CYS C 30 4.94 -47.96 24.58
N VAL C 31 5.71 -48.86 23.96
CA VAL C 31 5.16 -50.06 23.36
C VAL C 31 5.69 -51.25 24.13
N THR C 32 4.79 -52.15 24.49
CA THR C 32 5.15 -53.44 25.09
C THR C 32 4.89 -54.53 24.07
N THR C 33 5.94 -55.24 23.69
CA THR C 33 5.84 -56.26 22.67
C THR C 33 5.84 -57.64 23.33
N MET C 34 4.90 -58.49 22.91
CA MET C 34 4.81 -59.85 23.39
C MET C 34 4.71 -60.79 22.20
N ALA C 35 5.38 -61.93 22.32
CA ALA C 35 5.25 -62.99 21.32
C ALA C 35 5.39 -64.32 22.04
N LYS C 36 4.78 -65.35 21.45
CA LYS C 36 4.83 -66.70 22.01
C LYS C 36 6.26 -67.16 22.16
N ASN C 37 6.63 -67.53 23.39
CA ASN C 37 7.95 -68.02 23.76
C ASN C 37 9.04 -66.99 23.57
N LYS C 38 8.69 -65.75 23.36
CA LYS C 38 9.66 -64.68 23.37
C LYS C 38 9.53 -63.86 24.64
N PRO C 39 10.62 -63.27 25.13
CA PRO C 39 10.50 -62.34 26.25
C PRO C 39 9.65 -61.14 25.88
N THR C 40 8.89 -60.67 26.86
CA THR C 40 8.20 -59.40 26.71
C THR C 40 9.21 -58.25 26.82
N LEU C 41 9.08 -57.28 25.94
CA LEU C 41 9.99 -56.14 25.89
C LEU C 41 9.21 -54.83 25.90
N ASP C 42 9.78 -53.84 26.56
CA ASP C 42 9.24 -52.49 26.58
C ASP C 42 10.14 -51.59 25.76
N PHE C 43 9.54 -50.82 24.85
CA PHE C 43 10.25 -49.91 23.97
C PHE C 43 9.76 -48.50 24.19
N GLU C 44 10.69 -47.59 24.44
CA GLU C 44 10.36 -46.17 24.54
C GLU C 44 11.35 -45.38 23.71
N LEU C 45 10.84 -44.48 22.87
CA LEU C 45 11.66 -43.49 22.21
C LEU C 45 11.80 -42.30 23.16
N ILE C 46 12.97 -42.13 23.73
CA ILE C 46 13.18 -41.14 24.78
C ILE C 46 13.89 -39.89 24.30
N LYS C 47 14.58 -39.94 23.17
CA LYS C 47 15.30 -38.77 22.70
C LYS C 47 15.45 -38.82 21.19
N THR C 48 15.20 -37.68 20.56
CA THR C 48 15.56 -37.42 19.17
C THR C 48 16.51 -36.25 19.16
N GLU C 49 17.64 -36.40 18.49
CA GLU C 49 18.64 -35.36 18.44
C GLU C 49 18.92 -34.98 16.99
N ALA C 50 19.00 -33.68 16.74
CA ALA C 50 19.38 -33.14 15.46
C ALA C 50 20.79 -32.59 15.60
N LYS C 51 21.67 -32.96 14.68
CA LYS C 51 23.05 -32.53 14.74
C LYS C 51 23.39 -31.67 13.53
N HIS C 52 24.33 -30.75 13.72
CA HIS C 52 24.86 -29.89 12.67
C HIS C 52 23.76 -29.11 11.94
N PRO C 53 22.99 -28.29 12.64
CA PRO C 53 21.98 -27.49 11.97
C PRO C 53 22.61 -26.32 11.23
N ALA C 54 22.14 -26.11 10.01
CA ALA C 54 22.49 -24.91 9.26
C ALA C 54 21.43 -23.84 9.51
N THR C 55 21.86 -22.59 9.57
CA THR C 55 20.94 -21.48 9.74
C THR C 55 20.25 -21.16 8.42
N LEU C 56 18.94 -21.25 8.40
CA LEU C 56 18.16 -20.93 7.22
C LEU C 56 17.87 -19.42 7.12
N ARG C 57 17.53 -18.79 8.24
CA ARG C 57 17.15 -17.39 8.26
C ARG C 57 17.10 -16.86 9.69
N LYS C 58 17.67 -15.68 9.94
CA LYS C 58 17.42 -14.97 11.18
C LYS C 58 16.27 -13.99 10.97
N TYR C 59 15.42 -13.86 11.99
CA TYR C 59 14.39 -12.85 12.00
C TYR C 59 14.63 -11.90 13.16
N CYS C 60 14.52 -10.60 12.90
CA CYS C 60 14.54 -9.62 13.97
C CYS C 60 13.18 -9.54 14.63
N ILE C 61 13.17 -9.62 15.95
CA ILE C 61 11.94 -9.46 16.72
C ILE C 61 11.96 -8.22 17.61
N GLU C 62 13.10 -7.56 17.75
CA GLU C 62 13.19 -6.34 18.54
C GLU C 62 14.28 -5.48 17.95
N ALA C 63 13.90 -4.30 17.47
CA ALA C 63 14.83 -3.43 16.78
C ALA C 63 14.92 -2.09 17.49
N LYS C 64 15.87 -1.29 17.03
CA LYS C 64 16.10 0.06 17.52
C LYS C 64 16.39 0.97 16.34
N LEU C 65 15.75 2.13 16.32
CA LEU C 65 16.02 3.15 15.32
C LEU C 65 16.89 4.25 15.92
N THR C 66 17.86 4.71 15.14
CA THR C 66 18.69 5.85 15.49
C THR C 66 18.91 6.68 14.24
N ASN C 67 19.62 7.80 14.40
CA ASN C 67 20.14 8.57 13.28
C ASN C 67 19.01 9.05 12.36
N THR C 68 17.89 9.46 12.95
CA THR C 68 16.75 9.85 12.14
C THR C 68 17.05 11.16 11.42
N THR C 69 16.96 11.13 10.09
CA THR C 69 17.17 12.31 9.27
C THR C 69 15.96 12.48 8.37
N THR C 70 15.78 13.72 7.90
CA THR C 70 14.67 14.01 7.02
C THR C 70 15.11 15.08 6.04
N ALA C 71 14.50 15.06 4.86
CA ALA C 71 14.76 16.05 3.82
C ALA C 71 13.46 16.34 3.09
N SER C 72 13.27 17.58 2.69
CA SER C 72 12.07 18.00 1.99
C SER C 72 12.39 18.47 0.58
N ARG C 73 11.33 18.64 -0.20
CA ARG C 73 11.43 19.16 -1.55
C ARG C 73 10.19 19.98 -1.83
N CYS C 74 10.38 21.14 -2.46
CA CYS C 74 9.26 21.99 -2.82
C CYS C 74 8.35 21.27 -3.81
N PRO C 75 7.05 21.60 -3.81
CA PRO C 75 6.13 20.96 -4.76
C PRO C 75 6.56 21.15 -6.20
N THR C 76 6.21 20.14 -7.01
CA THR C 76 6.46 20.03 -8.45
C THR C 76 7.94 19.85 -8.78
N GLN C 77 8.82 19.86 -7.79
CA GLN C 77 10.25 19.72 -8.04
C GLN C 77 10.77 18.34 -7.68
N GLY C 78 9.89 17.35 -7.63
CA GLY C 78 10.30 15.97 -7.50
C GLY C 78 10.50 15.45 -6.10
N GLU C 79 11.40 14.51 -5.95
CA GLU C 79 11.61 13.80 -4.70
C GLU C 79 12.74 14.44 -3.91
N PRO C 80 12.60 14.49 -2.59
CA PRO C 80 13.74 14.83 -1.75
C PRO C 80 14.74 13.69 -1.72
N SER C 81 15.94 14.01 -1.27
CA SER C 81 17.02 13.04 -1.27
C SER C 81 17.78 13.16 0.04
N LEU C 82 17.94 12.02 0.72
CA LEU C 82 18.90 11.89 1.81
C LEU C 82 20.04 11.00 1.36
N ASN C 83 21.25 11.28 1.85
CA ASN C 83 22.37 10.41 1.55
C ASN C 83 22.18 9.01 2.15
N GLU C 84 21.44 8.93 3.25
CA GLU C 84 21.21 7.66 3.93
C GLU C 84 20.36 6.70 3.13
N GLU C 85 19.62 7.19 2.13
CA GLU C 85 18.81 6.30 1.30
C GLU C 85 19.67 5.33 0.50
N GLN C 86 20.96 5.62 0.34
CA GLN C 86 21.84 4.70 -0.35
C GLN C 86 22.22 3.52 0.54
N ASP C 87 22.20 3.71 1.85
CA ASP C 87 22.55 2.66 2.80
C ASP C 87 21.28 1.90 3.20
N LYS C 88 21.34 0.57 3.10
CA LYS C 88 20.19 -0.26 3.43
C LYS C 88 20.07 -0.55 4.92
N ARG C 89 21.07 -0.18 5.72
CA ARG C 89 20.88 -0.15 7.16
C ARG C 89 19.82 0.87 7.57
N PHE C 90 19.47 1.79 6.68
CA PHE C 90 18.48 2.81 6.94
C PHE C 90 17.14 2.41 6.36
N VAL C 91 16.11 2.47 7.18
CA VAL C 91 14.74 2.35 6.70
C VAL C 91 14.25 3.75 6.37
N CYS C 92 13.67 3.90 5.19
CA CYS C 92 13.28 5.21 4.67
C CYS C 92 11.85 5.15 4.17
N LYS C 93 11.24 6.33 4.02
CA LYS C 93 9.93 6.39 3.40
C LYS C 93 9.72 7.78 2.80
N HIS C 94 9.10 7.81 1.64
CA HIS C 94 8.71 9.05 0.99
C HIS C 94 7.24 9.31 1.25
N SER C 95 6.94 10.49 1.79
CA SER C 95 5.56 10.91 1.97
C SER C 95 5.38 12.30 1.38
N MET C 96 4.23 12.93 1.64
CA MET C 96 3.96 14.28 1.21
C MET C 96 3.59 15.12 2.42
N VAL C 97 4.05 16.36 2.45
CA VAL C 97 3.64 17.33 3.45
C VAL C 97 3.18 18.59 2.73
N ASP C 98 2.27 19.32 3.38
CA ASP C 98 1.86 20.62 2.86
C ASP C 98 3.04 21.58 2.85
N ARG C 99 3.15 22.37 1.79
CA ARG C 99 4.21 23.35 1.65
C ARG C 99 3.61 24.69 1.26
N GLY C 100 4.36 25.75 1.52
CA GLY C 100 3.90 27.09 1.23
C GLY C 100 4.91 28.10 1.75
N TRP C 101 4.49 29.37 1.70
CA TRP C 101 5.39 30.46 2.11
C TRP C 101 5.82 30.29 3.56
N GLY C 102 4.94 29.79 4.42
CA GLY C 102 5.28 29.57 5.82
C GLY C 102 6.32 28.49 6.05
N ASN C 103 6.56 27.63 5.06
CA ASN C 103 7.57 26.58 5.13
C ASN C 103 8.80 26.90 4.31
N GLY C 104 9.00 28.16 3.94
CA GLY C 104 10.14 28.51 3.10
C GLY C 104 10.03 28.00 1.69
N CYS C 105 8.82 27.90 1.15
CA CYS C 105 8.58 27.41 -0.20
C CYS C 105 7.82 28.47 -0.98
N GLY C 106 8.38 28.88 -2.11
CA GLY C 106 7.70 29.84 -2.95
C GLY C 106 6.41 29.34 -3.58
N LEU C 107 6.16 28.04 -3.52
CA LEU C 107 4.95 27.45 -4.07
C LEU C 107 4.11 26.87 -2.94
N PHE C 108 2.82 26.70 -3.22
CA PHE C 108 1.93 25.98 -2.32
C PHE C 108 1.62 24.62 -2.91
N GLY C 109 1.45 23.65 -2.03
CA GLY C 109 1.07 22.33 -2.47
C GLY C 109 1.78 21.24 -1.71
N LYS C 110 1.53 20.00 -2.11
CA LYS C 110 2.15 18.85 -1.48
C LYS C 110 3.60 18.73 -1.97
N GLY C 111 4.54 18.89 -1.06
CA GLY C 111 5.94 18.68 -1.37
C GLY C 111 6.41 17.33 -0.86
N GLY C 112 7.47 16.82 -1.49
CA GLY C 112 8.00 15.52 -1.11
C GLY C 112 8.85 15.62 0.15
N ILE C 113 8.65 14.65 1.04
CA ILE C 113 9.42 14.54 2.26
C ILE C 113 9.95 13.11 2.35
N VAL C 114 11.16 12.95 2.87
CA VAL C 114 11.74 11.64 3.08
C VAL C 114 12.33 11.58 4.49
N THR C 115 11.95 10.53 5.22
CA THR C 115 12.48 10.25 6.55
C THR C 115 13.30 8.97 6.50
N CYS C 116 14.49 9.01 7.06
CA CYS C 116 15.35 7.85 7.16
C CYS C 116 15.87 7.72 8.57
N ALA C 117 15.86 6.50 9.10
CA ALA C 117 16.47 6.20 10.39
C ALA C 117 17.27 4.93 10.24
N MET C 118 18.33 4.81 11.03
CA MET C 118 19.14 3.60 10.98
C MET C 118 18.49 2.50 11.80
N PHE C 119 18.30 1.35 11.17
CA PHE C 119 17.66 0.19 11.78
C PHE C 119 18.72 -0.73 12.35
N THR C 120 18.56 -1.11 13.62
CA THR C 120 19.51 -2.00 14.28
C THR C 120 18.72 -3.05 15.06
N CYS C 121 18.99 -4.31 14.77
CA CYS C 121 18.39 -5.41 15.52
C CYS C 121 18.96 -5.49 16.93
N LYS C 122 18.08 -5.62 17.91
CA LYS C 122 18.46 -5.89 19.29
C LYS C 122 18.35 -7.35 19.64
N LYS C 123 17.26 -8.01 19.25
CA LYS C 123 17.04 -9.43 19.50
C LYS C 123 16.58 -10.07 18.20
N ASN C 124 17.13 -11.25 17.91
CA ASN C 124 16.67 -12.01 16.76
C ASN C 124 16.40 -13.45 17.16
N MET C 125 15.62 -14.12 16.33
CA MET C 125 15.43 -15.56 16.41
C MET C 125 16.00 -16.18 15.13
N GLU C 126 16.51 -17.41 15.27
CA GLU C 126 17.17 -18.10 14.19
C GLU C 126 16.38 -19.33 13.80
N GLY C 127 16.25 -19.55 12.49
CA GLY C 127 15.68 -20.75 11.97
C GLY C 127 16.77 -21.65 11.44
N LYS C 128 16.83 -22.86 11.97
CA LYS C 128 17.84 -23.82 11.58
C LYS C 128 17.19 -25.02 10.91
N VAL C 129 17.89 -25.55 9.92
CA VAL C 129 17.47 -26.75 9.20
C VAL C 129 18.51 -27.83 9.43
N VAL C 130 18.05 -29.07 9.52
CA VAL C 130 18.92 -30.21 9.77
C VAL C 130 18.71 -31.24 8.67
N GLN C 131 19.75 -31.93 8.34
CA GLN C 131 19.62 -32.98 7.36
C GLN C 131 19.12 -34.26 8.01
N PRO C 132 18.18 -34.97 7.38
CA PRO C 132 17.69 -36.23 7.94
C PRO C 132 18.78 -37.21 8.29
N GLU C 133 19.87 -37.23 7.54
CA GLU C 133 20.99 -38.10 7.86
C GLU C 133 21.67 -37.72 9.17
N ASN C 134 21.43 -36.52 9.68
CA ASN C 134 22.06 -36.06 10.92
C ASN C 134 21.17 -36.25 12.13
N LEU C 135 20.06 -36.96 11.99
CA LEU C 135 19.21 -37.32 13.12
C LEU C 135 19.79 -38.50 13.87
N GLU C 136 19.50 -38.54 15.16
CA GLU C 136 19.86 -39.68 16.01
C GLU C 136 18.74 -39.90 17.00
N TYR C 137 18.14 -41.09 16.97
CA TYR C 137 17.09 -41.45 17.90
C TYR C 137 17.64 -42.36 18.99
N THR C 138 17.28 -42.09 20.23
CA THR C 138 17.62 -42.95 21.35
C THR C 138 16.39 -43.74 21.75
N ILE C 139 16.49 -45.06 21.68
CA ILE C 139 15.44 -45.97 22.13
C ILE C 139 15.96 -46.68 23.37
N VAL C 140 15.09 -46.87 24.36
CA VAL C 140 15.43 -47.66 25.52
C VAL C 140 14.62 -48.94 25.47
N ILE C 141 15.30 -50.08 25.55
CA ILE C 141 14.67 -51.38 25.49
C ILE C 141 14.80 -52.01 26.87
N THR C 142 13.69 -52.05 27.59
CA THR C 142 13.65 -52.66 28.91
C THR C 142 12.86 -53.95 28.83
N PRO C 143 13.46 -55.10 29.15
CA PRO C 143 12.70 -56.34 29.20
C PRO C 143 11.82 -56.40 30.44
N HIS C 144 10.86 -57.32 30.39
CA HIS C 144 10.05 -57.65 31.57
C HIS C 144 10.80 -58.68 32.41
N SER C 145 11.83 -58.20 33.09
CA SER C 145 12.65 -59.06 33.92
C SER C 145 12.03 -59.36 35.28
N GLY C 146 11.02 -58.61 35.69
CA GLY C 146 10.53 -58.73 37.04
C GLY C 146 11.42 -58.19 38.12
N GLU C 147 12.49 -57.49 37.75
CA GLU C 147 13.43 -56.97 38.75
C GLU C 147 12.69 -56.03 39.70
N GLU C 148 13.17 -56.00 40.95
CA GLU C 148 12.40 -55.39 42.03
C GLU C 148 12.12 -53.91 41.77
N ASN C 149 13.08 -53.19 41.19
CA ASN C 149 12.97 -51.75 41.03
C ASN C 149 12.69 -51.34 39.59
N ALA C 150 12.12 -52.24 38.79
CA ALA C 150 11.99 -52.00 37.35
C ALA C 150 10.65 -51.46 36.92
N VAL C 151 9.59 -51.63 37.72
CA VAL C 151 8.26 -51.20 37.33
C VAL C 151 8.25 -49.68 37.17
N GLY C 152 7.97 -49.22 35.95
CA GLY C 152 7.89 -47.80 35.68
C GLY C 152 9.14 -47.02 36.02
N ASN C 153 10.29 -47.66 35.97
CA ASN C 153 11.55 -47.06 36.40
C ASN C 153 12.28 -46.53 35.16
N ASP C 154 12.26 -45.21 35.00
CA ASP C 154 12.93 -44.57 33.87
C ASP C 154 14.26 -43.95 34.23
N THR C 155 14.77 -44.20 35.45
CA THR C 155 16.03 -43.61 35.89
C THR C 155 17.16 -44.61 35.89
N GLY C 156 16.99 -45.77 36.52
CA GLY C 156 18.05 -46.75 36.61
C GLY C 156 18.44 -47.32 35.27
N LYS C 157 19.49 -48.14 35.31
CA LYS C 157 19.95 -48.83 34.10
C LYS C 157 19.29 -50.20 33.97
N HIS C 158 17.96 -50.23 34.04
CA HIS C 158 17.24 -51.47 33.81
C HIS C 158 17.19 -51.81 32.34
N GLY C 159 16.92 -50.82 31.49
CA GLY C 159 16.82 -51.07 30.08
C GLY C 159 18.12 -50.80 29.34
N LYS C 160 18.14 -51.22 28.09
CA LYS C 160 19.25 -50.93 27.20
C LYS C 160 18.89 -49.73 26.34
N GLU C 161 19.85 -48.81 26.19
CA GLU C 161 19.69 -47.66 25.31
C GLU C 161 20.40 -47.95 24.00
N ILE C 162 19.73 -47.66 22.88
CA ILE C 162 20.32 -47.81 21.56
C ILE C 162 20.13 -46.53 20.78
N LYS C 163 21.06 -46.28 19.87
CA LYS C 163 21.02 -45.11 18.99
C LYS C 163 20.60 -45.56 17.60
N VAL C 164 19.59 -44.90 17.05
CA VAL C 164 19.13 -45.15 15.70
C VAL C 164 19.49 -43.94 14.85
N THR C 165 20.37 -44.14 13.90
CA THR C 165 20.76 -43.11 12.95
C THR C 165 20.52 -43.62 11.54
N PRO C 166 20.43 -42.72 10.56
CA PRO C 166 20.33 -43.18 9.16
C PRO C 166 21.60 -43.80 8.64
N GLN C 167 22.71 -43.75 9.38
CA GLN C 167 23.96 -44.30 8.92
C GLN C 167 24.03 -45.80 9.07
N SER C 168 23.01 -46.43 9.63
CA SER C 168 22.99 -47.89 9.77
C SER C 168 21.54 -48.31 10.02
N SER C 169 20.98 -49.08 9.09
CA SER C 169 19.59 -49.50 9.22
C SER C 169 19.39 -50.44 10.40
N ILE C 170 20.38 -51.27 10.72
CA ILE C 170 20.28 -52.26 11.78
C ILE C 170 20.85 -51.67 13.05
N THR C 171 20.09 -51.74 14.14
CA THR C 171 20.57 -51.44 15.47
C THR C 171 20.36 -52.69 16.32
N GLU C 172 21.42 -53.18 16.92
CA GLU C 172 21.36 -54.38 17.73
C GLU C 172 21.69 -54.04 19.18
N ALA C 173 20.97 -54.67 20.09
CA ALA C 173 21.22 -54.54 21.52
C ALA C 173 21.30 -55.92 22.13
N GLU C 174 22.36 -56.15 22.90
CA GLU C 174 22.47 -57.36 23.70
C GLU C 174 21.78 -57.11 25.04
N LEU C 175 20.68 -57.81 25.28
CA LEU C 175 19.96 -57.77 26.55
C LEU C 175 20.42 -58.95 27.40
N THR C 176 21.20 -58.66 28.44
CA THR C 176 21.77 -59.72 29.27
C THR C 176 20.71 -60.67 29.77
N GLY C 177 20.81 -61.93 29.34
CA GLY C 177 19.86 -62.94 29.69
C GLY C 177 18.75 -63.15 28.69
N TYR C 178 18.63 -62.27 27.70
CA TYR C 178 17.54 -62.32 26.75
C TYR C 178 17.99 -62.51 25.31
N GLY C 179 19.26 -62.69 25.08
CA GLY C 179 19.77 -62.68 23.73
C GLY C 179 19.89 -61.27 23.20
N THR C 180 19.85 -61.15 21.89
CA THR C 180 20.00 -59.88 21.21
C THR C 180 18.69 -59.49 20.55
N VAL C 181 18.32 -58.23 20.70
CA VAL C 181 17.19 -57.65 19.98
C VAL C 181 17.74 -56.88 18.79
N THR C 182 17.15 -57.10 17.62
CA THR C 182 17.51 -56.36 16.42
C THR C 182 16.34 -55.46 16.04
N MET C 183 16.65 -54.18 15.83
CA MET C 183 15.66 -53.21 15.40
C MET C 183 16.15 -52.59 14.10
N GLU C 184 15.26 -52.52 13.12
CA GLU C 184 15.51 -51.80 11.88
C GLU C 184 14.48 -50.69 11.80
N CYS C 185 14.91 -49.47 12.05
CA CYS C 185 13.99 -48.35 12.15
C CYS C 185 14.08 -47.49 10.90
N SER C 186 13.19 -46.50 10.83
CA SER C 186 13.05 -45.61 9.68
C SER C 186 13.28 -44.16 10.10
N PRO C 187 14.51 -43.81 10.44
CA PRO C 187 14.79 -42.43 10.89
C PRO C 187 14.59 -41.37 9.81
N ARG C 188 14.33 -41.75 8.56
CA ARG C 188 14.06 -40.76 7.52
C ARG C 188 12.58 -40.50 7.31
N THR C 189 11.70 -41.35 7.82
CA THR C 189 10.27 -41.21 7.59
C THR C 189 9.51 -40.94 8.88
N GLY C 190 10.12 -40.21 9.80
CA GLY C 190 9.43 -39.83 11.01
C GLY C 190 8.83 -38.45 10.84
N LEU C 191 9.46 -37.45 11.43
CA LEU C 191 9.20 -36.08 11.04
C LEU C 191 9.99 -35.78 9.77
N ASP C 192 9.34 -35.15 8.79
CA ASP C 192 10.04 -34.77 7.57
C ASP C 192 10.84 -33.50 7.86
N PHE C 193 12.12 -33.66 8.17
CA PHE C 193 12.95 -32.54 8.55
C PHE C 193 13.38 -31.68 7.37
N ASN C 194 13.12 -32.11 6.13
CA ASN C 194 13.32 -31.23 4.99
C ASN C 194 12.21 -30.21 4.85
N GLU C 195 11.08 -30.44 5.50
CA GLU C 195 9.95 -29.52 5.49
C GLU C 195 9.83 -28.75 6.79
N MET C 196 10.85 -28.78 7.64
CA MET C 196 10.75 -28.27 8.99
C MET C 196 11.91 -27.34 9.31
N VAL C 197 11.70 -26.50 10.30
CA VAL C 197 12.71 -25.57 10.78
C VAL C 197 12.82 -25.71 12.29
N LEU C 198 14.04 -25.63 12.80
CA LEU C 198 14.28 -25.58 14.24
C LEU C 198 14.40 -24.11 14.63
N LEU C 199 13.32 -23.53 15.12
CA LEU C 199 13.25 -22.11 15.40
C LEU C 199 13.69 -21.88 16.84
N GLN C 200 14.83 -21.23 17.01
CA GLN C 200 15.31 -20.82 18.33
C GLN C 200 15.03 -19.34 18.52
N MET C 201 14.24 -19.01 19.53
CA MET C 201 14.12 -17.67 20.05
C MET C 201 14.84 -17.66 21.39
N GLU C 202 14.61 -16.64 22.20
CA GLU C 202 15.51 -16.21 23.29
C GLU C 202 16.06 -17.42 24.05
N ASN C 203 15.25 -18.17 24.77
CA ASN C 203 15.73 -19.35 25.48
C ASN C 203 14.89 -20.58 25.21
N LYS C 204 13.82 -20.42 24.43
CA LYS C 204 12.96 -21.50 24.03
C LYS C 204 13.21 -21.84 22.57
N ALA C 205 12.59 -22.92 22.12
CA ALA C 205 12.76 -23.41 20.76
C ALA C 205 11.53 -24.20 20.35
N TRP C 206 11.25 -24.16 19.07
CA TRP C 206 10.09 -24.83 18.50
C TRP C 206 10.49 -25.51 17.21
N LEU C 207 9.85 -26.64 16.93
CA LEU C 207 9.90 -27.25 15.61
C LEU C 207 8.74 -26.72 14.80
N VAL C 208 9.03 -26.07 13.69
CA VAL C 208 7.99 -25.38 12.93
C VAL C 208 8.04 -25.80 11.46
N HIS C 209 6.91 -25.59 10.80
CA HIS C 209 6.78 -25.79 9.37
C HIS C 209 7.65 -24.80 8.62
N ARG C 210 8.45 -25.30 7.68
CA ARG C 210 9.48 -24.48 7.06
C ARG C 210 8.89 -23.35 6.23
N GLN C 211 7.81 -23.61 5.50
CA GLN C 211 7.23 -22.58 4.65
C GLN C 211 6.53 -21.52 5.49
N TRP C 212 5.84 -21.95 6.55
CA TRP C 212 5.30 -21.00 7.53
C TRP C 212 6.39 -20.11 8.09
N PHE C 213 7.57 -20.68 8.37
CA PHE C 213 8.66 -19.91 8.93
C PHE C 213 9.19 -18.89 7.93
N LEU C 214 9.21 -19.25 6.65
CA LEU C 214 9.69 -18.34 5.62
C LEU C 214 8.66 -17.28 5.23
N ASP C 215 7.44 -17.34 5.76
CA ASP C 215 6.43 -16.32 5.50
C ASP C 215 6.24 -15.38 6.68
N LEU C 216 7.05 -15.48 7.71
CA LEU C 216 6.85 -14.65 8.90
C LEU C 216 7.13 -13.19 8.57
N PRO C 217 6.19 -12.28 8.81
CA PRO C 217 6.39 -10.85 8.50
C PRO C 217 7.26 -10.13 9.52
N LEU C 218 8.55 -10.41 9.47
CA LEU C 218 9.54 -9.75 10.30
C LEU C 218 10.74 -9.43 9.43
N PRO C 219 11.59 -8.50 9.86
CA PRO C 219 12.84 -8.28 9.13
C PRO C 219 13.75 -9.50 9.25
N TRP C 220 14.38 -9.86 8.14
CA TRP C 220 15.18 -11.06 8.17
C TRP C 220 16.50 -10.89 7.46
N LEU C 221 17.43 -11.69 7.87
CA LEU C 221 18.72 -11.96 7.28
C LEU C 221 18.75 -13.38 6.77
N PRO C 222 19.38 -13.63 5.62
CA PRO C 222 19.64 -15.01 5.23
C PRO C 222 20.59 -15.66 6.22
N GLY C 223 20.42 -16.97 6.40
CA GLY C 223 21.32 -17.69 7.28
C GLY C 223 22.78 -17.55 6.90
N ALA C 224 23.06 -17.32 5.61
CA ALA C 224 24.40 -17.11 5.11
C ALA C 224 25.01 -15.79 5.55
N ASP C 225 24.23 -14.89 6.15
CA ASP C 225 24.68 -13.54 6.43
C ASP C 225 25.68 -13.51 7.58
N THR C 226 26.61 -12.56 7.51
CA THR C 226 27.64 -12.41 8.52
C THR C 226 27.70 -10.98 9.08
N GLN C 227 27.29 -9.99 8.28
CA GLN C 227 27.32 -8.61 8.74
C GLN C 227 26.29 -8.37 9.84
N GLY C 228 25.12 -8.98 9.74
CA GLY C 228 24.09 -8.82 10.74
C GLY C 228 23.35 -7.51 10.69
N SER C 229 23.42 -6.79 9.58
CA SER C 229 22.88 -5.45 9.52
C SER C 229 22.03 -5.15 8.29
N ASN C 230 22.06 -6.00 7.26
CA ASN C 230 21.31 -5.72 6.04
C ASN C 230 19.99 -6.48 6.06
N TRP C 231 19.08 -5.95 6.86
CA TRP C 231 17.82 -6.62 7.13
C TRP C 231 16.83 -6.41 5.98
N ILE C 232 16.20 -7.48 5.56
CA ILE C 232 15.17 -7.44 4.53
C ILE C 232 13.83 -7.15 5.21
N GLN C 233 12.99 -6.36 4.54
CA GLN C 233 11.67 -5.92 5.01
C GLN C 233 11.70 -5.45 6.47
N LYS C 234 12.58 -4.47 6.72
CA LYS C 234 12.60 -3.76 7.99
C LYS C 234 11.29 -2.99 8.23
N GLU C 235 10.54 -2.71 7.18
CA GLU C 235 9.30 -1.97 7.32
C GLU C 235 8.26 -2.74 8.14
N THR C 236 8.39 -4.06 8.25
CA THR C 236 7.46 -4.81 9.06
C THR C 236 7.64 -4.52 10.55
N LEU C 237 8.75 -3.90 10.93
CA LEU C 237 9.08 -3.64 12.32
C LEU C 237 9.13 -2.15 12.65
N VAL C 238 8.79 -1.28 11.70
CA VAL C 238 8.78 0.15 11.95
C VAL C 238 7.45 0.69 11.48
N THR C 239 7.17 1.93 11.83
CA THR C 239 6.01 2.61 11.26
C THR C 239 6.35 4.08 11.10
N PHE C 240 6.07 4.60 9.92
CA PHE C 240 6.16 6.02 9.65
C PHE C 240 4.80 6.64 9.89
N LYS C 241 4.79 7.88 10.37
CA LYS C 241 3.56 8.58 10.66
C LYS C 241 3.63 9.98 10.07
N ASN C 242 2.56 10.35 9.37
CA ASN C 242 2.39 11.70 8.83
C ASN C 242 1.01 12.14 9.30
N PRO C 243 0.89 12.53 10.58
CA PRO C 243 -0.45 12.71 11.17
C PRO C 243 -1.31 13.75 10.46
N HIS C 244 -0.75 14.90 10.10
CA HIS C 244 -1.52 15.97 9.48
C HIS C 244 -0.90 16.45 8.17
N ALA C 245 -0.10 15.63 7.52
CA ALA C 245 0.66 16.02 6.33
C ALA C 245 1.48 17.27 6.59
N LYS C 246 2.01 17.38 7.79
CA LYS C 246 2.91 18.46 8.18
C LYS C 246 4.32 18.00 8.45
N LYS C 247 4.51 16.76 8.87
CA LYS C 247 5.82 16.25 9.23
C LYS C 247 5.75 14.73 9.30
N GLN C 248 6.79 14.08 8.83
CA GLN C 248 6.87 12.63 8.85
C GLN C 248 7.85 12.17 9.93
N ASP C 249 7.38 11.27 10.77
CA ASP C 249 8.19 10.66 11.81
C ASP C 249 8.25 9.16 11.58
N VAL C 250 9.18 8.52 12.25
CA VAL C 250 9.32 7.07 12.19
C VAL C 250 9.64 6.57 13.59
N VAL C 251 9.02 5.47 13.96
CA VAL C 251 9.25 4.86 15.26
C VAL C 251 9.32 3.36 15.06
N VAL C 252 10.17 2.72 15.83
CA VAL C 252 10.30 1.27 15.78
C VAL C 252 9.11 0.66 16.50
N LEU C 253 8.61 -0.45 15.97
CA LEU C 253 7.59 -1.20 16.67
C LEU C 253 8.22 -1.93 17.85
N GLY C 254 7.37 -2.27 18.82
CA GLY C 254 7.86 -2.92 20.01
C GLY C 254 8.35 -4.31 19.75
N SER C 255 8.93 -4.92 20.78
CA SER C 255 9.42 -6.29 20.69
C SER C 255 8.29 -7.23 20.29
N GLN C 256 8.55 -8.05 19.28
CA GLN C 256 7.58 -9.02 18.79
C GLN C 256 7.74 -10.40 19.41
N GLU C 257 8.53 -10.53 20.48
CA GLU C 257 8.70 -11.82 21.12
C GLU C 257 7.37 -12.39 21.61
N GLY C 258 6.60 -11.58 22.33
CA GLY C 258 5.31 -12.02 22.79
C GLY C 258 4.37 -12.37 21.66
N ALA C 259 4.43 -11.63 20.56
CA ALA C 259 3.60 -11.94 19.41
C ALA C 259 4.08 -13.21 18.73
N MET C 260 5.39 -13.45 18.71
CA MET C 260 5.91 -14.71 18.18
C MET C 260 5.40 -15.90 18.97
N HIS C 261 5.29 -15.76 20.29
CA HIS C 261 4.73 -16.84 21.11
C HIS C 261 3.29 -17.12 20.73
N THR C 262 2.50 -16.08 20.48
CA THR C 262 1.16 -16.27 19.94
C THR C 262 1.21 -16.92 18.57
N ALA C 263 2.14 -16.49 17.72
CA ALA C 263 2.33 -17.12 16.41
C ALA C 263 2.72 -18.59 16.54
N LEU C 264 3.47 -18.95 17.57
CA LEU C 264 3.98 -20.30 17.72
C LEU C 264 2.97 -21.27 18.32
N THR C 265 1.70 -20.88 18.35
CA THR C 265 0.70 -21.57 19.17
C THR C 265 0.62 -23.07 18.87
N GLY C 266 0.43 -23.43 17.60
CA GLY C 266 0.23 -24.83 17.30
C GLY C 266 1.47 -25.63 16.96
N ALA C 267 2.65 -25.11 17.28
CA ALA C 267 3.91 -25.80 17.03
C ALA C 267 4.36 -26.54 18.28
N THR C 268 5.36 -27.40 18.12
CA THR C 268 5.86 -28.21 19.23
C THR C 268 7.13 -27.59 19.76
N GLU C 269 7.13 -27.29 21.05
CA GLU C 269 8.32 -26.80 21.74
C GLU C 269 9.40 -27.87 21.80
N ILE C 270 10.64 -27.49 21.52
CA ILE C 270 11.78 -28.39 21.56
C ILE C 270 12.89 -27.71 22.36
N GLN C 271 14.02 -28.39 22.48
CA GLN C 271 15.21 -27.84 23.12
C GLN C 271 16.26 -27.52 22.07
N MET C 272 16.91 -26.38 22.21
CA MET C 272 18.04 -26.02 21.38
C MET C 272 19.16 -25.36 22.15
N SER C 273 19.06 -25.28 23.48
CA SER C 273 20.06 -24.56 24.26
C SER C 273 21.40 -25.28 24.24
N SER C 274 21.43 -26.54 24.66
CA SER C 274 22.65 -27.36 24.65
C SER C 274 22.34 -28.61 23.84
N GLY C 275 22.54 -28.52 22.54
CA GLY C 275 22.12 -29.58 21.63
C GLY C 275 20.69 -29.41 21.17
N ASN C 276 20.42 -29.85 19.95
CA ASN C 276 19.08 -29.79 19.39
C ASN C 276 18.36 -31.08 19.74
N LEU C 277 17.57 -31.03 20.81
CA LEU C 277 16.89 -32.21 21.33
C LEU C 277 15.40 -32.09 21.08
N LEU C 278 14.83 -33.11 20.46
CA LEU C 278 13.42 -33.15 20.16
C LEU C 278 12.79 -34.29 20.94
N PHE C 279 11.68 -34.00 21.60
CA PHE C 279 10.94 -34.98 22.36
C PHE C 279 9.53 -35.07 21.81
N THR C 280 9.44 -35.11 20.49
CA THR C 280 8.17 -35.17 19.78
C THR C 280 8.39 -35.96 18.52
N GLY C 281 7.31 -36.51 17.98
CA GLY C 281 7.40 -37.33 16.80
C GLY C 281 7.52 -38.81 17.11
N HIS C 282 7.66 -39.58 16.05
CA HIS C 282 7.61 -41.02 16.13
C HIS C 282 8.79 -41.64 15.39
N LEU C 283 8.99 -42.92 15.62
CA LEU C 283 9.98 -43.72 14.91
C LEU C 283 9.33 -45.04 14.58
N LYS C 284 9.23 -45.35 13.30
CA LYS C 284 8.76 -46.65 12.85
C LYS C 284 9.92 -47.63 12.85
N CYS C 285 9.73 -48.77 13.49
CA CYS C 285 10.79 -49.77 13.62
C CYS C 285 10.25 -51.16 13.32
N ARG C 286 11.11 -51.97 12.71
CA ARG C 286 10.86 -53.39 12.56
C ARG C 286 11.66 -54.11 13.63
N LEU C 287 10.96 -54.68 14.60
CA LEU C 287 11.58 -55.41 15.69
C LEU C 287 11.79 -56.86 15.29
N ARG C 288 13.03 -57.34 15.38
CA ARG C 288 13.37 -58.71 15.05
C ARG C 288 13.64 -59.50 16.31
N MET C 289 12.80 -60.49 16.58
CA MET C 289 12.84 -61.25 17.82
C MET C 289 13.58 -62.57 17.71
N ASP C 290 14.14 -62.90 16.55
CA ASP C 290 14.70 -64.24 16.33
C ASP C 290 15.77 -64.57 17.36
N LYS C 291 16.66 -63.63 17.66
CA LYS C 291 17.73 -63.84 18.61
C LYS C 291 17.32 -63.59 20.05
N LEU C 292 16.03 -63.35 20.30
CA LEU C 292 15.55 -63.21 21.66
C LEU C 292 15.29 -64.57 22.27
N GLN C 293 15.48 -64.66 23.58
CA GLN C 293 15.28 -65.89 24.32
C GLN C 293 14.71 -65.57 25.69
N LEU C 294 13.79 -66.39 26.15
CA LEU C 294 13.29 -66.27 27.51
C LEU C 294 14.43 -66.45 28.50
N LYS C 295 14.58 -65.50 29.42
CA LYS C 295 15.58 -65.65 30.46
C LYS C 295 15.11 -66.68 31.48
N GLY C 296 15.99 -67.62 31.82
CA GLY C 296 15.58 -68.70 32.68
C GLY C 296 14.54 -69.61 32.06
N MET C 297 14.51 -69.69 30.73
CA MET C 297 13.75 -70.72 30.04
C MET C 297 14.15 -72.12 30.51
N SER C 298 15.38 -72.26 30.99
CA SER C 298 15.95 -73.53 31.42
C SER C 298 15.96 -73.70 32.93
N TYR C 299 15.15 -72.93 33.64
CA TYR C 299 15.01 -73.11 35.08
C TYR C 299 13.90 -74.10 35.37
N SER C 300 14.11 -74.91 36.40
CA SER C 300 13.01 -75.71 36.92
C SER C 300 12.02 -74.81 37.66
N MET C 301 10.85 -75.37 37.95
CA MET C 301 9.80 -74.65 38.64
C MET C 301 10.16 -74.45 40.12
N CYS C 302 9.81 -73.28 40.65
CA CYS C 302 9.89 -73.09 42.10
C CYS C 302 8.86 -73.97 42.79
N THR C 303 9.29 -74.69 43.83
CA THR C 303 8.35 -75.51 44.58
C THR C 303 8.04 -74.95 45.95
N GLY C 304 8.86 -74.02 46.47
CA GLY C 304 8.62 -73.44 47.76
C GLY C 304 7.50 -72.42 47.76
N LYS C 305 7.41 -71.71 48.87
CA LYS C 305 6.30 -70.81 49.12
C LYS C 305 6.65 -69.37 48.77
N PHE C 306 5.69 -68.68 48.20
CA PHE C 306 5.80 -67.26 47.89
C PHE C 306 5.02 -66.42 48.88
N LYS C 307 5.44 -65.17 48.99
CA LYS C 307 4.72 -64.18 49.79
C LYS C 307 4.58 -62.91 48.96
N VAL C 308 3.40 -62.30 49.05
CA VAL C 308 3.18 -61.02 48.38
C VAL C 308 3.89 -59.93 49.16
N VAL C 309 4.72 -59.15 48.48
CA VAL C 309 5.41 -58.05 49.13
C VAL C 309 4.93 -56.69 48.65
N LYS C 310 4.11 -56.64 47.61
CA LYS C 310 3.43 -55.40 47.21
C LYS C 310 2.11 -55.80 46.58
N GLU C 311 1.01 -55.32 47.14
CA GLU C 311 -0.31 -55.84 46.79
C GLU C 311 -0.64 -55.56 45.33
N ILE C 312 -1.46 -56.44 44.75
CA ILE C 312 -1.89 -56.29 43.36
C ILE C 312 -2.40 -54.89 43.12
N ALA C 313 -1.92 -54.27 42.04
CA ALA C 313 -2.34 -52.94 41.63
C ALA C 313 -2.72 -52.98 40.16
N GLU C 314 -3.86 -52.39 39.83
CA GLU C 314 -4.30 -52.33 38.45
C GLU C 314 -3.70 -51.11 37.75
N THR C 315 -3.21 -51.31 36.53
CA THR C 315 -2.76 -50.20 35.72
C THR C 315 -3.90 -49.64 34.88
N GLN C 316 -3.62 -48.56 34.17
CA GLN C 316 -4.65 -47.86 33.41
C GLN C 316 -5.17 -48.69 32.24
N HIS C 317 -4.46 -49.74 31.84
CA HIS C 317 -4.83 -50.54 30.68
C HIS C 317 -5.42 -51.90 31.07
N GLY C 318 -5.85 -52.06 32.30
CA GLY C 318 -6.50 -53.29 32.72
C GLY C 318 -5.58 -54.43 33.06
N THR C 319 -4.27 -54.20 33.13
CA THR C 319 -3.36 -55.21 33.63
C THR C 319 -3.09 -54.97 35.11
N ILE C 320 -2.52 -55.96 35.75
CA ILE C 320 -2.25 -55.90 37.17
C ILE C 320 -0.79 -56.21 37.42
N VAL C 321 -0.19 -55.49 38.34
CA VAL C 321 1.19 -55.73 38.75
C VAL C 321 1.16 -56.21 40.19
N ILE C 322 1.90 -57.27 40.46
CA ILE C 322 2.09 -57.76 41.81
C ILE C 322 3.57 -58.01 42.00
N ARG C 323 4.04 -57.75 43.20
CA ARG C 323 5.41 -58.10 43.59
C ARG C 323 5.34 -59.22 44.62
N VAL C 324 6.11 -60.27 44.38
CA VAL C 324 6.11 -61.43 45.25
C VAL C 324 7.55 -61.74 45.62
N GLN C 325 7.71 -62.51 46.68
CA GLN C 325 9.03 -62.93 47.11
C GLN C 325 9.01 -64.43 47.38
N TYR C 326 10.01 -65.12 46.84
CA TYR C 326 10.19 -66.54 47.09
C TYR C 326 10.83 -66.76 48.44
N GLU C 327 10.28 -67.71 49.20
CA GLU C 327 10.86 -68.16 50.45
C GLU C 327 11.49 -69.53 50.37
N GLY C 328 11.21 -70.29 49.32
CA GLY C 328 11.65 -71.66 49.22
C GLY C 328 13.09 -71.81 48.80
N ASP C 329 13.41 -72.99 48.30
CA ASP C 329 14.75 -73.34 47.88
C ASP C 329 14.79 -73.60 46.38
N GLY C 330 16.01 -73.61 45.84
CA GLY C 330 16.19 -73.91 44.43
C GLY C 330 16.25 -72.72 43.50
N SER C 331 16.61 -71.55 44.00
CA SER C 331 16.78 -70.41 43.11
C SER C 331 18.09 -70.55 42.34
N PRO C 332 18.11 -70.16 41.06
CA PRO C 332 16.99 -69.55 40.34
C PRO C 332 15.97 -70.57 39.81
N CYS C 333 14.70 -70.24 39.91
CA CYS C 333 13.63 -71.13 39.50
C CYS C 333 12.53 -70.31 38.84
N LYS C 334 11.59 -71.00 38.22
CA LYS C 334 10.49 -70.37 37.50
C LYS C 334 9.27 -70.27 38.41
N ILE C 335 8.72 -69.08 38.52
CA ILE C 335 7.57 -68.85 39.39
C ILE C 335 6.34 -69.50 38.77
N PRO C 336 5.61 -70.35 39.49
CA PRO C 336 4.30 -70.78 39.01
C PRO C 336 3.31 -69.64 39.14
N PHE C 337 2.61 -69.35 38.05
CA PHE C 337 1.74 -68.19 38.02
C PHE C 337 0.59 -68.49 37.07
N GLU C 338 -0.63 -68.30 37.55
CA GLU C 338 -1.80 -68.57 36.75
C GLU C 338 -2.94 -67.67 37.18
N ILE C 339 -3.69 -67.18 36.20
CA ILE C 339 -4.97 -66.54 36.45
C ILE C 339 -6.05 -67.54 36.08
N MET C 340 -6.86 -67.93 37.05
CA MET C 340 -7.88 -68.93 36.79
C MET C 340 -9.25 -68.36 37.09
N ASP C 341 -10.26 -69.02 36.56
CA ASP C 341 -11.64 -68.72 36.89
C ASP C 341 -11.90 -69.06 38.36
N LEU C 342 -13.11 -68.80 38.81
CA LEU C 342 -13.44 -69.07 40.20
C LEU C 342 -13.46 -70.57 40.50
N GLU C 343 -13.78 -71.39 39.50
CA GLU C 343 -13.74 -72.83 39.67
C GLU C 343 -12.32 -73.40 39.73
N LYS C 344 -11.30 -72.58 39.43
CA LYS C 344 -9.93 -73.05 39.25
C LYS C 344 -9.86 -74.14 38.19
N ARG C 345 -10.70 -74.00 37.17
CA ARG C 345 -10.82 -74.95 36.08
C ARG C 345 -10.18 -74.46 34.79
N HIS C 346 -10.56 -73.27 34.34
CA HIS C 346 -9.98 -72.66 33.16
C HIS C 346 -8.89 -71.68 33.56
N VAL C 347 -7.82 -71.64 32.78
CA VAL C 347 -6.89 -70.52 32.85
C VAL C 347 -7.45 -69.38 32.04
N LEU C 348 -7.57 -68.20 32.66
CA LEU C 348 -8.29 -67.09 32.05
C LEU C 348 -7.41 -65.91 31.69
N GLY C 349 -6.25 -65.77 32.31
CA GLY C 349 -5.45 -64.57 32.14
C GLY C 349 -4.07 -64.89 31.58
N ARG C 350 -3.64 -64.08 30.62
CA ARG C 350 -2.29 -64.19 30.08
C ARG C 350 -1.32 -63.39 30.93
N LEU C 351 -0.11 -63.91 31.07
CA LEU C 351 0.98 -63.14 31.63
C LEU C 351 1.41 -62.06 30.65
N ILE C 352 1.88 -60.95 31.20
CA ILE C 352 2.68 -60.00 30.46
C ILE C 352 4.16 -60.23 30.72
N THR C 353 4.53 -60.29 32.00
CA THR C 353 5.88 -60.69 32.43
C THR C 353 6.00 -62.19 32.21
N VAL C 354 6.23 -62.58 30.95
CA VAL C 354 6.25 -63.99 30.60
C VAL C 354 7.48 -64.65 31.18
N ASN C 355 7.33 -65.92 31.55
CA ASN C 355 8.31 -66.72 32.27
C ASN C 355 8.87 -65.93 33.46
N PRO C 356 8.05 -65.62 34.46
CA PRO C 356 8.58 -64.94 35.64
C PRO C 356 9.48 -65.88 36.43
N ILE C 357 10.67 -65.40 36.76
CA ILE C 357 11.66 -66.24 37.43
C ILE C 357 12.10 -65.58 38.72
N VAL C 358 12.48 -66.40 39.67
CA VAL C 358 13.22 -65.95 40.83
C VAL C 358 14.69 -66.11 40.50
N THR C 359 15.46 -65.03 40.66
CA THR C 359 16.90 -65.09 40.42
C THR C 359 17.68 -65.21 41.73
N GLU C 360 17.35 -64.38 42.70
CA GLU C 360 17.86 -64.53 44.06
C GLU C 360 16.65 -64.61 44.99
N LYS C 361 16.74 -65.46 46.01
CA LYS C 361 15.60 -65.71 46.88
C LYS C 361 15.10 -64.43 47.53
N ASP C 362 16.00 -63.64 48.10
CA ASP C 362 15.63 -62.45 48.84
C ASP C 362 15.43 -61.23 47.94
N SER C 363 15.36 -61.42 46.64
CA SER C 363 15.08 -60.34 45.72
C SER C 363 13.69 -60.51 45.15
N PRO C 364 12.73 -59.67 45.51
CA PRO C 364 11.35 -59.87 45.05
C PRO C 364 11.21 -59.66 43.56
N VAL C 365 10.15 -60.24 43.01
CA VAL C 365 9.90 -60.28 41.58
C VAL C 365 8.60 -59.55 41.29
N ASN C 366 8.64 -58.65 40.31
CA ASN C 366 7.43 -58.00 39.82
C ASN C 366 6.86 -58.79 38.66
N ILE C 367 5.55 -59.04 38.71
CA ILE C 367 4.87 -59.82 37.69
C ILE C 367 3.67 -59.04 37.23
N GLU C 368 3.67 -58.62 35.97
CA GLU C 368 2.51 -58.01 35.35
C GLU C 368 1.73 -59.08 34.60
N ALA C 369 0.42 -59.10 34.80
CA ALA C 369 -0.45 -60.03 34.11
C ALA C 369 -1.73 -59.31 33.70
N GLU C 370 -2.40 -59.85 32.70
CA GLU C 370 -3.68 -59.28 32.26
C GLU C 370 -4.81 -60.22 32.63
N PRO C 371 -5.57 -59.94 33.69
CA PRO C 371 -6.66 -60.82 34.05
C PRO C 371 -7.86 -60.61 33.16
N PRO C 372 -8.81 -61.53 33.15
CA PRO C 372 -10.05 -61.30 32.41
C PRO C 372 -10.94 -60.30 33.14
N PHE C 373 -11.96 -59.85 32.43
CA PHE C 373 -12.98 -59.04 33.06
C PHE C 373 -13.76 -59.90 34.04
N GLY C 374 -14.13 -59.32 35.16
CA GLY C 374 -14.84 -60.03 36.19
C GLY C 374 -13.94 -60.57 37.26
N ASP C 375 -14.43 -61.58 37.95
CA ASP C 375 -13.67 -62.21 39.03
C ASP C 375 -12.69 -63.23 38.47
N SER C 376 -11.58 -63.39 39.19
CA SER C 376 -10.57 -64.36 38.80
C SER C 376 -9.69 -64.61 40.01
N TYR C 377 -8.88 -65.66 39.91
CA TYR C 377 -7.95 -66.04 40.95
C TYR C 377 -6.53 -65.94 40.40
N ILE C 378 -5.70 -65.14 41.04
CA ILE C 378 -4.28 -65.08 40.72
C ILE C 378 -3.60 -66.13 41.58
N ILE C 379 -3.09 -67.18 40.94
CA ILE C 379 -2.53 -68.33 41.64
C ILE C 379 -1.01 -68.28 41.52
N ILE C 380 -0.32 -68.25 42.64
CA ILE C 380 1.13 -68.11 42.66
C ILE C 380 1.73 -69.24 43.49
N GLY C 381 2.71 -69.92 42.93
CA GLY C 381 3.32 -71.05 43.59
C GLY C 381 2.55 -72.33 43.37
N VAL C 382 3.09 -73.41 43.91
CA VAL C 382 2.46 -74.71 43.87
C VAL C 382 2.02 -75.06 45.28
N GLU C 383 1.13 -76.04 45.38
CA GLU C 383 0.72 -76.51 46.68
C GLU C 383 1.81 -77.39 47.29
N PRO C 384 1.99 -77.33 48.62
CA PRO C 384 1.24 -76.48 49.55
C PRO C 384 1.83 -75.06 49.62
N GLY C 385 1.12 -74.14 50.24
CA GLY C 385 1.58 -72.77 50.33
C GLY C 385 1.21 -71.91 49.15
N GLN C 386 0.50 -72.46 48.18
CA GLN C 386 0.03 -71.71 47.03
C GLN C 386 -0.71 -70.45 47.48
N LEU C 387 -0.38 -69.32 46.86
CA LEU C 387 -1.14 -68.10 47.07
C LEU C 387 -2.33 -68.08 46.14
N LYS C 388 -3.52 -67.88 46.69
CA LYS C 388 -4.73 -67.76 45.89
C LYS C 388 -5.30 -66.36 46.14
N LEU C 389 -5.06 -65.45 45.20
CA LEU C 389 -5.42 -64.06 45.37
C LEU C 389 -6.64 -63.74 44.51
N SER C 390 -7.64 -63.14 45.13
CA SER C 390 -8.83 -62.71 44.42
C SER C 390 -8.59 -61.37 43.76
N TRP C 391 -9.11 -61.21 42.54
CA TRP C 391 -9.05 -59.95 41.85
C TRP C 391 -10.32 -59.77 41.05
N PHE C 392 -10.93 -58.59 41.14
CA PHE C 392 -12.01 -58.24 40.25
C PHE C 392 -11.52 -57.18 39.29
N LYS C 393 -11.86 -57.35 38.02
CA LYS C 393 -11.50 -56.42 36.96
C LYS C 393 -12.78 -55.80 36.43
N LYS C 394 -12.93 -54.49 36.63
CA LYS C 394 -14.10 -53.78 36.14
C LYS C 394 -14.04 -53.67 34.62
N GLY C 395 -15.20 -53.46 34.03
CA GLY C 395 -15.30 -53.33 32.59
C GLY C 395 -15.84 -54.58 31.94
N SER C 396 -15.79 -54.56 30.60
CA SER C 396 -16.26 -55.67 29.80
C SER C 396 -15.45 -55.73 28.52
N SER C 397 -15.57 -56.84 27.81
CA SER C 397 -14.92 -56.95 26.51
C SER C 397 -15.52 -55.98 25.50
N ILE C 398 -16.80 -55.67 25.65
CA ILE C 398 -17.45 -54.73 24.74
C ILE C 398 -16.89 -53.33 24.95
N GLY C 399 -16.70 -52.92 26.20
CA GLY C 399 -16.09 -51.63 26.47
C GLY C 399 -14.64 -51.58 26.05
N GLN C 400 -13.93 -52.70 26.16
CA GLN C 400 -12.53 -52.76 25.73
C GLN C 400 -12.41 -52.65 24.22
N MET C 401 -13.30 -53.32 23.48
CA MET C 401 -13.26 -53.25 22.02
C MET C 401 -13.56 -51.83 21.54
N PHE C 402 -14.45 -51.13 22.23
CA PHE C 402 -14.70 -49.75 21.91
C PHE C 402 -13.49 -48.87 22.21
N GLU C 403 -12.82 -49.12 23.33
CA GLU C 403 -11.64 -48.34 23.65
C GLU C 403 -10.48 -48.67 22.72
N THR C 404 -10.40 -49.91 22.24
CA THR C 404 -9.39 -50.26 21.25
C THR C 404 -9.67 -49.57 19.92
N THR C 405 -10.94 -49.44 19.56
CA THR C 405 -11.32 -48.75 18.33
C THR C 405 -10.94 -47.28 18.38
N MET C 406 -11.10 -46.65 19.55
CA MET C 406 -10.79 -45.23 19.66
C MET C 406 -9.29 -44.98 19.67
N ARG C 407 -8.54 -45.83 20.38
CA ARG C 407 -7.08 -45.73 20.33
C ARG C 407 -6.57 -45.94 18.92
N GLY C 408 -7.12 -46.92 18.20
CA GLY C 408 -6.77 -47.09 16.80
C GLY C 408 -7.09 -45.86 15.97
N ALA C 409 -8.28 -45.28 16.18
CA ALA C 409 -8.65 -44.06 15.47
C ALA C 409 -7.73 -42.91 15.84
N LYS C 410 -7.40 -42.77 17.13
CA LYS C 410 -6.51 -41.70 17.55
C LYS C 410 -5.10 -41.88 17.01
N ARG C 411 -4.64 -43.13 16.89
CA ARG C 411 -3.34 -43.37 16.30
C ARG C 411 -3.30 -42.96 14.83
N MET C 412 -4.40 -43.22 14.11
CA MET C 412 -4.48 -42.76 12.72
C MET C 412 -4.54 -41.24 12.65
N ALA C 413 -5.27 -40.61 13.57
CA ALA C 413 -5.38 -39.16 13.56
C ALA C 413 -4.04 -38.49 13.80
N ILE C 414 -3.11 -39.17 14.46
CA ILE C 414 -1.79 -38.63 14.76
C ILE C 414 -0.75 -39.11 13.77
N LEU C 415 -0.70 -40.42 13.50
CA LEU C 415 0.36 -40.95 12.65
C LEU C 415 0.00 -40.87 11.16
N GLY C 416 -1.28 -40.88 10.82
CA GLY C 416 -1.66 -40.88 9.43
C GLY C 416 -1.57 -42.27 8.85
N ASP C 417 -0.88 -42.39 7.72
CA ASP C 417 -0.70 -43.69 7.09
C ASP C 417 0.27 -44.57 7.87
N THR C 418 1.19 -43.97 8.62
CA THR C 418 2.13 -44.74 9.43
C THR C 418 1.43 -45.56 10.50
N ALA C 419 0.20 -45.21 10.87
CA ALA C 419 -0.53 -45.98 11.86
C ALA C 419 -0.81 -47.40 11.38
N TRP C 420 -0.83 -47.63 10.06
CA TRP C 420 -1.00 -48.97 9.53
C TRP C 420 0.22 -49.84 9.74
N ASP C 421 1.37 -49.26 10.08
CA ASP C 421 2.57 -50.02 10.38
C ASP C 421 2.64 -50.47 11.84
N PHE C 422 1.70 -50.07 12.68
CA PHE C 422 1.98 -50.05 14.12
C PHE C 422 2.13 -51.45 14.70
N GLY C 423 1.22 -52.35 14.39
CA GLY C 423 1.41 -53.72 14.86
C GLY C 423 1.49 -54.68 13.71
N SER C 424 2.10 -54.21 12.63
CA SER C 424 1.98 -54.85 11.33
C SER C 424 2.91 -56.05 11.21
N LEU C 425 2.38 -57.16 10.72
CA LEU C 425 3.16 -58.34 10.41
C LEU C 425 3.31 -58.53 8.91
N GLY C 426 3.33 -57.43 8.16
CA GLY C 426 3.48 -57.51 6.73
C GLY C 426 2.30 -58.10 6.00
N GLY C 427 1.12 -58.10 6.61
CA GLY C 427 -0.04 -58.67 5.98
C GLY C 427 -0.48 -57.89 4.75
N VAL C 428 -1.28 -58.55 3.93
CA VAL C 428 -1.70 -57.96 2.66
C VAL C 428 -2.84 -56.96 2.86
N PHE C 429 -3.68 -57.17 3.87
CA PHE C 429 -4.73 -56.20 4.16
C PHE C 429 -4.17 -54.92 4.77
N THR C 430 -3.07 -55.01 5.51
CA THR C 430 -2.49 -53.80 6.08
C THR C 430 -1.80 -52.96 5.01
N SER C 431 -1.18 -53.58 4.02
CA SER C 431 -0.55 -52.81 2.96
C SER C 431 -1.60 -52.16 2.05
N ILE C 432 -2.77 -52.80 1.91
CA ILE C 432 -3.87 -52.18 1.18
C ILE C 432 -4.45 -51.02 1.97
N GLY C 433 -4.74 -51.25 3.25
CA GLY C 433 -5.26 -50.18 4.10
C GLY C 433 -4.33 -48.99 4.16
N LYS C 434 -3.02 -49.24 4.13
CA LYS C 434 -2.04 -48.16 4.14
C LYS C 434 -2.08 -47.38 2.83
N ALA C 435 -2.13 -48.08 1.70
CA ALA C 435 -2.11 -47.41 0.40
C ALA C 435 -3.35 -46.56 0.20
N LEU C 436 -4.51 -47.06 0.61
CA LEU C 436 -5.74 -46.27 0.52
C LEU C 436 -5.70 -45.10 1.48
N HIS C 437 -5.06 -45.27 2.63
CA HIS C 437 -4.88 -44.17 3.57
C HIS C 437 -3.93 -43.13 3.00
N GLN C 438 -2.90 -43.56 2.27
CA GLN C 438 -1.95 -42.62 1.70
C GLN C 438 -2.61 -41.73 0.65
N VAL C 439 -3.48 -42.30 -0.19
CA VAL C 439 -4.12 -41.49 -1.22
C VAL C 439 -5.25 -40.66 -0.61
N PHE C 440 -6.06 -41.25 0.27
CA PHE C 440 -7.10 -40.46 0.92
C PHE C 440 -6.50 -39.42 1.85
N GLY C 441 -5.38 -39.75 2.50
CA GLY C 441 -4.74 -38.78 3.39
C GLY C 441 -4.08 -37.64 2.65
N ALA C 442 -3.46 -37.94 1.50
CA ALA C 442 -2.87 -36.89 0.68
C ALA C 442 -3.94 -35.92 0.17
N ILE C 443 -5.06 -36.45 -0.27
CA ILE C 443 -6.16 -35.60 -0.73
C ILE C 443 -6.75 -34.82 0.44
N TYR C 444 -7.01 -35.50 1.54
CA TYR C 444 -7.56 -34.84 2.72
C TYR C 444 -6.61 -33.78 3.25
N GLY C 445 -5.31 -34.04 3.19
CA GLY C 445 -4.34 -33.08 3.71
C GLY C 445 -4.24 -31.83 2.86
N ALA C 446 -4.41 -31.97 1.54
CA ALA C 446 -4.40 -30.80 0.68
C ALA C 446 -5.62 -29.93 0.90
N ALA C 447 -6.77 -30.53 1.24
CA ALA C 447 -8.02 -29.80 1.35
C ALA C 447 -8.21 -29.13 2.70
N PHE C 448 -7.55 -29.62 3.75
CA PHE C 448 -7.73 -29.07 5.08
C PHE C 448 -6.45 -28.52 5.67
N SER C 449 -5.40 -28.41 4.88
CA SER C 449 -4.19 -27.74 5.33
C SER C 449 -4.50 -26.31 5.73
N GLY C 450 -3.88 -25.87 6.84
CA GLY C 450 -3.93 -24.49 7.27
C GLY C 450 -5.14 -24.07 8.07
N VAL C 451 -6.21 -24.86 8.10
CA VAL C 451 -7.41 -24.44 8.81
C VAL C 451 -7.36 -24.93 10.25
N SER C 452 -7.97 -24.15 11.14
CA SER C 452 -8.02 -24.50 12.54
C SER C 452 -9.09 -25.57 12.80
N TRP C 453 -9.11 -26.05 14.04
CA TRP C 453 -10.02 -27.13 14.41
C TRP C 453 -11.47 -26.69 14.37
N THR C 454 -11.74 -25.42 14.65
CA THR C 454 -13.10 -24.92 14.55
C THR C 454 -13.58 -24.90 13.11
N MET C 455 -12.67 -24.66 12.17
CA MET C 455 -13.05 -24.70 10.76
C MET C 455 -13.34 -26.13 10.31
N LYS C 456 -12.53 -27.09 10.76
CA LYS C 456 -12.79 -28.49 10.42
C LYS C 456 -14.11 -28.95 11.01
N ILE C 457 -14.50 -28.42 12.16
CA ILE C 457 -15.80 -28.79 12.74
C ILE C 457 -16.92 -28.16 11.92
N LEU C 458 -16.77 -26.89 11.54
CA LEU C 458 -17.76 -26.26 10.68
C LEU C 458 -17.88 -26.99 9.35
N ILE C 459 -16.74 -27.31 8.72
CA ILE C 459 -16.79 -27.99 7.42
C ILE C 459 -17.36 -29.40 7.57
N GLY C 460 -17.03 -30.07 8.67
CA GLY C 460 -17.60 -31.38 8.92
C GLY C 460 -19.11 -31.36 9.05
N VAL C 461 -19.64 -30.35 9.74
CA VAL C 461 -21.09 -30.21 9.86
C VAL C 461 -21.70 -29.88 8.50
N VAL C 462 -20.99 -29.09 7.70
CA VAL C 462 -21.51 -28.71 6.39
C VAL C 462 -21.53 -29.92 5.46
N ILE C 463 -20.43 -30.66 5.41
CA ILE C 463 -20.35 -31.81 4.49
C ILE C 463 -21.31 -32.91 4.92
N THR C 464 -21.40 -33.17 6.23
CA THR C 464 -22.35 -34.16 6.72
C THR C 464 -23.77 -33.76 6.36
N TRP C 465 -24.07 -32.46 6.39
CA TRP C 465 -25.41 -32.00 6.04
C TRP C 465 -25.67 -32.11 4.54
N ILE C 466 -24.65 -31.90 3.70
CA ILE C 466 -24.83 -32.08 2.27
C ILE C 466 -24.99 -33.55 1.91
N GLY C 467 -24.53 -34.45 2.76
CA GLY C 467 -24.74 -35.87 2.54
C GLY C 467 -26.07 -36.34 3.08
N MET C 468 -26.49 -35.78 4.22
CA MET C 468 -27.78 -36.13 4.78
C MET C 468 -28.94 -35.60 3.93
N ASN C 469 -28.68 -34.65 3.04
CA ASN C 469 -29.67 -34.12 2.12
C ASN C 469 -29.32 -34.45 0.68
N SER C 470 -28.71 -35.60 0.46
CA SER C 470 -28.33 -36.03 -0.88
C SER C 470 -29.11 -37.27 -1.30
N THR C 473 -28.48 -42.01 -2.27
CA THR C 473 -27.37 -41.96 -3.21
C THR C 473 -26.09 -42.49 -2.56
N SER C 474 -25.20 -43.08 -3.37
CA SER C 474 -23.87 -43.41 -2.88
C SER C 474 -23.15 -42.18 -2.38
N LEU C 475 -23.44 -41.01 -2.97
CA LEU C 475 -22.85 -39.77 -2.49
C LEU C 475 -23.30 -39.45 -1.07
N SER C 476 -24.48 -39.91 -0.67
CA SER C 476 -24.99 -39.60 0.66
C SER C 476 -24.23 -40.35 1.74
N VAL C 477 -23.73 -41.55 1.43
CA VAL C 477 -22.93 -42.25 2.42
C VAL C 477 -21.48 -41.79 2.36
N SER C 478 -21.02 -41.35 1.19
CA SER C 478 -19.67 -40.82 1.08
C SER C 478 -19.52 -39.52 1.86
N LEU C 479 -20.41 -38.56 1.59
CA LEU C 479 -20.31 -37.27 2.28
C LEU C 479 -20.56 -37.41 3.77
N VAL C 480 -21.45 -38.31 4.19
CA VAL C 480 -21.64 -38.50 5.63
C VAL C 480 -20.41 -39.13 6.25
N LEU C 481 -19.75 -40.05 5.54
CA LEU C 481 -18.50 -40.62 6.04
C LEU C 481 -17.39 -39.59 6.08
N VAL C 482 -17.28 -38.76 5.04
CA VAL C 482 -16.21 -37.77 5.00
C VAL C 482 -16.44 -36.69 6.05
N GLY C 483 -17.69 -36.25 6.21
CA GLY C 483 -17.99 -35.26 7.21
C GLY C 483 -17.81 -35.75 8.63
N VAL C 484 -18.10 -37.03 8.87
CA VAL C 484 -17.96 -37.57 10.23
C VAL C 484 -16.49 -37.76 10.58
N VAL C 485 -15.69 -38.25 9.63
CA VAL C 485 -14.26 -38.35 9.87
C VAL C 485 -13.64 -36.96 10.02
N THR C 486 -14.12 -36.01 9.22
CA THR C 486 -13.68 -34.62 9.37
C THR C 486 -14.03 -34.08 10.76
N LEU C 487 -15.26 -34.33 11.20
CA LEU C 487 -15.67 -33.90 12.53
C LEU C 487 -14.81 -34.55 13.61
N TYR C 488 -14.53 -35.84 13.47
CA TYR C 488 -13.71 -36.53 14.46
C TYR C 488 -12.29 -35.96 14.49
N LEU C 489 -11.75 -35.59 13.33
CA LEU C 489 -10.41 -35.04 13.28
C LEU C 489 -10.35 -33.63 13.85
N GLY C 490 -11.43 -32.85 13.70
CA GLY C 490 -11.49 -31.55 14.34
C GLY C 490 -11.54 -31.64 15.85
N VAL C 491 -12.21 -32.66 16.38
CA VAL C 491 -12.23 -32.88 17.82
C VAL C 491 -10.89 -33.41 18.31
N MET C 492 -10.16 -34.15 17.48
CA MET C 492 -8.89 -34.75 17.90
C MET C 492 -7.69 -33.84 17.72
N VAL C 493 -7.68 -32.99 16.70
CA VAL C 493 -6.52 -32.14 16.45
C VAL C 493 -6.39 -31.09 17.55
N GLN C 494 -5.16 -30.77 17.93
CA GLN C 494 -4.94 -29.89 19.06
C GLN C 494 -5.30 -28.44 18.74
N ALA C 495 -5.12 -28.03 17.49
CA ALA C 495 -5.42 -26.67 17.08
C ALA C 495 -6.06 -26.65 15.70
N SER D 1 12.96 -0.71 -23.66
CA SER D 1 13.75 0.42 -24.13
C SER D 1 12.95 1.70 -24.15
N VAL D 2 13.63 2.83 -23.99
CA VAL D 2 13.00 4.13 -24.17
C VAL D 2 12.52 4.32 -25.59
N ALA D 3 13.20 3.71 -26.57
CA ALA D 3 12.79 3.85 -27.97
C ALA D 3 11.37 3.35 -28.19
N LEU D 4 10.89 2.43 -27.36
CA LEU D 4 9.52 1.94 -27.45
C LEU D 4 8.49 2.94 -26.92
N VAL D 5 8.89 3.96 -26.19
CA VAL D 5 7.95 4.96 -25.69
C VAL D 5 8.29 6.33 -26.29
N PRO D 6 7.99 6.56 -27.56
CA PRO D 6 8.31 7.85 -28.15
C PRO D 6 7.39 8.95 -27.65
N HIS D 7 7.88 10.19 -27.79
CA HIS D 7 7.16 11.38 -27.35
C HIS D 7 6.11 11.78 -28.38
N VAL D 8 5.24 10.84 -28.70
CA VAL D 8 4.29 10.96 -29.79
C VAL D 8 2.88 10.98 -29.20
N GLY D 9 2.07 11.93 -29.65
CA GLY D 9 0.71 12.07 -29.17
C GLY D 9 0.59 12.74 -27.83
N MET D 10 1.50 13.66 -27.50
CA MET D 10 1.54 14.28 -26.19
C MET D 10 0.85 15.63 -26.14
N GLY D 11 0.38 16.15 -27.28
CA GLY D 11 -0.32 17.42 -27.29
C GLY D 11 0.54 18.62 -26.99
N LEU D 12 1.83 18.57 -27.31
CA LEU D 12 2.71 19.72 -27.19
C LEU D 12 3.23 20.16 -28.55
N GLU D 13 2.71 19.60 -29.63
CA GLU D 13 3.19 19.96 -30.97
C GLU D 13 2.78 21.38 -31.32
N THR D 14 3.73 22.11 -31.87
CA THR D 14 3.55 23.45 -32.39
C THR D 14 3.72 23.40 -33.90
N ARG D 15 3.76 24.57 -34.52
CA ARG D 15 4.08 24.61 -35.94
C ARG D 15 5.54 24.30 -36.20
N THR D 16 6.41 24.50 -35.21
CA THR D 16 7.80 24.13 -35.32
C THR D 16 7.95 22.63 -35.58
N GLU D 17 8.85 22.29 -36.50
CA GLU D 17 9.11 20.90 -36.81
C GLU D 17 9.70 20.17 -35.61
N THR D 18 9.19 18.97 -35.34
CA THR D 18 9.64 18.19 -34.20
C THR D 18 10.92 17.42 -34.54
N TRP D 19 11.39 16.65 -33.56
CA TRP D 19 12.77 16.18 -33.54
C TRP D 19 13.09 15.23 -34.71
N MET D 20 12.26 14.23 -34.93
CA MET D 20 12.46 13.34 -36.07
C MET D 20 11.17 13.19 -36.85
N SER D 21 10.53 14.31 -37.16
CA SER D 21 9.18 14.27 -37.72
C SER D 21 9.16 13.59 -39.08
N SER D 22 10.05 13.99 -39.98
CA SER D 22 10.15 13.31 -41.27
C SER D 22 10.59 11.87 -41.11
N GLU D 23 11.64 11.63 -40.32
CA GLU D 23 12.08 10.27 -40.03
C GLU D 23 10.94 9.45 -39.43
N GLY D 24 10.45 9.85 -38.27
CA GLY D 24 9.43 9.09 -37.57
C GLY D 24 8.12 8.91 -38.30
N ALA D 25 7.91 9.68 -39.38
CA ALA D 25 6.61 9.69 -40.04
C ALA D 25 6.17 8.31 -40.49
N TRP D 26 6.97 7.65 -41.31
CA TRP D 26 6.57 6.39 -41.92
C TRP D 26 7.37 5.19 -41.42
N LYS D 27 8.10 5.34 -40.31
CA LYS D 27 8.88 4.22 -39.78
C LYS D 27 7.99 3.04 -39.44
N HIS D 28 6.88 3.29 -38.75
CA HIS D 28 6.01 2.21 -38.33
C HIS D 28 5.34 1.55 -39.53
N ALA D 29 4.95 2.34 -40.53
CA ALA D 29 4.41 1.76 -41.76
C ALA D 29 5.46 0.93 -42.49
N GLN D 30 6.65 1.50 -42.68
CA GLN D 30 7.75 0.76 -43.29
C GLN D 30 8.14 -0.46 -42.47
N ARG D 31 7.99 -0.38 -41.14
CA ARG D 31 8.37 -1.51 -40.31
C ARG D 31 7.36 -2.64 -40.44
N ILE D 32 6.07 -2.31 -40.49
CA ILE D 32 5.05 -3.33 -40.69
C ILE D 32 5.15 -3.90 -42.10
N GLU D 33 5.50 -3.07 -43.08
CA GLU D 33 5.59 -3.54 -44.46
C GLU D 33 6.71 -4.57 -44.61
N THR D 34 7.89 -4.28 -44.08
CA THR D 34 8.99 -5.24 -44.13
C THR D 34 8.61 -6.54 -43.43
N TRP D 35 7.86 -6.44 -42.32
CA TRP D 35 7.52 -7.63 -41.55
C TRP D 35 6.61 -8.56 -42.34
N VAL D 36 5.62 -8.01 -43.03
CA VAL D 36 4.72 -8.85 -43.83
C VAL D 36 5.51 -9.54 -44.94
N LEU D 37 6.50 -8.87 -45.50
CA LEU D 37 7.31 -9.47 -46.55
C LEU D 37 8.27 -10.52 -46.02
N ARG D 38 8.62 -10.46 -44.73
CA ARG D 38 9.47 -11.49 -44.15
C ARG D 38 8.69 -12.60 -43.47
N HIS D 39 7.41 -12.36 -43.16
CA HIS D 39 6.58 -13.32 -42.45
C HIS D 39 5.22 -13.43 -43.12
N PRO D 40 5.17 -13.86 -44.38
CA PRO D 40 3.89 -13.95 -45.07
C PRO D 40 3.00 -15.07 -44.56
N GLY D 41 3.57 -16.07 -43.90
CA GLY D 41 2.75 -17.14 -43.36
C GLY D 41 1.79 -16.64 -42.29
N PHE D 42 2.30 -15.81 -41.38
CA PHE D 42 1.43 -15.29 -40.33
C PHE D 42 0.34 -14.40 -40.91
N THR D 43 0.66 -13.62 -41.95
CA THR D 43 -0.33 -12.76 -42.56
C THR D 43 -1.46 -13.55 -43.18
N ILE D 44 -1.15 -14.73 -43.73
CA ILE D 44 -2.19 -15.63 -44.20
C ILE D 44 -3.04 -16.13 -43.03
N MET D 45 -2.39 -16.62 -41.97
CA MET D 45 -3.13 -17.05 -40.79
C MET D 45 -3.94 -15.91 -40.20
N ALA D 46 -3.40 -14.69 -40.24
CA ALA D 46 -4.17 -13.52 -39.80
C ALA D 46 -5.37 -13.29 -40.70
N ALA D 47 -5.20 -13.43 -42.01
CA ALA D 47 -6.32 -13.25 -42.93
C ALA D 47 -7.38 -14.31 -42.72
N ILE D 48 -6.95 -15.57 -42.58
CA ILE D 48 -7.88 -16.66 -42.32
C ILE D 48 -8.64 -16.42 -41.02
N LEU D 49 -7.90 -16.09 -39.95
CA LEU D 49 -8.55 -15.88 -38.66
C LEU D 49 -9.48 -14.68 -38.70
N ALA D 50 -9.09 -13.62 -39.41
CA ALA D 50 -9.95 -12.45 -39.51
C ALA D 50 -11.25 -12.80 -40.22
N TYR D 51 -11.16 -13.52 -41.34
CA TYR D 51 -12.35 -13.97 -42.06
C TYR D 51 -13.25 -14.83 -41.18
N THR D 52 -12.67 -15.58 -40.25
CA THR D 52 -13.45 -16.47 -39.42
C THR D 52 -14.07 -15.75 -38.23
N ILE D 53 -13.33 -14.84 -37.60
CA ILE D 53 -13.85 -14.14 -36.43
C ILE D 53 -14.91 -13.13 -36.84
N GLY D 54 -14.66 -12.38 -37.91
CA GLY D 54 -15.56 -11.33 -38.31
C GLY D 54 -16.73 -11.86 -39.14
N THR D 55 -17.90 -11.27 -38.91
CA THR D 55 -19.09 -11.60 -39.68
C THR D 55 -19.21 -10.72 -40.92
N THR D 56 -18.92 -9.44 -40.80
CA THR D 56 -18.99 -8.50 -41.90
C THR D 56 -17.59 -8.18 -42.39
N TYR D 57 -17.48 -7.83 -43.67
CA TYR D 57 -16.16 -7.55 -44.24
C TYR D 57 -15.51 -6.34 -43.61
N PHE D 58 -16.29 -5.48 -42.95
CA PHE D 58 -15.66 -4.40 -42.20
C PHE D 58 -15.05 -4.92 -40.91
N GLN D 59 -15.73 -5.83 -40.23
CA GLN D 59 -15.14 -6.51 -39.08
C GLN D 59 -13.93 -7.33 -39.51
N ARG D 60 -14.02 -8.01 -40.65
CA ARG D 60 -12.94 -8.90 -41.07
C ARG D 60 -11.69 -8.12 -41.47
N VAL D 61 -11.88 -7.04 -42.24
CA VAL D 61 -10.74 -6.22 -42.65
C VAL D 61 -10.11 -5.54 -41.44
N LEU D 62 -10.93 -5.09 -40.49
CA LEU D 62 -10.38 -4.41 -39.31
C LEU D 62 -9.58 -5.38 -38.45
N ILE D 63 -10.10 -6.59 -38.24
CA ILE D 63 -9.38 -7.58 -37.46
C ILE D 63 -8.08 -7.96 -38.15
N PHE D 64 -8.10 -8.04 -39.49
CA PHE D 64 -6.89 -8.38 -40.22
C PHE D 64 -5.84 -7.27 -40.11
N ILE D 65 -6.27 -6.02 -40.20
CA ILE D 65 -5.34 -4.90 -40.12
C ILE D 65 -4.76 -4.78 -38.72
N LEU D 66 -5.60 -4.95 -37.70
CA LEU D 66 -5.13 -4.85 -36.33
C LEU D 66 -4.23 -6.03 -35.97
N LEU D 67 -4.57 -7.23 -36.43
CA LEU D 67 -3.76 -8.40 -36.14
C LEU D 67 -2.42 -8.33 -36.85
N THR D 68 -2.41 -7.84 -38.08
CA THR D 68 -1.16 -7.64 -38.81
C THR D 68 -0.31 -6.53 -38.18
N ALA D 69 -0.93 -5.60 -37.46
CA ALA D 69 -0.17 -4.51 -36.87
C ALA D 69 0.33 -4.86 -35.48
N VAL D 70 -0.40 -5.72 -34.75
CA VAL D 70 0.01 -6.11 -33.41
C VAL D 70 1.18 -7.07 -33.45
N ALA D 71 1.25 -7.91 -34.47
CA ALA D 71 2.21 -9.02 -34.54
C ALA D 71 3.66 -8.58 -34.44
N PRO D 72 4.13 -7.60 -35.21
CA PRO D 72 5.50 -7.12 -35.04
C PRO D 72 5.68 -6.10 -33.92
N SER D 73 4.66 -5.84 -33.13
CA SER D 73 4.73 -4.86 -32.05
C SER D 73 4.83 -5.49 -30.67
N MET D 74 4.17 -6.63 -30.44
CA MET D 74 4.31 -7.36 -29.19
C MET D 74 5.72 -7.92 -29.00
N THR D 75 6.55 -7.87 -30.03
CA THR D 75 7.89 -8.43 -30.02
C THR D 75 8.81 -7.73 -29.01
N SER E 1 -3.85 -13.15 22.45
CA SER E 1 -3.02 -11.99 22.10
C SER E 1 -3.87 -10.74 21.99
N VAL E 2 -3.30 -9.62 22.45
CA VAL E 2 -3.94 -8.32 22.24
C VAL E 2 -3.99 -7.97 20.77
N ALA E 3 -3.04 -8.47 19.98
CA ALA E 3 -3.00 -8.17 18.56
C ALA E 3 -4.22 -8.67 17.81
N LEU E 4 -4.96 -9.63 18.37
CA LEU E 4 -6.15 -10.15 17.71
C LEU E 4 -7.39 -9.32 17.98
N VAL E 5 -7.32 -8.35 18.89
CA VAL E 5 -8.44 -7.46 19.16
C VAL E 5 -7.98 -6.02 18.92
N PRO E 6 -7.76 -5.62 17.67
CA PRO E 6 -7.23 -4.28 17.41
C PRO E 6 -8.29 -3.21 17.65
N HIS E 7 -7.79 -1.97 17.69
CA HIS E 7 -8.61 -0.79 17.98
C HIS E 7 -9.29 -0.27 16.71
N VAL E 8 -10.08 -1.13 16.10
CA VAL E 8 -10.69 -0.87 14.80
C VAL E 8 -12.20 -0.88 14.97
N GLY E 9 -12.86 0.08 14.34
CA GLY E 9 -14.30 0.18 14.41
C GLY E 9 -14.83 0.75 15.71
N MET E 10 -14.08 1.65 16.35
CA MET E 10 -14.45 2.15 17.67
C MET E 10 -15.13 3.52 17.61
N GLY E 11 -15.26 4.11 16.43
CA GLY E 11 -15.89 5.41 16.32
C GLY E 11 -15.18 6.53 17.04
N LEU E 12 -13.86 6.44 17.18
CA LEU E 12 -13.05 7.51 17.75
C LEU E 12 -12.15 8.14 16.72
N GLU E 13 -12.26 7.74 15.47
CA GLU E 13 -11.36 8.21 14.43
C GLU E 13 -11.67 9.65 14.06
N THR E 14 -10.64 10.47 14.02
CA THR E 14 -10.70 11.85 13.60
C THR E 14 -10.05 11.97 12.22
N ARG E 15 -9.86 13.20 11.77
CA ARG E 15 -9.13 13.39 10.51
C ARG E 15 -7.65 13.05 10.67
N THR E 16 -7.14 13.13 11.89
CA THR E 16 -5.77 12.72 12.19
C THR E 16 -5.51 11.28 11.77
N GLU E 17 -4.36 11.07 11.15
CA GLU E 17 -3.92 9.72 10.83
C GLU E 17 -3.79 8.86 12.08
N THR E 18 -4.43 7.69 12.08
CA THR E 18 -4.33 6.77 13.19
C THR E 18 -3.00 6.00 13.14
N TRP E 19 -2.79 5.14 14.15
CA TRP E 19 -1.45 4.74 14.56
C TRP E 19 -0.71 3.97 13.46
N MET E 20 -1.26 2.84 13.02
CA MET E 20 -0.63 2.13 11.92
C MET E 20 -1.59 2.05 10.75
N SER E 21 -2.22 3.19 10.42
CA SER E 21 -3.35 3.19 9.49
C SER E 21 -2.94 2.71 8.12
N SER E 22 -1.89 3.29 7.55
CA SER E 22 -1.47 2.94 6.20
C SER E 22 -1.02 1.48 6.13
N GLU E 23 -0.22 1.06 7.11
CA GLU E 23 0.16 -0.35 7.20
C GLU E 23 -1.07 -1.24 7.35
N GLY E 24 -1.81 -1.07 8.43
CA GLY E 24 -2.88 -1.98 8.78
C GLY E 24 -4.11 -1.92 7.89
N ALA E 25 -4.06 -1.19 6.78
CA ALA E 25 -5.23 -1.10 5.92
C ALA E 25 -5.44 -2.40 5.14
N TRP E 26 -4.38 -2.90 4.50
CA TRP E 26 -4.48 -4.07 3.64
C TRP E 26 -3.83 -5.31 4.22
N LYS E 27 -3.37 -5.25 5.47
CA LYS E 27 -2.65 -6.38 6.05
C LYS E 27 -3.51 -7.64 6.11
N HIS E 28 -4.81 -7.47 6.32
CA HIS E 28 -5.70 -8.62 6.32
C HIS E 28 -6.04 -9.10 4.91
N ALA E 29 -6.07 -8.19 3.94
CA ALA E 29 -6.26 -8.61 2.56
C ALA E 29 -5.01 -9.25 1.99
N GLN E 30 -3.83 -8.82 2.45
CA GLN E 30 -2.60 -9.48 2.02
C GLN E 30 -2.39 -10.80 2.75
N ARG E 31 -2.88 -10.90 3.99
CA ARG E 31 -2.79 -12.15 4.73
C ARG E 31 -3.65 -13.24 4.11
N ILE E 32 -4.89 -12.90 3.75
CA ILE E 32 -5.76 -13.87 3.11
C ILE E 32 -5.21 -14.28 1.75
N GLU E 33 -4.59 -13.35 1.03
CA GLU E 33 -3.98 -13.69 -0.24
C GLU E 33 -2.84 -14.69 -0.07
N THR E 34 -1.94 -14.41 0.88
CA THR E 34 -0.86 -15.35 1.16
C THR E 34 -1.40 -16.72 1.53
N TRP E 35 -2.48 -16.77 2.29
CA TRP E 35 -3.02 -18.04 2.74
C TRP E 35 -3.66 -18.82 1.59
N VAL E 36 -4.42 -18.14 0.74
CA VAL E 36 -5.03 -18.82 -0.40
C VAL E 36 -3.96 -19.38 -1.32
N LEU E 37 -2.88 -18.64 -1.53
CA LEU E 37 -1.78 -19.15 -2.34
C LEU E 37 -1.06 -20.30 -1.65
N ARG E 38 -1.02 -20.32 -0.32
CA ARG E 38 -0.38 -21.42 0.39
C ARG E 38 -1.29 -22.62 0.51
N HIS E 39 -2.61 -22.41 0.54
CA HIS E 39 -3.57 -23.50 0.76
C HIS E 39 -4.65 -23.48 -0.31
N PRO E 40 -4.27 -23.73 -1.57
CA PRO E 40 -5.30 -23.76 -2.62
C PRO E 40 -6.29 -24.91 -2.45
N GLY E 41 -5.89 -25.99 -1.79
CA GLY E 41 -6.81 -27.10 -1.58
C GLY E 41 -8.07 -26.69 -0.87
N PHE E 42 -7.94 -25.91 0.20
CA PHE E 42 -9.13 -25.43 0.91
C PHE E 42 -9.95 -24.50 0.02
N THR E 43 -9.28 -23.59 -0.69
CA THR E 43 -9.98 -22.67 -1.57
C THR E 43 -10.73 -23.43 -2.66
N ILE E 44 -10.18 -24.55 -3.13
CA ILE E 44 -10.89 -25.40 -4.07
C ILE E 44 -12.04 -26.11 -3.38
N MET E 45 -11.82 -26.60 -2.15
CA MET E 45 -12.91 -27.19 -1.39
C MET E 45 -13.94 -26.13 -1.00
N ALA E 46 -13.50 -24.89 -0.75
CA ALA E 46 -14.43 -23.82 -0.44
C ALA E 46 -15.29 -23.46 -1.64
N ALA E 47 -14.74 -23.54 -2.84
CA ALA E 47 -15.53 -23.23 -4.03
C ALA E 47 -16.60 -24.29 -4.25
N ILE E 48 -16.23 -25.57 -4.14
CA ILE E 48 -17.20 -26.65 -4.34
C ILE E 48 -18.30 -26.58 -3.30
N LEU E 49 -17.94 -26.28 -2.05
CA LEU E 49 -18.96 -26.17 -1.01
C LEU E 49 -19.84 -24.96 -1.23
N ALA E 50 -19.26 -23.83 -1.62
CA ALA E 50 -20.04 -22.63 -1.88
C ALA E 50 -20.96 -22.82 -3.07
N TYR E 51 -20.51 -23.59 -4.06
CA TYR E 51 -21.38 -23.91 -5.19
C TYR E 51 -22.55 -24.78 -4.77
N THR E 52 -22.31 -25.78 -3.91
CA THR E 52 -23.35 -26.72 -3.56
C THR E 52 -24.39 -26.12 -2.61
N ILE E 53 -23.94 -25.38 -1.60
CA ILE E 53 -24.85 -24.82 -0.61
C ILE E 53 -25.69 -23.71 -1.23
N GLY E 54 -25.04 -22.77 -1.90
CA GLY E 54 -25.74 -21.63 -2.44
C GLY E 54 -26.53 -21.97 -3.71
N THR E 55 -27.75 -21.45 -3.76
CA THR E 55 -28.59 -21.63 -4.95
C THR E 55 -28.24 -20.60 -6.01
N THR E 56 -28.40 -19.32 -5.70
CA THR E 56 -28.09 -18.26 -6.63
C THR E 56 -26.58 -18.03 -6.67
N TYR E 57 -26.15 -17.30 -7.69
CA TYR E 57 -24.72 -17.02 -7.80
C TYR E 57 -24.28 -15.99 -6.76
N PHE E 58 -25.19 -15.15 -6.29
CA PHE E 58 -24.82 -14.22 -5.24
C PHE E 58 -24.54 -14.96 -3.94
N GLN E 59 -25.41 -15.92 -3.58
CA GLN E 59 -25.16 -16.75 -2.41
C GLN E 59 -23.87 -17.53 -2.54
N ARG E 60 -23.64 -18.14 -3.72
CA ARG E 60 -22.43 -18.91 -3.92
C ARG E 60 -21.18 -18.07 -3.71
N VAL E 61 -21.13 -16.91 -4.37
CA VAL E 61 -19.94 -16.06 -4.27
C VAL E 61 -19.79 -15.52 -2.86
N LEU E 62 -20.90 -15.19 -2.21
CA LEU E 62 -20.82 -14.68 -0.84
C LEU E 62 -20.33 -15.77 0.11
N ILE E 63 -20.87 -16.98 0.00
CA ILE E 63 -20.40 -18.08 0.84
C ILE E 63 -18.93 -18.36 0.57
N PHE E 64 -18.52 -18.30 -0.70
CA PHE E 64 -17.13 -18.56 -1.02
C PHE E 64 -16.22 -17.52 -0.39
N ILE E 65 -16.60 -16.25 -0.48
CA ILE E 65 -15.76 -15.18 0.06
C ILE E 65 -15.66 -15.29 1.57
N LEU E 66 -16.80 -15.53 2.23
CA LEU E 66 -16.82 -15.67 3.68
C LEU E 66 -16.02 -16.88 4.13
N LEU E 67 -16.20 -18.02 3.46
CA LEU E 67 -15.42 -19.20 3.80
C LEU E 67 -13.93 -18.94 3.66
N THR E 68 -13.54 -18.37 2.52
CA THR E 68 -12.14 -18.08 2.26
C THR E 68 -11.57 -17.08 3.25
N ALA E 69 -12.40 -16.19 3.80
CA ALA E 69 -11.92 -15.16 4.71
C ALA E 69 -11.87 -15.65 6.15
N VAL E 70 -12.67 -16.66 6.49
CA VAL E 70 -12.68 -17.21 7.84
C VAL E 70 -11.54 -18.19 8.05
N ALA E 71 -11.19 -18.95 7.02
CA ALA E 71 -10.23 -20.04 7.07
C ALA E 71 -8.84 -19.65 7.57
N PRO E 72 -8.22 -18.57 7.05
CA PRO E 72 -6.89 -18.26 7.59
C PRO E 72 -6.93 -17.87 9.06
N SER F 1 0.97 -8.53 11.89
CA SER F 1 1.63 -9.17 13.02
C SER F 1 1.80 -10.68 12.80
N VAL F 2 2.89 -11.24 13.33
CA VAL F 2 3.07 -12.68 13.30
C VAL F 2 1.95 -13.38 14.05
N ALA F 3 1.47 -12.77 15.14
CA ALA F 3 0.36 -13.34 15.89
C ALA F 3 -0.86 -13.57 15.03
N LEU F 4 -1.00 -12.86 13.90
CA LEU F 4 -2.10 -13.11 13.00
C LEU F 4 -1.91 -14.37 12.16
N VAL F 5 -0.69 -14.87 12.03
CA VAL F 5 -0.44 -16.08 11.25
C VAL F 5 0.12 -17.16 12.18
N PRO F 6 -0.70 -17.81 12.99
CA PRO F 6 -0.19 -18.80 13.94
C PRO F 6 0.06 -20.14 13.26
N HIS F 7 0.79 -20.98 13.98
CA HIS F 7 1.23 -22.26 13.47
C HIS F 7 0.15 -23.33 13.58
N VAL F 8 -1.04 -23.03 13.07
CA VAL F 8 -2.19 -23.91 13.19
C VAL F 8 -2.49 -24.50 11.83
N GLY F 9 -2.70 -25.82 11.78
CA GLY F 9 -3.03 -26.48 10.53
C GLY F 9 -1.86 -26.81 9.64
N MET F 10 -0.67 -27.01 10.20
CA MET F 10 0.52 -27.23 9.41
C MET F 10 0.82 -28.69 9.14
N GLY F 11 0.13 -29.61 9.80
CA GLY F 11 0.36 -31.02 9.59
C GLY F 11 1.59 -31.58 10.27
N LEU F 12 2.13 -30.90 11.27
CA LEU F 12 3.29 -31.38 12.00
C LEU F 12 2.94 -31.87 13.38
N GLU F 13 1.66 -31.95 13.70
CA GLU F 13 1.23 -32.24 15.05
C GLU F 13 1.48 -33.71 15.39
N THR F 14 2.10 -33.94 16.54
CA THR F 14 2.31 -35.26 17.09
C THR F 14 1.41 -35.44 18.31
N ARG F 15 1.58 -36.56 19.01
CA ARG F 15 0.85 -36.76 20.26
C ARG F 15 1.32 -35.83 21.36
N THR F 16 2.48 -35.19 21.20
CA THR F 16 2.96 -34.25 22.19
C THR F 16 2.08 -32.99 22.20
N GLU F 17 1.84 -32.47 23.40
CA GLU F 17 1.09 -31.23 23.58
C GLU F 17 1.84 -30.07 22.92
N THR F 18 1.13 -29.31 22.09
CA THR F 18 1.75 -28.21 21.36
C THR F 18 1.90 -26.99 22.27
N TRP F 19 2.55 -25.97 21.73
CA TRP F 19 3.09 -24.85 22.52
C TRP F 19 2.02 -24.19 23.39
N MET F 20 0.91 -23.77 22.79
CA MET F 20 -0.17 -23.17 23.57
C MET F 20 -1.48 -23.89 23.27
N SER F 21 -1.46 -25.20 23.40
CA SER F 21 -2.60 -26.03 23.00
C SER F 21 -3.88 -25.62 23.72
N SER F 22 -3.78 -25.31 25.01
CA SER F 22 -4.97 -24.92 25.77
C SER F 22 -5.51 -23.57 25.30
N GLU F 23 -4.63 -22.57 25.16
CA GLU F 23 -5.10 -21.25 24.76
C GLU F 23 -5.48 -21.24 23.28
N GLY F 24 -4.67 -21.84 22.43
CA GLY F 24 -4.98 -21.85 21.01
C GLY F 24 -6.21 -22.67 20.68
N ALA F 25 -6.86 -23.24 21.71
CA ALA F 25 -8.03 -24.07 21.46
C ALA F 25 -9.30 -23.22 21.39
N TRP F 26 -9.59 -22.47 22.44
CA TRP F 26 -10.86 -21.76 22.56
C TRP F 26 -10.71 -20.25 22.55
N LYS F 27 -9.53 -19.73 22.22
CA LYS F 27 -9.33 -18.29 22.19
C LYS F 27 -10.18 -17.64 21.12
N HIS F 28 -10.17 -18.21 19.91
CA HIS F 28 -10.92 -17.63 18.81
C HIS F 28 -12.40 -17.59 19.12
N ALA F 29 -12.95 -18.69 19.62
CA ALA F 29 -14.37 -18.74 19.97
C ALA F 29 -14.69 -17.79 21.11
N GLN F 30 -13.78 -17.65 22.07
CA GLN F 30 -13.98 -16.65 23.12
C GLN F 30 -13.87 -15.24 22.57
N ARG F 31 -12.98 -15.02 21.61
CA ARG F 31 -12.88 -13.71 20.99
C ARG F 31 -14.14 -13.38 20.22
N ILE F 32 -14.71 -14.37 19.53
CA ILE F 32 -15.97 -14.16 18.82
C ILE F 32 -17.10 -13.86 19.80
N GLU F 33 -17.13 -14.59 20.93
CA GLU F 33 -18.22 -14.41 21.88
C GLU F 33 -18.10 -13.08 22.61
N THR F 34 -16.88 -12.66 22.92
CA THR F 34 -16.70 -11.33 23.50
C THR F 34 -17.09 -10.25 22.51
N TRP F 35 -16.80 -10.45 21.22
CA TRP F 35 -17.11 -9.44 20.21
C TRP F 35 -18.61 -9.28 20.03
N VAL F 36 -19.33 -10.40 19.91
CA VAL F 36 -20.79 -10.35 19.80
C VAL F 36 -21.40 -9.69 21.03
N LEU F 37 -20.86 -10.00 22.21
CA LEU F 37 -21.34 -9.37 23.44
C LEU F 37 -21.00 -7.88 23.52
N ARG F 38 -20.11 -7.38 22.67
CA ARG F 38 -19.82 -5.97 22.62
C ARG F 38 -20.45 -5.29 21.43
N HIS F 39 -20.90 -6.04 20.43
CA HIS F 39 -21.47 -5.48 19.20
C HIS F 39 -22.71 -6.25 18.82
N PRO F 40 -23.76 -6.20 19.65
CA PRO F 40 -24.98 -6.93 19.30
C PRO F 40 -25.70 -6.35 18.09
N GLY F 41 -25.45 -5.08 17.77
CA GLY F 41 -26.14 -4.46 16.65
C GLY F 41 -25.66 -4.95 15.30
N PHE F 42 -24.38 -5.33 15.20
CA PHE F 42 -23.91 -5.97 13.98
C PHE F 42 -24.47 -7.38 13.85
N THR F 43 -24.59 -8.09 14.98
CA THR F 43 -25.12 -9.43 14.95
C THR F 43 -26.58 -9.43 14.53
N ILE F 44 -27.35 -8.44 14.99
CA ILE F 44 -28.72 -8.28 14.51
C ILE F 44 -28.73 -8.01 13.01
N MET F 45 -27.85 -7.12 12.54
CA MET F 45 -27.78 -6.84 11.11
C MET F 45 -27.32 -8.06 10.33
N ALA F 46 -26.28 -8.76 10.81
CA ALA F 46 -25.84 -9.98 10.15
C ALA F 46 -26.94 -11.03 10.11
N ALA F 47 -27.71 -11.13 11.18
CA ALA F 47 -28.86 -12.03 11.19
C ALA F 47 -29.89 -11.60 10.15
N ILE F 48 -30.14 -10.29 10.05
CA ILE F 48 -31.10 -9.78 9.07
C ILE F 48 -30.60 -10.07 7.66
N LEU F 49 -29.32 -9.84 7.39
CA LEU F 49 -28.81 -10.04 6.04
C LEU F 49 -28.75 -11.52 5.68
N ALA F 50 -28.29 -12.36 6.62
CA ALA F 50 -28.29 -13.81 6.39
C ALA F 50 -29.67 -14.30 6.01
N TYR F 51 -30.69 -13.89 6.76
CA TYR F 51 -32.06 -14.29 6.45
C TYR F 51 -32.47 -13.83 5.06
N THR F 52 -32.08 -12.62 4.67
CA THR F 52 -32.49 -12.08 3.38
C THR F 52 -31.74 -12.75 2.22
N ILE F 53 -30.45 -13.04 2.40
CA ILE F 53 -29.67 -13.62 1.32
C ILE F 53 -29.98 -15.11 1.18
N GLY F 54 -30.09 -15.82 2.29
CA GLY F 54 -30.29 -17.26 2.24
C GLY F 54 -31.68 -17.61 1.75
N THR F 55 -31.77 -18.55 0.82
CA THR F 55 -33.07 -19.01 0.36
C THR F 55 -33.57 -20.19 1.18
N THR F 56 -32.65 -20.87 1.86
CA THR F 56 -32.97 -21.99 2.75
C THR F 56 -32.39 -21.72 4.12
N TYR F 57 -32.94 -22.40 5.12
CA TYR F 57 -32.49 -22.19 6.49
C TYR F 57 -31.07 -22.69 6.74
N PHE F 58 -30.61 -23.66 5.95
CA PHE F 58 -29.21 -24.07 6.04
C PHE F 58 -28.28 -22.98 5.54
N GLN F 59 -28.63 -22.36 4.40
CA GLN F 59 -27.82 -21.26 3.87
C GLN F 59 -27.82 -20.07 4.82
N ARG F 60 -28.98 -19.72 5.39
CA ARG F 60 -29.08 -18.55 6.23
C ARG F 60 -28.23 -18.69 7.48
N VAL F 61 -28.31 -19.86 8.14
CA VAL F 61 -27.50 -20.10 9.32
C VAL F 61 -26.02 -20.17 8.96
N LEU F 62 -25.69 -20.65 7.76
CA LEU F 62 -24.30 -20.68 7.35
C LEU F 62 -23.79 -19.28 7.04
N ILE F 63 -24.61 -18.46 6.39
CA ILE F 63 -24.21 -17.08 6.13
C ILE F 63 -24.10 -16.30 7.42
N PHE F 64 -25.00 -16.55 8.38
CA PHE F 64 -24.95 -15.83 9.65
C PHE F 64 -23.71 -16.17 10.43
N ILE F 65 -23.37 -17.47 10.52
CA ILE F 65 -22.21 -17.90 11.28
C ILE F 65 -20.94 -17.35 10.66
N LEU F 66 -20.87 -17.33 9.33
CA LEU F 66 -19.67 -16.86 8.66
C LEU F 66 -19.51 -15.36 8.80
N LEU F 67 -20.58 -14.59 8.59
CA LEU F 67 -20.52 -13.14 8.78
C LEU F 67 -20.10 -12.80 10.20
N THR F 68 -20.72 -13.46 11.19
CA THR F 68 -20.40 -13.20 12.59
C THR F 68 -18.97 -13.59 12.91
N ALA F 69 -18.47 -14.68 12.31
CA ALA F 69 -17.09 -15.08 12.53
C ALA F 69 -16.12 -14.17 11.79
N VAL F 70 -16.44 -13.83 10.54
CA VAL F 70 -15.55 -13.01 9.72
C VAL F 70 -15.28 -11.65 10.37
N ALA F 71 -16.31 -11.02 10.95
CA ALA F 71 -16.22 -9.61 11.32
C ALA F 71 -15.14 -9.31 12.37
N PRO F 72 -15.03 -10.03 13.48
CA PRO F 72 -13.92 -9.73 14.40
C PRO F 72 -12.57 -10.20 13.87
N SER F 73 -12.57 -11.06 12.85
CA SER F 73 -11.32 -11.52 12.27
C SER F 73 -10.80 -10.52 11.24
N MET F 74 -11.69 -9.87 10.52
CA MET F 74 -11.30 -8.89 9.51
C MET F 74 -10.65 -7.66 10.10
N THR F 75 -10.82 -7.43 11.39
CA THR F 75 -10.28 -6.27 12.08
C THR F 75 -8.74 -6.28 12.07
C1 NAG G . 19.94 44.33 -42.35
C2 NAG G . 20.80 44.36 -43.62
C3 NAG G . 22.24 44.67 -43.27
C4 NAG G . 22.33 45.96 -42.48
C5 NAG G . 21.44 45.85 -41.24
C6 NAG G . 21.39 47.13 -40.44
C7 NAG G . 19.89 42.94 -45.40
C8 NAG G . 19.92 41.59 -46.05
N2 NAG G . 20.70 43.10 -44.36
O3 NAG G . 23.00 44.79 -44.48
O4 NAG G . 23.67 46.20 -42.07
O5 NAG G . 20.10 45.56 -41.63
O6 NAG G . 21.45 48.28 -41.27
O7 NAG G . 19.16 43.83 -45.81
C1 NAG H . 36.45 -1.75 -6.37
C2 NAG H . 36.68 -1.48 -4.86
C3 NAG H . 37.95 -0.67 -4.65
C4 NAG H . 39.14 -1.32 -5.35
C5 NAG H . 38.80 -1.50 -6.82
C6 NAG H . 39.89 -2.19 -7.61
C7 NAG H . 34.53 -1.45 -3.67
C8 NAG H . 33.44 -0.58 -3.12
N2 NAG H . 35.53 -0.80 -4.28
O3 NAG H . 38.21 -0.57 -3.25
O4 NAG H . 40.29 -0.51 -5.20
O5 NAG H . 37.63 -2.32 -6.94
O6 NAG H . 39.61 -2.18 -9.00
O7 NAG H . 34.52 -2.67 -3.56
C11 6OU I . -13.59 23.46 -44.35
C12 6OU I . -14.12 24.39 -43.26
C13 6OU I . -13.13 24.43 -42.10
C14 6OU I . -13.21 25.78 -41.40
C15 6OU I . -11.81 26.21 -40.97
C16 6OU I . -11.83 27.70 -40.63
O17 6OU I . -12.56 28.11 -39.80
O18 6OU I . -10.99 28.59 -41.30
C19 6OU I . -11.21 29.92 -40.96
C20 6OU I . -10.47 30.83 -41.93
C21 6OU I . -9.98 32.05 -41.18
O22 6OU I . -9.12 31.61 -40.17
P23 6OU I . -7.89 32.60 -39.73
O24 6OU I . -7.35 32.15 -38.41
O25 6OU I . -6.81 32.53 -40.78
O26 6OU I . -8.52 34.11 -39.62
C27 6OU I . -8.37 34.81 -38.43
C28 6OU I . -8.85 36.24 -38.59
N29 6OU I . -7.75 37.06 -39.08
O30 6OU I . -11.24 31.21 -43.05
C31 6OU I . -12.62 31.19 -42.93
O32 6OU I . -13.19 31.91 -42.18
C33 6OU I . -13.44 30.22 -43.79
C34 6OU I . -14.48 29.54 -42.91
C35 6OU I . -15.44 28.74 -43.79
CBB 1Q0 J . -17.76 26.47 -34.47
CBE 1Q0 J . -17.02 25.94 -33.24
CBG 1Q0 J . -16.57 24.51 -33.53
CBH 1Q0 J . -15.17 24.29 -32.99
CBF 1Q0 J . -14.57 23.08 -33.71
CBC 1Q0 J . -13.60 22.35 -32.78
CAZ 1Q0 J . -12.96 21.22 -33.56
CAU 1Q0 J . -12.55 20.13 -32.58
CAP 1Q0 J . -11.06 19.86 -32.74
CAJ 1Q0 J . -10.60 18.84 -31.73
CAK 1Q0 J . -9.45 19.01 -31.11
CBP 1Q0 J . -8.58 20.23 -31.41
OAE 1Q0 J . -8.02 20.70 -30.21
CBQ 1Q0 J . -7.45 19.86 -32.37
CBL 1Q0 J . -6.15 20.55 -31.96
OBN 1Q0 J . -5.50 19.80 -30.98
PBR 1Q0 J . -4.33 20.54 -30.12
OAF 1Q0 J . -3.15 19.60 -29.97
OAG 1Q0 J . -4.84 20.94 -28.76
OAD 1Q0 J . -3.88 21.78 -30.86
NBM 1Q0 J . -7.72 20.20 -33.77
CBO 1Q0 J . -8.46 21.36 -34.28
OAC 1Q0 J . -8.94 22.18 -33.57
CBK 1Q0 J . -8.61 21.52 -35.79
CBJ 1Q0 J . -9.97 21.14 -36.32
CBI 1Q0 J . -10.23 22.01 -37.55
CBD 1Q0 J . -11.23 21.32 -38.47
CAY 1Q0 J . -10.62 21.14 -39.86
CAT 1Q0 J . -11.52 20.22 -40.69
CAO 1Q0 J . -10.97 20.10 -42.11
CAI 1Q0 J . -11.80 19.07 -42.88
CAH 1Q0 J . -12.08 19.22 -44.16
C1 NAG K . 6.98 33.96 11.27
C2 NAG K . 8.16 34.16 10.30
C3 NAG K . 9.42 34.52 11.08
C4 NAG K . 9.17 35.71 12.01
C5 NAG K . 7.97 35.40 12.90
C6 NAG K . 7.59 36.54 13.81
C7 NAG K . 8.08 32.89 8.20
C8 NAG K . 8.39 31.58 7.54
N2 NAG K . 8.39 32.96 9.50
O3 NAG K . 10.47 34.85 10.17
O4 NAG K . 10.31 35.96 12.81
O5 NAG K . 6.83 35.11 12.09
O6 NAG K . 7.92 37.80 13.23
O7 NAG K . 7.60 33.83 7.59
C1 NAG L . 11.51 -17.09 46.19
C2 NAG L . 11.03 -16.97 47.64
C3 NAG L . 12.01 -16.15 48.45
C4 NAG L . 13.42 -16.72 48.34
C5 NAG L . 13.81 -16.86 46.87
C6 NAG L . 15.13 -17.58 46.69
C7 NAG L . 8.62 -17.14 48.01
C8 NAG L . 7.32 -16.39 48.05
N2 NAG L . 9.70 -16.41 47.71
O3 NAG L . 11.61 -16.13 49.81
O4 NAG L . 14.34 -15.86 49.01
O5 NAG L . 12.83 -17.63 46.17
O6 NAG L . 15.02 -18.94 47.11
O7 NAG L . 8.69 -18.34 48.24
C13 6OU M . -24.06 14.30 -0.45
C14 6OU M . -23.78 15.03 0.85
C15 6OU M . -22.34 15.55 0.82
C16 6OU M . -22.28 16.92 1.47
O17 6OU M . -22.39 17.03 2.64
O18 6OU M . -22.13 18.06 0.68
C19 6OU M . -21.98 19.23 1.42
C20 6OU M . -20.89 20.11 0.81
C21 6OU M . -20.67 21.34 1.68
O22 6OU M . -20.54 20.91 2.99
P23 6OU M . -19.63 21.78 4.03
O24 6OU M . -19.86 21.28 5.43
O25 6OU M . -18.18 21.61 3.69
O26 6OU M . -20.09 23.36 3.91
C27 6OU M . -20.16 24.15 5.06
C28 6OU M . -20.37 25.61 4.67
N29 6OU M . -19.17 26.37 4.97
O30 6OU M . -21.14 20.45 -0.53
C31 6OU M . -22.44 20.80 -0.91
O32 6OU M . -23.09 21.54 -0.27
C33 6OU M . -23.01 20.20 -2.19
C34 6OU M . -24.42 19.65 -1.92
C35 6OU M . -24.74 18.56 -2.94
C36 6OU M . -26.01 17.82 -2.51
CBB 1Q0 N . -31.06 14.72 5.38
CBE 1Q0 N . -30.18 14.34 6.57
CBG 1Q0 N . -28.90 13.70 6.06
CBH 1Q0 N . -28.49 12.59 7.02
CBF 1Q0 N . -27.22 11.90 6.49
CBC 1Q0 N . -27.21 10.47 7.01
CAZ 1Q0 N . -25.78 9.91 6.97
CAU 1Q0 N . -25.68 8.85 8.07
CAP 1Q0 N . -24.44 8.00 7.86
CAJ 1Q0 N . -24.32 7.02 9.02
CAK 1Q0 N . -23.54 7.30 10.05
CBP 1Q0 N . -22.75 8.59 10.14
OAE 1Q0 N . -22.75 9.05 11.46
CBQ 1Q0 N . -21.30 8.35 9.70
CBL 1Q0 N . -20.35 9.18 10.55
OBN 1Q0 N . -20.10 8.51 11.74
PBR 1Q0 N . -18.99 9.16 12.77
OAF 1Q0 N . -17.98 8.09 13.11
OAG 1Q0 N . -19.66 9.67 14.01
OAD 1Q0 N . -18.31 10.31 12.08
NBM 1Q0 N . -21.09 8.71 8.30
CBO 1Q0 N . -21.44 9.98 7.69
OAC 1Q0 N . -21.98 10.85 8.29
CBK 1Q0 N . -21.13 10.20 6.21
CBJ 1Q0 N . -22.40 10.15 5.38
CBI 1Q0 N . -22.27 11.24 4.33
CBD 1Q0 N . -22.74 10.71 2.98
CAY 1Q0 N . -21.54 10.60 2.04
CAT 1Q0 N . -22.07 10.42 0.62
CAO 1Q0 N . -21.02 9.72 -0.24
CAI 1Q0 N . -21.73 8.67 -1.10
CAH 1Q0 N . -21.79 8.82 -2.41
C1 NAG O . 14.93 -47.16 39.77
C2 NAG O . 14.59 -47.13 41.26
C3 NAG O . 15.81 -46.72 42.07
C4 NAG O . 17.01 -47.61 41.73
C5 NAG O . 17.24 -47.57 40.23
C6 NAG O . 18.36 -48.48 39.78
C7 NAG O . 12.24 -46.66 41.72
C8 NAG O . 11.21 -45.60 41.98
N2 NAG O . 13.49 -46.23 41.52
O3 NAG O . 15.52 -46.84 43.45
O4 NAG O . 18.16 -47.15 42.41
O5 NAG O . 16.05 -48.00 39.55
O6 NAG O . 18.61 -49.51 40.73
O7 NAG O . 11.94 -47.85 41.69
C1 NAG P . 24.63 7.97 13.87
C2 NAG P . 25.78 8.17 12.88
C3 NAG P . 27.12 8.10 13.59
C4 NAG P . 27.16 9.05 14.78
C5 NAG P . 25.97 8.76 15.69
C6 NAG P . 25.86 9.73 16.86
C7 NAG P . 25.60 7.52 10.52
C8 NAG P . 25.56 6.37 9.55
N2 NAG P . 25.72 7.19 11.80
O3 NAG P . 28.15 8.45 12.67
O4 NAG P . 28.37 8.88 15.50
O5 NAG P . 24.75 8.89 14.94
O6 NAG P . 27.01 10.56 16.94
O7 NAG P . 25.55 8.69 10.15
C11 6OU Q . -14.83 -45.93 12.89
C12 6OU Q . -13.83 -46.88 13.53
C13 6OU Q . -12.42 -46.30 13.43
C14 6OU Q . -11.43 -47.42 13.09
C15 6OU Q . -10.08 -47.10 13.71
C16 6OU Q . -9.29 -48.40 13.81
O17 6OU Q . -8.84 -48.90 12.85
O18 6OU Q . -9.11 -49.02 15.04
C19 6OU Q . -8.33 -50.18 14.97
C20 6OU Q . -8.05 -50.64 16.39
C21 6OU Q . -6.63 -51.19 16.50
O22 6OU Q . -5.78 -50.09 16.47
P23 6OU Q . -4.15 -50.31 16.52
O24 6OU Q . -3.72 -50.65 17.92
O25 6OU Q . -3.49 -49.04 16.08
O26 6OU Q . -3.74 -51.55 15.51
C27 6OU Q . -2.80 -52.47 15.97
C28 6OU Q . -3.35 -53.88 15.79
N29 6OU Q . -2.27 -54.83 15.94
O30 6OU Q . -9.00 -51.57 16.83
C31 6OU Q . -9.47 -52.54 15.95
O32 6OU Q . -8.72 -53.20 15.30
C33 6OU Q . -10.97 -52.76 15.83
C34 6OU Q . -11.48 -52.17 14.52
C35 6OU Q . -12.98 -51.89 14.65
C36 6OU Q . -13.36 -50.78 13.67
CBB 1Q0 R . -8.88 -49.38 4.39
CBE 1Q0 R . -8.44 -47.95 4.05
CBG 1Q0 R . -8.96 -46.99 5.13
CBH 1Q0 R . -8.26 -45.64 5.01
CBF 1Q0 R . -8.67 -44.75 6.17
CBC 1Q0 R . -8.14 -43.33 5.99
CAZ 1Q0 R . -9.12 -42.34 6.59
CAU 1Q0 R . -8.86 -40.95 6.01
CAP 1Q0 R . -8.62 -39.97 7.14
CAJ 1Q0 R . -8.24 -38.60 6.59
CAK 1Q0 R . -7.03 -38.11 6.83
CBP 1Q0 R . -5.99 -38.90 7.62
OAE 1Q0 R . -4.75 -38.76 6.98
CBQ 1Q0 R . -5.83 -38.35 9.03
CBL 1Q0 R . -4.37 -38.47 9.46
OBN 1Q0 R . -3.59 -37.54 8.76
PBR 1Q0 R . -2.33 -36.81 9.54
OAF 1Q0 R . -2.53 -35.32 9.52
OAG 1Q0 R . -1.03 -37.16 8.84
OAD 1Q0 R . -2.25 -37.27 10.96
NBM 1Q0 R . -6.67 -38.96 10.07
CBO 1Q0 R . -7.14 -40.34 10.19
OAC 1Q0 R . -6.86 -41.18 9.41
CBK 1Q0 R . -8.00 -40.70 11.40
CBJ 1Q0 R . -9.41 -41.13 11.00
CBI 1Q0 R . -9.84 -42.27 11.90
CBD 1Q0 R . -11.29 -42.69 11.64
CAY 1Q0 R . -12.23 -41.61 12.15
CAT 1Q0 R . -13.33 -42.21 13.03
CAO 1Q0 R . -14.62 -41.41 12.86
CAI 1Q0 R . -15.44 -41.47 14.15
CAH 1Q0 R . -16.71 -41.80 14.11
#